data_6EPJ
# 
_entry.id   6EPJ 
# 
_audit_conform.dict_name       mmcif_pdbx.dic 
_audit_conform.dict_version    5.391 
_audit_conform.dict_location   http://mmcif.pdb.org/dictionaries/ascii/mmcif_pdbx.dic 
# 
loop_
_database_2.database_id 
_database_2.database_code 
_database_2.pdbx_database_accession 
_database_2.pdbx_DOI 
PDB   6EPJ         pdb_00006epj 10.2210/pdb6epj/pdb 
WWPDB D_1200006965 ?            ?                   
# 
loop_
_pdbx_audit_revision_history.ordinal 
_pdbx_audit_revision_history.data_content_type 
_pdbx_audit_revision_history.major_revision 
_pdbx_audit_revision_history.minor_revision 
_pdbx_audit_revision_history.revision_date 
1 'Structure model' 1 0 2018-10-31 
2 'Structure model' 1 1 2020-11-04 
3 'Structure model' 1 2 2024-05-08 
# 
_pdbx_audit_revision_details.ordinal             1 
_pdbx_audit_revision_details.revision_ordinal    1 
_pdbx_audit_revision_details.data_content_type   'Structure model' 
_pdbx_audit_revision_details.provider            repository 
_pdbx_audit_revision_details.type                'Initial release' 
_pdbx_audit_revision_details.description         ? 
_pdbx_audit_revision_details.details             ? 
# 
loop_
_pdbx_audit_revision_group.ordinal 
_pdbx_audit_revision_group.revision_ordinal 
_pdbx_audit_revision_group.data_content_type 
_pdbx_audit_revision_group.group 
1 2 'Structure model' 'Database references' 
2 3 'Structure model' 'Data collection'     
3 3 'Structure model' 'Database references' 
# 
loop_
_pdbx_audit_revision_category.ordinal 
_pdbx_audit_revision_category.revision_ordinal 
_pdbx_audit_revision_category.data_content_type 
_pdbx_audit_revision_category.category 
1 2 'Structure model' citation        
2 2 'Structure model' citation_author 
3 3 'Structure model' chem_comp_atom  
4 3 'Structure model' chem_comp_bond  
5 3 'Structure model' database_2      
# 
loop_
_pdbx_audit_revision_item.ordinal 
_pdbx_audit_revision_item.revision_ordinal 
_pdbx_audit_revision_item.data_content_type 
_pdbx_audit_revision_item.item 
1  2 'Structure model' '_citation.country'                   
2  2 'Structure model' '_citation.journal_abbrev'            
3  2 'Structure model' '_citation.journal_id_CSD'            
4  2 'Structure model' '_citation.journal_id_ISSN'           
5  2 'Structure model' '_citation.journal_volume'            
6  2 'Structure model' '_citation.page_first'                
7  2 'Structure model' '_citation.page_last'                 
8  2 'Structure model' '_citation.pdbx_database_id_DOI'      
9  2 'Structure model' '_citation.pdbx_database_id_PubMed'   
10 2 'Structure model' '_citation.title'                     
11 2 'Structure model' '_citation.year'                      
12 3 'Structure model' '_database_2.pdbx_DOI'                
13 3 'Structure model' '_database_2.pdbx_database_accession' 
# 
_pdbx_database_status.status_code                     REL 
_pdbx_database_status.status_code_sf                  REL 
_pdbx_database_status.status_code_mr                  ? 
_pdbx_database_status.entry_id                        6EPJ 
_pdbx_database_status.recvd_initial_deposition_date   2017-10-11 
_pdbx_database_status.SG_entry                        N 
_pdbx_database_status.deposit_site                    PDBE 
_pdbx_database_status.process_site                    PDBE 
_pdbx_database_status.status_code_cs                  ? 
_pdbx_database_status.methods_development_category    ? 
_pdbx_database_status.pdb_format_compatible           Y 
_pdbx_database_status.status_code_nmr_data            ? 
# 
loop_
_audit_author.name 
_audit_author.pdbx_ordinal 
_audit_author.identifier_ORCID 
'Sledz, P.'    1 ? 
'Caflisch, A.' 2 ? 
# 
_citation.abstract                  ? 
_citation.abstract_id_CAS           ? 
_citation.book_id_ISBN              ? 
_citation.book_publisher            ? 
_citation.book_publisher_city       ? 
_citation.book_title                ? 
_citation.coordinate_linkage        ? 
_citation.country                   US 
_citation.database_id_Medline       ? 
_citation.details                   ? 
_citation.id                        primary 
_citation.journal_abbrev            'Acs Med.Chem.Lett.' 
_citation.journal_id_ASTM           ? 
_citation.journal_id_CSD            ? 
_citation.journal_id_ISSN           1948-5875 
_citation.journal_full              ? 
_citation.journal_issue             ? 
_citation.journal_volume            11 
_citation.language                  ? 
_citation.page_first                1573 
_citation.page_last                 1580 
_citation.title                     'Hitting a Moving Target: Simulation and Crystallography Study of ATAD2 Bromodomain Blockers.' 
_citation.year                      2020 
_citation.database_id_CSD           ? 
_citation.pdbx_database_id_DOI      10.1021/acsmedchemlett.0c00080 
_citation.pdbx_database_id_PubMed   32832026 
_citation.unpublished_flag          ? 
# 
loop_
_citation_author.citation_id 
_citation_author.name 
_citation_author.ordinal 
_citation_author.identifier_ORCID 
primary 'Dolbois, A.'        1  ? 
primary 'Batiste, L.'        2  ? 
primary 'Wiedmer, L.'        3  ? 
primary 'Dong, J.'           4  ? 
primary 'Brutsch, M.'        5  ? 
primary 'Huang, D.'          6  ? 
primary 'Deerain, N.M.'      7  ? 
primary 'Spiliotopoulos, D.' 8  ? 
primary 'Cheng-Sanchez, I.'  9  ? 
primary 'Laul, E.'           10 ? 
primary 'Nevado, C.'         11 ? 
primary 'Sledz, P.'          12 ? 
primary 'Caflisch, A.'       13 ? 
# 
loop_
_entity.id 
_entity.type 
_entity.src_method 
_entity.pdbx_description 
_entity.formula_weight 
_entity.pdbx_number_of_molecules 
_entity.pdbx_ec 
_entity.pdbx_mutation 
_entity.pdbx_fragment 
_entity.details 
1 polymer     man 'ATPase family AAA domain-containing protein 2'                                      15453.514 1   3.6.1.3 ? ? ? 
2 non-polymer syn '(2~{R})-2-azanyl-~{N}-[4-ethanoyl-5-(3-hydroxyphenyl)-1,3-thiazol-2-yl]propanamide' 305.352   2   ?       ? ? ? 
3 non-polymer syn 'SULFATE ION'                                                                        96.063    1   ?       ? ? ? 
4 water       nat water                                                                                18.015    191 ?       ? ? ? 
# 
_entity_name_com.entity_id   1 
_entity_name_com.name        'AAA nuclear coregulator cancer-associated protein,ANCCA' 
# 
_entity_poly.entity_id                      1 
_entity_poly.type                           'polypeptide(L)' 
_entity_poly.nstd_linkage                   no 
_entity_poly.nstd_monomer                   no 
_entity_poly.pdbx_seq_one_letter_code       
;SMQEEDTFRELRIFLRNVTHRLAIDKRFRVFTKPVDPDEVPDYVTVIKQPMDLSSVISKIDLHKYLTVKDYLRDIDLICS
NALEYNPDRDPGDRLIRHRACALRDTAYAIIKEELDEDFEQLCEEIQESR
;
_entity_poly.pdbx_seq_one_letter_code_can   
;SMQEEDTFRELRIFLRNVTHRLAIDKRFRVFTKPVDPDEVPDYVTVIKQPMDLSSVISKIDLHKYLTVKDYLRDIDLICS
NALEYNPDRDPGDRLIRHRACALRDTAYAIIKEELDEDFEQLCEEIQESR
;
_entity_poly.pdbx_strand_id                 A 
_entity_poly.pdbx_target_identifier         ? 
# 
loop_
_pdbx_entity_nonpoly.entity_id 
_pdbx_entity_nonpoly.name 
_pdbx_entity_nonpoly.comp_id 
2 '(2~{R})-2-azanyl-~{N}-[4-ethanoyl-5-(3-hydroxyphenyl)-1,3-thiazol-2-yl]propanamide' BOH 
3 'SULFATE ION'                                                                        SO4 
4 water                                                                                HOH 
# 
loop_
_entity_poly_seq.entity_id 
_entity_poly_seq.num 
_entity_poly_seq.mon_id 
_entity_poly_seq.hetero 
1 1   SER n 
1 2   MET n 
1 3   GLN n 
1 4   GLU n 
1 5   GLU n 
1 6   ASP n 
1 7   THR n 
1 8   PHE n 
1 9   ARG n 
1 10  GLU n 
1 11  LEU n 
1 12  ARG n 
1 13  ILE n 
1 14  PHE n 
1 15  LEU n 
1 16  ARG n 
1 17  ASN n 
1 18  VAL n 
1 19  THR n 
1 20  HIS n 
1 21  ARG n 
1 22  LEU n 
1 23  ALA n 
1 24  ILE n 
1 25  ASP n 
1 26  LYS n 
1 27  ARG n 
1 28  PHE n 
1 29  ARG n 
1 30  VAL n 
1 31  PHE n 
1 32  THR n 
1 33  LYS n 
1 34  PRO n 
1 35  VAL n 
1 36  ASP n 
1 37  PRO n 
1 38  ASP n 
1 39  GLU n 
1 40  VAL n 
1 41  PRO n 
1 42  ASP n 
1 43  TYR n 
1 44  VAL n 
1 45  THR n 
1 46  VAL n 
1 47  ILE n 
1 48  LYS n 
1 49  GLN n 
1 50  PRO n 
1 51  MET n 
1 52  ASP n 
1 53  LEU n 
1 54  SER n 
1 55  SER n 
1 56  VAL n 
1 57  ILE n 
1 58  SER n 
1 59  LYS n 
1 60  ILE n 
1 61  ASP n 
1 62  LEU n 
1 63  HIS n 
1 64  LYS n 
1 65  TYR n 
1 66  LEU n 
1 67  THR n 
1 68  VAL n 
1 69  LYS n 
1 70  ASP n 
1 71  TYR n 
1 72  LEU n 
1 73  ARG n 
1 74  ASP n 
1 75  ILE n 
1 76  ASP n 
1 77  LEU n 
1 78  ILE n 
1 79  CYS n 
1 80  SER n 
1 81  ASN n 
1 82  ALA n 
1 83  LEU n 
1 84  GLU n 
1 85  TYR n 
1 86  ASN n 
1 87  PRO n 
1 88  ASP n 
1 89  ARG n 
1 90  ASP n 
1 91  PRO n 
1 92  GLY n 
1 93  ASP n 
1 94  ARG n 
1 95  LEU n 
1 96  ILE n 
1 97  ARG n 
1 98  HIS n 
1 99  ARG n 
1 100 ALA n 
1 101 CYS n 
1 102 ALA n 
1 103 LEU n 
1 104 ARG n 
1 105 ASP n 
1 106 THR n 
1 107 ALA n 
1 108 TYR n 
1 109 ALA n 
1 110 ILE n 
1 111 ILE n 
1 112 LYS n 
1 113 GLU n 
1 114 GLU n 
1 115 LEU n 
1 116 ASP n 
1 117 GLU n 
1 118 ASP n 
1 119 PHE n 
1 120 GLU n 
1 121 GLN n 
1 122 LEU n 
1 123 CYS n 
1 124 GLU n 
1 125 GLU n 
1 126 ILE n 
1 127 GLN n 
1 128 GLU n 
1 129 SER n 
1 130 ARG n 
# 
_entity_src_gen.entity_id                          1 
_entity_src_gen.pdbx_src_id                        1 
_entity_src_gen.pdbx_alt_source_flag               sample 
_entity_src_gen.pdbx_seq_type                      'Biological sequence' 
_entity_src_gen.pdbx_beg_seq_num                   1 
_entity_src_gen.pdbx_end_seq_num                   130 
_entity_src_gen.gene_src_common_name               Human 
_entity_src_gen.gene_src_genus                     ? 
_entity_src_gen.pdbx_gene_src_gene                 'ATAD2, L16, PRO2000' 
_entity_src_gen.gene_src_species                   ? 
_entity_src_gen.gene_src_strain                    ? 
_entity_src_gen.gene_src_tissue                    ? 
_entity_src_gen.gene_src_tissue_fraction           ? 
_entity_src_gen.gene_src_details                   ? 
_entity_src_gen.pdbx_gene_src_fragment             ? 
_entity_src_gen.pdbx_gene_src_scientific_name      'Homo sapiens' 
_entity_src_gen.pdbx_gene_src_ncbi_taxonomy_id     9606 
_entity_src_gen.pdbx_gene_src_variant              ? 
_entity_src_gen.pdbx_gene_src_cell_line            ? 
_entity_src_gen.pdbx_gene_src_atcc                 ? 
_entity_src_gen.pdbx_gene_src_organ                ? 
_entity_src_gen.pdbx_gene_src_organelle            ? 
_entity_src_gen.pdbx_gene_src_cell                 ? 
_entity_src_gen.pdbx_gene_src_cellular_location    ? 
_entity_src_gen.host_org_common_name               ? 
_entity_src_gen.pdbx_host_org_scientific_name      'Escherichia coli' 
_entity_src_gen.pdbx_host_org_ncbi_taxonomy_id     562 
_entity_src_gen.host_org_genus                     ? 
_entity_src_gen.pdbx_host_org_gene                 ? 
_entity_src_gen.pdbx_host_org_organ                ? 
_entity_src_gen.host_org_species                   ? 
_entity_src_gen.pdbx_host_org_tissue               ? 
_entity_src_gen.pdbx_host_org_tissue_fraction      ? 
_entity_src_gen.pdbx_host_org_strain               ? 
_entity_src_gen.pdbx_host_org_variant              ? 
_entity_src_gen.pdbx_host_org_cell_line            ? 
_entity_src_gen.pdbx_host_org_atcc                 ? 
_entity_src_gen.pdbx_host_org_culture_collection   ? 
_entity_src_gen.pdbx_host_org_cell                 ? 
_entity_src_gen.pdbx_host_org_organelle            ? 
_entity_src_gen.pdbx_host_org_cellular_location    ? 
_entity_src_gen.pdbx_host_org_vector_type          ? 
_entity_src_gen.pdbx_host_org_vector               ? 
_entity_src_gen.host_org_details                   ? 
_entity_src_gen.expression_system_id               ? 
_entity_src_gen.plasmid_name                       ? 
_entity_src_gen.plasmid_details                    ? 
_entity_src_gen.pdbx_description                   ? 
# 
loop_
_chem_comp.id 
_chem_comp.type 
_chem_comp.mon_nstd_flag 
_chem_comp.name 
_chem_comp.pdbx_synonyms 
_chem_comp.formula 
_chem_comp.formula_weight 
ALA 'L-peptide linking' y ALANINE                                                                              ? 'C3 H7 N O2'      
89.093  
ARG 'L-peptide linking' y ARGININE                                                                             ? 'C6 H15 N4 O2 1'  
175.209 
ASN 'L-peptide linking' y ASPARAGINE                                                                           ? 'C4 H8 N2 O3'     
132.118 
ASP 'L-peptide linking' y 'ASPARTIC ACID'                                                                      ? 'C4 H7 N O4'      
133.103 
BOH non-polymer         . '(2~{R})-2-azanyl-~{N}-[4-ethanoyl-5-(3-hydroxyphenyl)-1,3-thiazol-2-yl]propanamide' ? 'C14 H15 N3 O3 S' 
305.352 
CYS 'L-peptide linking' y CYSTEINE                                                                             ? 'C3 H7 N O2 S'    
121.158 
GLN 'L-peptide linking' y GLUTAMINE                                                                            ? 'C5 H10 N2 O3'    
146.144 
GLU 'L-peptide linking' y 'GLUTAMIC ACID'                                                                      ? 'C5 H9 N O4'      
147.129 
GLY 'peptide linking'   y GLYCINE                                                                              ? 'C2 H5 N O2'      
75.067  
HIS 'L-peptide linking' y HISTIDINE                                                                            ? 'C6 H10 N3 O2 1'  
156.162 
HOH non-polymer         . WATER                                                                                ? 'H2 O'            
18.015  
ILE 'L-peptide linking' y ISOLEUCINE                                                                           ? 'C6 H13 N O2'     
131.173 
LEU 'L-peptide linking' y LEUCINE                                                                              ? 'C6 H13 N O2'     
131.173 
LYS 'L-peptide linking' y LYSINE                                                                               ? 'C6 H15 N2 O2 1'  
147.195 
MET 'L-peptide linking' y METHIONINE                                                                           ? 'C5 H11 N O2 S'   
149.211 
PHE 'L-peptide linking' y PHENYLALANINE                                                                        ? 'C9 H11 N O2'     
165.189 
PRO 'L-peptide linking' y PROLINE                                                                              ? 'C5 H9 N O2'      
115.130 
SER 'L-peptide linking' y SERINE                                                                               ? 'C3 H7 N O3'      
105.093 
SO4 non-polymer         . 'SULFATE ION'                                                                        ? 'O4 S -2'         
96.063  
THR 'L-peptide linking' y THREONINE                                                                            ? 'C4 H9 N O3'      
119.119 
TYR 'L-peptide linking' y TYROSINE                                                                             ? 'C9 H11 N O3'     
181.189 
VAL 'L-peptide linking' y VALINE                                                                               ? 'C5 H11 N O2'     
117.146 
# 
loop_
_pdbx_poly_seq_scheme.asym_id 
_pdbx_poly_seq_scheme.entity_id 
_pdbx_poly_seq_scheme.seq_id 
_pdbx_poly_seq_scheme.mon_id 
_pdbx_poly_seq_scheme.ndb_seq_num 
_pdbx_poly_seq_scheme.pdb_seq_num 
_pdbx_poly_seq_scheme.auth_seq_num 
_pdbx_poly_seq_scheme.pdb_mon_id 
_pdbx_poly_seq_scheme.auth_mon_id 
_pdbx_poly_seq_scheme.pdb_strand_id 
_pdbx_poly_seq_scheme.pdb_ins_code 
_pdbx_poly_seq_scheme.hetero 
A 1 1   SER 1   979  979  SER SER A . n 
A 1 2   MET 2   980  980  MET MET A . n 
A 1 3   GLN 3   981  981  GLN GLN A . n 
A 1 4   GLU 4   982  982  GLU GLU A . n 
A 1 5   GLU 5   983  983  GLU GLU A . n 
A 1 6   ASP 6   984  984  ASP ASP A . n 
A 1 7   THR 7   985  985  THR THR A . n 
A 1 8   PHE 8   986  986  PHE PHE A . n 
A 1 9   ARG 9   987  987  ARG ARG A . n 
A 1 10  GLU 10  988  988  GLU GLU A . n 
A 1 11  LEU 11  989  989  LEU LEU A . n 
A 1 12  ARG 12  990  990  ARG ARG A . n 
A 1 13  ILE 13  991  991  ILE ILE A . n 
A 1 14  PHE 14  992  992  PHE PHE A . n 
A 1 15  LEU 15  993  993  LEU LEU A . n 
A 1 16  ARG 16  994  994  ARG ARG A . n 
A 1 17  ASN 17  995  995  ASN ASN A . n 
A 1 18  VAL 18  996  996  VAL VAL A . n 
A 1 19  THR 19  997  997  THR THR A . n 
A 1 20  HIS 20  998  998  HIS HIS A . n 
A 1 21  ARG 21  999  999  ARG ARG A . n 
A 1 22  LEU 22  1000 1000 LEU LEU A . n 
A 1 23  ALA 23  1001 1001 ALA ALA A . n 
A 1 24  ILE 24  1002 1002 ILE ILE A . n 
A 1 25  ASP 25  1003 1003 ASP ASP A . n 
A 1 26  LYS 26  1004 1004 LYS LYS A . n 
A 1 27  ARG 27  1005 1005 ARG ARG A . n 
A 1 28  PHE 28  1006 1006 PHE PHE A . n 
A 1 29  ARG 29  1007 1007 ARG ARG A . n 
A 1 30  VAL 30  1008 1008 VAL VAL A . n 
A 1 31  PHE 31  1009 1009 PHE PHE A . n 
A 1 32  THR 32  1010 1010 THR THR A . n 
A 1 33  LYS 33  1011 1011 LYS LYS A . n 
A 1 34  PRO 34  1012 1012 PRO PRO A . n 
A 1 35  VAL 35  1013 1013 VAL VAL A . n 
A 1 36  ASP 36  1014 1014 ASP ASP A . n 
A 1 37  PRO 37  1015 1015 PRO PRO A . n 
A 1 38  ASP 38  1016 1016 ASP ASP A . n 
A 1 39  GLU 39  1017 1017 GLU GLU A . n 
A 1 40  VAL 40  1018 1018 VAL VAL A . n 
A 1 41  PRO 41  1019 1019 PRO PRO A . n 
A 1 42  ASP 42  1020 1020 ASP ASP A . n 
A 1 43  TYR 43  1021 1021 TYR TYR A . n 
A 1 44  VAL 44  1022 1022 VAL VAL A . n 
A 1 45  THR 45  1023 1023 THR THR A . n 
A 1 46  VAL 46  1024 1024 VAL VAL A . n 
A 1 47  ILE 47  1025 1025 ILE ILE A . n 
A 1 48  LYS 48  1026 1026 LYS LYS A . n 
A 1 49  GLN 49  1027 1027 GLN GLN A . n 
A 1 50  PRO 50  1028 1028 PRO PRO A . n 
A 1 51  MET 51  1029 1029 MET MET A . n 
A 1 52  ASP 52  1030 1030 ASP ASP A . n 
A 1 53  LEU 53  1031 1031 LEU LEU A . n 
A 1 54  SER 54  1032 1032 SER SER A . n 
A 1 55  SER 55  1033 1033 SER SER A . n 
A 1 56  VAL 56  1034 1034 VAL VAL A . n 
A 1 57  ILE 57  1035 1035 ILE ILE A . n 
A 1 58  SER 58  1036 1036 SER SER A . n 
A 1 59  LYS 59  1037 1037 LYS LYS A . n 
A 1 60  ILE 60  1038 1038 ILE ILE A . n 
A 1 61  ASP 61  1039 1039 ASP ASP A . n 
A 1 62  LEU 62  1040 1040 LEU LEU A . n 
A 1 63  HIS 63  1041 1041 HIS HIS A . n 
A 1 64  LYS 64  1042 1042 LYS LYS A . n 
A 1 65  TYR 65  1043 1043 TYR TYR A . n 
A 1 66  LEU 66  1044 1044 LEU LEU A . n 
A 1 67  THR 67  1045 1045 THR THR A . n 
A 1 68  VAL 68  1046 1046 VAL VAL A . n 
A 1 69  LYS 69  1047 1047 LYS LYS A . n 
A 1 70  ASP 70  1048 1048 ASP ASP A . n 
A 1 71  TYR 71  1049 1049 TYR TYR A . n 
A 1 72  LEU 72  1050 1050 LEU LEU A . n 
A 1 73  ARG 73  1051 1051 ARG ARG A . n 
A 1 74  ASP 74  1052 1052 ASP ASP A . n 
A 1 75  ILE 75  1053 1053 ILE ILE A . n 
A 1 76  ASP 76  1054 1054 ASP ASP A . n 
A 1 77  LEU 77  1055 1055 LEU LEU A . n 
A 1 78  ILE 78  1056 1056 ILE ILE A . n 
A 1 79  CYS 79  1057 1057 CYS CYS A . n 
A 1 80  SER 80  1058 1058 SER SER A . n 
A 1 81  ASN 81  1059 1059 ASN ASN A . n 
A 1 82  ALA 82  1060 1060 ALA ALA A . n 
A 1 83  LEU 83  1061 1061 LEU LEU A . n 
A 1 84  GLU 84  1062 1062 GLU GLU A . n 
A 1 85  TYR 85  1063 1063 TYR TYR A . n 
A 1 86  ASN 86  1064 1064 ASN ASN A . n 
A 1 87  PRO 87  1065 1065 PRO PRO A . n 
A 1 88  ASP 88  1066 1066 ASP ASP A . n 
A 1 89  ARG 89  1067 1067 ARG ARG A . n 
A 1 90  ASP 90  1068 1068 ASP ASP A . n 
A 1 91  PRO 91  1069 1069 PRO PRO A . n 
A 1 92  GLY 92  1070 1070 GLY GLY A . n 
A 1 93  ASP 93  1071 1071 ASP ASP A . n 
A 1 94  ARG 94  1072 1072 ARG ARG A . n 
A 1 95  LEU 95  1073 1073 LEU LEU A . n 
A 1 96  ILE 96  1074 1074 ILE ILE A . n 
A 1 97  ARG 97  1075 1075 ARG ARG A . n 
A 1 98  HIS 98  1076 1076 HIS HIS A . n 
A 1 99  ARG 99  1077 1077 ARG ARG A . n 
A 1 100 ALA 100 1078 1078 ALA ALA A . n 
A 1 101 CYS 101 1079 1079 CYS CYS A . n 
A 1 102 ALA 102 1080 1080 ALA ALA A . n 
A 1 103 LEU 103 1081 1081 LEU LEU A . n 
A 1 104 ARG 104 1082 1082 ARG ARG A . n 
A 1 105 ASP 105 1083 1083 ASP ASP A . n 
A 1 106 THR 106 1084 1084 THR THR A . n 
A 1 107 ALA 107 1085 1085 ALA ALA A . n 
A 1 108 TYR 108 1086 1086 TYR TYR A . n 
A 1 109 ALA 109 1087 1087 ALA ALA A . n 
A 1 110 ILE 110 1088 1088 ILE ILE A . n 
A 1 111 ILE 111 1089 1089 ILE ILE A . n 
A 1 112 LYS 112 1090 1090 LYS LYS A . n 
A 1 113 GLU 113 1091 1091 GLU GLU A . n 
A 1 114 GLU 114 1092 1092 GLU GLU A . n 
A 1 115 LEU 115 1093 1093 LEU LEU A . n 
A 1 116 ASP 116 1094 1094 ASP ASP A . n 
A 1 117 GLU 117 1095 1095 GLU GLU A . n 
A 1 118 ASP 118 1096 1096 ASP ASP A . n 
A 1 119 PHE 119 1097 1097 PHE PHE A . n 
A 1 120 GLU 120 1098 1098 GLU GLU A . n 
A 1 121 GLN 121 1099 1099 GLN GLN A . n 
A 1 122 LEU 122 1100 1100 LEU LEU A . n 
A 1 123 CYS 123 1101 1101 CYS CYS A . n 
A 1 124 GLU 124 1102 1102 GLU GLU A . n 
A 1 125 GLU 125 1103 1103 GLU GLU A . n 
A 1 126 ILE 126 1104 1104 ILE ILE A . n 
A 1 127 GLN 127 1105 1105 GLN GLN A . n 
A 1 128 GLU 128 1106 1106 GLU GLU A . n 
A 1 129 SER 129 1107 1107 SER SER A . n 
A 1 130 ARG 130 1108 1108 ARG ARG A . n 
# 
loop_
_pdbx_nonpoly_scheme.asym_id 
_pdbx_nonpoly_scheme.entity_id 
_pdbx_nonpoly_scheme.mon_id 
_pdbx_nonpoly_scheme.ndb_seq_num 
_pdbx_nonpoly_scheme.pdb_seq_num 
_pdbx_nonpoly_scheme.auth_seq_num 
_pdbx_nonpoly_scheme.pdb_mon_id 
_pdbx_nonpoly_scheme.auth_mon_id 
_pdbx_nonpoly_scheme.pdb_strand_id 
_pdbx_nonpoly_scheme.pdb_ins_code 
B 2 BOH 1   1201 1   BOH DRG A . 
C 2 BOH 1   1202 2   BOH DRG A . 
D 3 SO4 1   1203 1   SO4 SO4 A . 
E 4 HOH 1   1301 107 HOH HOH A . 
E 4 HOH 2   1302 81  HOH HOH A . 
E 4 HOH 3   1303 94  HOH HOH A . 
E 4 HOH 4   1304 95  HOH HOH A . 
E 4 HOH 5   1305 101 HOH HOH A . 
E 4 HOH 6   1306 24  HOH HOH A . 
E 4 HOH 7   1307 111 HOH HOH A . 
E 4 HOH 8   1308 96  HOH HOH A . 
E 4 HOH 9   1309 131 HOH HOH A . 
E 4 HOH 10  1310 179 HOH HOH A . 
E 4 HOH 11  1311 36  HOH HOH A . 
E 4 HOH 12  1312 38  HOH HOH A . 
E 4 HOH 13  1313 156 HOH HOH A . 
E 4 HOH 14  1314 29  HOH HOH A . 
E 4 HOH 15  1315 27  HOH HOH A . 
E 4 HOH 16  1316 80  HOH HOH A . 
E 4 HOH 17  1317 121 HOH HOH A . 
E 4 HOH 18  1318 23  HOH HOH A . 
E 4 HOH 19  1319 89  HOH HOH A . 
E 4 HOH 20  1320 139 HOH HOH A . 
E 4 HOH 21  1321 123 HOH HOH A . 
E 4 HOH 22  1322 132 HOH HOH A . 
E 4 HOH 23  1323 148 HOH HOH A . 
E 4 HOH 24  1324 157 HOH HOH A . 
E 4 HOH 25  1325 14  HOH HOH A . 
E 4 HOH 26  1326 25  HOH HOH A . 
E 4 HOH 27  1327 46  HOH HOH A . 
E 4 HOH 28  1328 32  HOH HOH A . 
E 4 HOH 29  1329 37  HOH HOH A . 
E 4 HOH 30  1330 70  HOH HOH A . 
E 4 HOH 31  1331 21  HOH HOH A . 
E 4 HOH 32  1332 78  HOH HOH A . 
E 4 HOH 33  1333 104 HOH HOH A . 
E 4 HOH 34  1334 152 HOH HOH A . 
E 4 HOH 35  1335 140 HOH HOH A . 
E 4 HOH 36  1336 126 HOH HOH A . 
E 4 HOH 37  1337 90  HOH HOH A . 
E 4 HOH 38  1338 85  HOH HOH A . 
E 4 HOH 39  1339 134 HOH HOH A . 
E 4 HOH 40  1340 160 HOH HOH A . 
E 4 HOH 41  1341 103 HOH HOH A . 
E 4 HOH 42  1342 115 HOH HOH A . 
E 4 HOH 43  1343 7   HOH HOH A . 
E 4 HOH 44  1344 108 HOH HOH A . 
E 4 HOH 45  1345 10  HOH HOH A . 
E 4 HOH 46  1346 20  HOH HOH A . 
E 4 HOH 47  1347 5   HOH HOH A . 
E 4 HOH 48  1348 50  HOH HOH A . 
E 4 HOH 49  1349 71  HOH HOH A . 
E 4 HOH 50  1350 52  HOH HOH A . 
E 4 HOH 51  1351 22  HOH HOH A . 
E 4 HOH 52  1352 127 HOH HOH A . 
E 4 HOH 53  1353 109 HOH HOH A . 
E 4 HOH 54  1354 154 HOH HOH A . 
E 4 HOH 55  1355 26  HOH HOH A . 
E 4 HOH 56  1356 86  HOH HOH A . 
E 4 HOH 57  1357 1   HOH HOH A . 
E 4 HOH 58  1358 18  HOH HOH A . 
E 4 HOH 59  1359 77  HOH HOH A . 
E 4 HOH 60  1360 87  HOH HOH A . 
E 4 HOH 61  1361 178 HOH HOH A . 
E 4 HOH 62  1362 138 HOH HOH A . 
E 4 HOH 63  1363 13  HOH HOH A . 
E 4 HOH 64  1364 153 HOH HOH A . 
E 4 HOH 65  1365 120 HOH HOH A . 
E 4 HOH 66  1366 61  HOH HOH A . 
E 4 HOH 67  1367 125 HOH HOH A . 
E 4 HOH 68  1368 177 HOH HOH A . 
E 4 HOH 69  1369 191 HOH HOH A . 
E 4 HOH 70  1370 93  HOH HOH A . 
E 4 HOH 71  1371 55  HOH HOH A . 
E 4 HOH 72  1372 102 HOH HOH A . 
E 4 HOH 73  1373 11  HOH HOH A . 
E 4 HOH 74  1374 16  HOH HOH A . 
E 4 HOH 75  1375 122 HOH HOH A . 
E 4 HOH 76  1376 135 HOH HOH A . 
E 4 HOH 77  1377 34  HOH HOH A . 
E 4 HOH 78  1378 130 HOH HOH A . 
E 4 HOH 79  1379 59  HOH HOH A . 
E 4 HOH 80  1380 12  HOH HOH A . 
E 4 HOH 81  1381 97  HOH HOH A . 
E 4 HOH 82  1382 146 HOH HOH A . 
E 4 HOH 83  1383 143 HOH HOH A . 
E 4 HOH 84  1384 54  HOH HOH A . 
E 4 HOH 85  1385 176 HOH HOH A . 
E 4 HOH 86  1386 149 HOH HOH A . 
E 4 HOH 87  1387 75  HOH HOH A . 
E 4 HOH 88  1388 17  HOH HOH A . 
E 4 HOH 89  1389 44  HOH HOH A . 
E 4 HOH 90  1390 88  HOH HOH A . 
E 4 HOH 91  1391 182 HOH HOH A . 
E 4 HOH 92  1392 76  HOH HOH A . 
E 4 HOH 93  1393 136 HOH HOH A . 
E 4 HOH 94  1394 40  HOH HOH A . 
E 4 HOH 95  1395 9   HOH HOH A . 
E 4 HOH 96  1396 42  HOH HOH A . 
E 4 HOH 97  1397 57  HOH HOH A . 
E 4 HOH 98  1398 51  HOH HOH A . 
E 4 HOH 99  1399 129 HOH HOH A . 
E 4 HOH 100 1400 31  HOH HOH A . 
E 4 HOH 101 1401 39  HOH HOH A . 
E 4 HOH 102 1402 43  HOH HOH A . 
E 4 HOH 103 1403 98  HOH HOH A . 
E 4 HOH 104 1404 84  HOH HOH A . 
E 4 HOH 105 1405 175 HOH HOH A . 
E 4 HOH 106 1406 41  HOH HOH A . 
E 4 HOH 107 1407 147 HOH HOH A . 
E 4 HOH 108 1408 117 HOH HOH A . 
E 4 HOH 109 1409 19  HOH HOH A . 
E 4 HOH 110 1410 141 HOH HOH A . 
E 4 HOH 111 1411 2   HOH HOH A . 
E 4 HOH 112 1412 172 HOH HOH A . 
E 4 HOH 113 1413 4   HOH HOH A . 
E 4 HOH 114 1414 6   HOH HOH A . 
E 4 HOH 115 1415 28  HOH HOH A . 
E 4 HOH 116 1416 142 HOH HOH A . 
E 4 HOH 117 1417 3   HOH HOH A . 
E 4 HOH 118 1418 137 HOH HOH A . 
E 4 HOH 119 1419 15  HOH HOH A . 
E 4 HOH 120 1420 8   HOH HOH A . 
E 4 HOH 121 1421 73  HOH HOH A . 
E 4 HOH 122 1422 47  HOH HOH A . 
E 4 HOH 123 1423 124 HOH HOH A . 
E 4 HOH 124 1424 159 HOH HOH A . 
E 4 HOH 125 1425 91  HOH HOH A . 
E 4 HOH 126 1426 72  HOH HOH A . 
E 4 HOH 127 1427 174 HOH HOH A . 
E 4 HOH 128 1428 170 HOH HOH A . 
E 4 HOH 129 1429 112 HOH HOH A . 
E 4 HOH 130 1430 181 HOH HOH A . 
E 4 HOH 131 1431 79  HOH HOH A . 
E 4 HOH 132 1432 62  HOH HOH A . 
E 4 HOH 133 1433 145 HOH HOH A . 
E 4 HOH 134 1434 180 HOH HOH A . 
E 4 HOH 135 1435 48  HOH HOH A . 
E 4 HOH 136 1436 82  HOH HOH A . 
E 4 HOH 137 1437 158 HOH HOH A . 
E 4 HOH 138 1438 30  HOH HOH A . 
E 4 HOH 139 1439 161 HOH HOH A . 
E 4 HOH 140 1440 113 HOH HOH A . 
E 4 HOH 141 1441 116 HOH HOH A . 
E 4 HOH 142 1442 69  HOH HOH A . 
E 4 HOH 143 1443 155 HOH HOH A . 
E 4 HOH 144 1444 183 HOH HOH A . 
E 4 HOH 145 1445 83  HOH HOH A . 
E 4 HOH 146 1446 106 HOH HOH A . 
E 4 HOH 147 1447 186 HOH HOH A . 
E 4 HOH 148 1448 150 HOH HOH A . 
E 4 HOH 149 1449 119 HOH HOH A . 
E 4 HOH 150 1450 66  HOH HOH A . 
E 4 HOH 151 1451 193 HOH HOH A . 
E 4 HOH 152 1452 74  HOH HOH A . 
E 4 HOH 153 1453 35  HOH HOH A . 
E 4 HOH 154 1454 190 HOH HOH A . 
E 4 HOH 155 1455 33  HOH HOH A . 
E 4 HOH 156 1456 105 HOH HOH A . 
E 4 HOH 157 1457 169 HOH HOH A . 
E 4 HOH 158 1458 192 HOH HOH A . 
E 4 HOH 159 1459 167 HOH HOH A . 
E 4 HOH 160 1460 189 HOH HOH A . 
E 4 HOH 161 1461 118 HOH HOH A . 
E 4 HOH 162 1462 164 HOH HOH A . 
E 4 HOH 163 1463 162 HOH HOH A . 
E 4 HOH 164 1464 166 HOH HOH A . 
E 4 HOH 165 1465 173 HOH HOH A . 
E 4 HOH 166 1466 187 HOH HOH A . 
E 4 HOH 167 1467 133 HOH HOH A . 
E 4 HOH 168 1468 64  HOH HOH A . 
E 4 HOH 169 1469 67  HOH HOH A . 
E 4 HOH 170 1470 110 HOH HOH A . 
E 4 HOH 171 1471 163 HOH HOH A . 
E 4 HOH 172 1472 63  HOH HOH A . 
E 4 HOH 173 1473 45  HOH HOH A . 
E 4 HOH 174 1474 171 HOH HOH A . 
E 4 HOH 175 1475 99  HOH HOH A . 
E 4 HOH 176 1476 188 HOH HOH A . 
E 4 HOH 177 1477 65  HOH HOH A . 
E 4 HOH 178 1478 60  HOH HOH A . 
E 4 HOH 179 1479 151 HOH HOH A . 
E 4 HOH 180 1480 68  HOH HOH A . 
E 4 HOH 181 1481 92  HOH HOH A . 
E 4 HOH 182 1482 165 HOH HOH A . 
E 4 HOH 183 1483 100 HOH HOH A . 
E 4 HOH 184 1484 58  HOH HOH A . 
E 4 HOH 185 1485 53  HOH HOH A . 
E 4 HOH 186 1486 114 HOH HOH A . 
E 4 HOH 187 1487 168 HOH HOH A . 
E 4 HOH 188 1488 128 HOH HOH A . 
E 4 HOH 189 1489 144 HOH HOH A . 
E 4 HOH 190 1490 184 HOH HOH A . 
E 4 HOH 191 1491 185 HOH HOH A . 
# 
loop_
_pdbx_unobs_or_zero_occ_atoms.id 
_pdbx_unobs_or_zero_occ_atoms.PDB_model_num 
_pdbx_unobs_or_zero_occ_atoms.polymer_flag 
_pdbx_unobs_or_zero_occ_atoms.occupancy_flag 
_pdbx_unobs_or_zero_occ_atoms.auth_asym_id 
_pdbx_unobs_or_zero_occ_atoms.auth_comp_id 
_pdbx_unobs_or_zero_occ_atoms.auth_seq_id 
_pdbx_unobs_or_zero_occ_atoms.PDB_ins_code 
_pdbx_unobs_or_zero_occ_atoms.auth_atom_id 
_pdbx_unobs_or_zero_occ_atoms.label_alt_id 
_pdbx_unobs_or_zero_occ_atoms.label_asym_id 
_pdbx_unobs_or_zero_occ_atoms.label_comp_id 
_pdbx_unobs_or_zero_occ_atoms.label_seq_id 
_pdbx_unobs_or_zero_occ_atoms.label_atom_id 
1  1 Y 1 A MET 980  ? CG ? A MET 2  CG 
2  1 Y 1 A MET 980  ? SD ? A MET 2  SD 
3  1 Y 1 A MET 980  ? CE ? A MET 2  CE 
4  1 Y 1 A LYS 1004 ? CD ? A LYS 26 CD 
5  1 Y 1 A LYS 1004 ? CE ? A LYS 26 CE 
6  1 Y 1 A LYS 1004 ? NZ ? A LYS 26 NZ 
7  1 Y 1 A LYS 1011 ? CE ? A LYS 33 CE 
8  1 Y 1 A LYS 1011 ? NZ ? A LYS 33 NZ 
9  1 Y 1 A LYS 1047 ? CE ? A LYS 69 CE 
10 1 Y 1 A LYS 1047 ? NZ ? A LYS 69 NZ 
# 
loop_
_software.citation_id 
_software.classification 
_software.compiler_name 
_software.compiler_version 
_software.contact_author 
_software.contact_author_email 
_software.date 
_software.description 
_software.dependencies 
_software.hardware 
_software.language 
_software.location 
_software.mods 
_software.name 
_software.os 
_software.os_version 
_software.type 
_software.version 
_software.pdbx_ordinal 
? refinement       ? ? ? ? ? ? ? ? ? ? ? PHENIX ? ? ? '(1.12_2829: ???)' 1 
? 'data reduction' ? ? ? ? ? ? ? ? ? ? ? XDS    ? ? ? .                  2 
? phasing          ? ? ? ? ? ? ? ? ? ? ? PHASER ? ? ? .                  3 
# 
_cell.angle_alpha                  90.00 
_cell.angle_alpha_esd              ? 
_cell.angle_beta                   90.00 
_cell.angle_beta_esd               ? 
_cell.angle_gamma                  120.00 
_cell.angle_gamma_esd              ? 
_cell.entry_id                     6EPJ 
_cell.details                      ? 
_cell.formula_units_Z              ? 
_cell.length_a                     80.191 
_cell.length_a_esd                 ? 
_cell.length_b                     80.191 
_cell.length_b_esd                 ? 
_cell.length_c                     137.444 
_cell.length_c_esd                 ? 
_cell.volume                       ? 
_cell.volume_esd                   ? 
_cell.Z_PDB                        12 
_cell.reciprocal_angle_alpha       ? 
_cell.reciprocal_angle_beta        ? 
_cell.reciprocal_angle_gamma       ? 
_cell.reciprocal_angle_alpha_esd   ? 
_cell.reciprocal_angle_beta_esd    ? 
_cell.reciprocal_angle_gamma_esd   ? 
_cell.reciprocal_length_a          ? 
_cell.reciprocal_length_b          ? 
_cell.reciprocal_length_c          ? 
_cell.reciprocal_length_a_esd      ? 
_cell.reciprocal_length_b_esd      ? 
_cell.reciprocal_length_c_esd      ? 
_cell.pdbx_unique_axis             ? 
# 
_symmetry.entry_id                         6EPJ 
_symmetry.cell_setting                     ? 
_symmetry.Int_Tables_number                179 
_symmetry.space_group_name_Hall            ? 
_symmetry.space_group_name_H-M             'P 65 2 2' 
_symmetry.pdbx_full_space_group_name_H-M   ? 
# 
_exptl.absorpt_coefficient_mu     ? 
_exptl.absorpt_correction_T_max   ? 
_exptl.absorpt_correction_T_min   ? 
_exptl.absorpt_correction_type    ? 
_exptl.absorpt_process_details    ? 
_exptl.entry_id                   6EPJ 
_exptl.crystals_number            1 
_exptl.details                    ? 
_exptl.method                     'X-RAY DIFFRACTION' 
_exptl.method_details             ? 
# 
_exptl_crystal.colour                      ? 
_exptl_crystal.density_diffrn              ? 
_exptl_crystal.density_Matthews            ? 
_exptl_crystal.density_method              ? 
_exptl_crystal.density_percent_sol         ? 
_exptl_crystal.description                 ? 
_exptl_crystal.F_000                       ? 
_exptl_crystal.id                          1 
_exptl_crystal.preparation                 ? 
_exptl_crystal.size_max                    ? 
_exptl_crystal.size_mid                    ? 
_exptl_crystal.size_min                    ? 
_exptl_crystal.size_rad                    ? 
_exptl_crystal.colour_lustre               ? 
_exptl_crystal.colour_modifier             ? 
_exptl_crystal.colour_primary              ? 
_exptl_crystal.density_meas                ? 
_exptl_crystal.density_meas_esd            ? 
_exptl_crystal.density_meas_gt             ? 
_exptl_crystal.density_meas_lt             ? 
_exptl_crystal.density_meas_temp           ? 
_exptl_crystal.density_meas_temp_esd       ? 
_exptl_crystal.density_meas_temp_gt        ? 
_exptl_crystal.density_meas_temp_lt        ? 
_exptl_crystal.pdbx_crystal_image_url      ? 
_exptl_crystal.pdbx_crystal_image_format   ? 
_exptl_crystal.pdbx_mosaicity              ? 
_exptl_crystal.pdbx_mosaicity_esd          ? 
# 
_exptl_crystal_grow.apparatus       ? 
_exptl_crystal_grow.atmosphere      ? 
_exptl_crystal_grow.crystal_id      1 
_exptl_crystal_grow.details         ? 
_exptl_crystal_grow.method          'VAPOR DIFFUSION, HANGING DROP' 
_exptl_crystal_grow.method_ref      ? 
_exptl_crystal_grow.pH              5.5 
_exptl_crystal_grow.pressure        ? 
_exptl_crystal_grow.pressure_esd    ? 
_exptl_crystal_grow.seeding         ? 
_exptl_crystal_grow.seeding_ref     ? 
_exptl_crystal_grow.temp            277 
_exptl_crystal_grow.temp_details    ? 
_exptl_crystal_grow.temp_esd        ? 
_exptl_crystal_grow.time            ? 
_exptl_crystal_grow.pdbx_details    
;2.0 M ammonium sulfate 
0.1 M Bis-tris pH 5.5
;
_exptl_crystal_grow.pdbx_pH_range   ? 
# 
_diffrn.ambient_environment    ? 
_diffrn.ambient_temp           100 
_diffrn.ambient_temp_details   ? 
_diffrn.ambient_temp_esd       ? 
_diffrn.crystal_id             1 
_diffrn.crystal_support        ? 
_diffrn.crystal_treatment      ? 
_diffrn.details                ? 
_diffrn.id                     1 
_diffrn.ambient_pressure       ? 
_diffrn.ambient_pressure_esd   ? 
_diffrn.ambient_pressure_gt    ? 
_diffrn.ambient_pressure_lt    ? 
_diffrn.ambient_temp_gt        ? 
_diffrn.ambient_temp_lt        ? 
# 
_diffrn_detector.details                      ? 
_diffrn_detector.detector                     PIXEL 
_diffrn_detector.diffrn_id                    1 
_diffrn_detector.type                         'DECTRIS EIGER X 16M' 
_diffrn_detector.area_resol_mean              ? 
_diffrn_detector.dtime                        ? 
_diffrn_detector.pdbx_frames_total            ? 
_diffrn_detector.pdbx_collection_time_total   ? 
_diffrn_detector.pdbx_collection_date         2016-11-14 
# 
_diffrn_radiation.collimation                      ? 
_diffrn_radiation.diffrn_id                        1 
_diffrn_radiation.filter_edge                      ? 
_diffrn_radiation.inhomogeneity                    ? 
_diffrn_radiation.monochromator                    ? 
_diffrn_radiation.polarisn_norm                    ? 
_diffrn_radiation.polarisn_ratio                   ? 
_diffrn_radiation.probe                            ? 
_diffrn_radiation.type                             ? 
_diffrn_radiation.xray_symbol                      ? 
_diffrn_radiation.wavelength_id                    1 
_diffrn_radiation.pdbx_monochromatic_or_laue_m_l   M 
_diffrn_radiation.pdbx_wavelength_list             ? 
_diffrn_radiation.pdbx_wavelength                  ? 
_diffrn_radiation.pdbx_diffrn_protocol             'SINGLE WAVELENGTH' 
_diffrn_radiation.pdbx_analyzer                    ? 
_diffrn_radiation.pdbx_scattering_type             x-ray 
# 
_diffrn_radiation_wavelength.id           1 
_diffrn_radiation_wavelength.wavelength   0.999870 
_diffrn_radiation_wavelength.wt           1.0 
# 
_diffrn_source.current                     ? 
_diffrn_source.details                     ? 
_diffrn_source.diffrn_id                   1 
_diffrn_source.power                       ? 
_diffrn_source.size                        ? 
_diffrn_source.source                      SYNCHROTRON 
_diffrn_source.target                      ? 
_diffrn_source.type                        'SLS BEAMLINE X06SA' 
_diffrn_source.voltage                     ? 
_diffrn_source.take-off_angle              ? 
_diffrn_source.pdbx_wavelength_list        0.999870 
_diffrn_source.pdbx_wavelength             ? 
_diffrn_source.pdbx_synchrotron_beamline   X06SA 
_diffrn_source.pdbx_synchrotron_site       SLS 
# 
_reflns.B_iso_Wilson_estimate            ? 
_reflns.entry_id                         6EPJ 
_reflns.data_reduction_details           ? 
_reflns.data_reduction_method            ? 
_reflns.d_resolution_high                1.65 
_reflns.d_resolution_low                 40.096 
_reflns.details                          ? 
_reflns.limit_h_max                      ? 
_reflns.limit_h_min                      ? 
_reflns.limit_k_max                      ? 
_reflns.limit_k_min                      ? 
_reflns.limit_l_max                      ? 
_reflns.limit_l_min                      ? 
_reflns.number_all                       ? 
_reflns.number_obs                       59272 
_reflns.observed_criterion               ? 
_reflns.observed_criterion_F_max         ? 
_reflns.observed_criterion_F_min         ? 
_reflns.observed_criterion_I_max         ? 
_reflns.observed_criterion_I_min         ? 
_reflns.observed_criterion_sigma_F       ? 
_reflns.observed_criterion_sigma_I       ? 
_reflns.percent_possible_obs             99.7 
_reflns.R_free_details                   ? 
_reflns.Rmerge_F_all                     ? 
_reflns.Rmerge_F_obs                     ? 
_reflns.Friedel_coverage                 ? 
_reflns.number_gt                        ? 
_reflns.threshold_expression             ? 
_reflns.pdbx_redundancy                  10.4 
_reflns.pdbx_Rmerge_I_obs                ? 
_reflns.pdbx_Rmerge_I_all                ? 
_reflns.pdbx_Rsym_value                  ? 
_reflns.pdbx_netI_over_av_sigmaI         ? 
_reflns.pdbx_netI_over_sigmaI            24.89 
_reflns.pdbx_res_netI_over_av_sigmaI_2   ? 
_reflns.pdbx_res_netI_over_sigmaI_2      ? 
_reflns.pdbx_chi_squared                 ? 
_reflns.pdbx_scaling_rejects             ? 
_reflns.pdbx_d_res_high_opt              ? 
_reflns.pdbx_d_res_low_opt               ? 
_reflns.pdbx_d_res_opt_method            ? 
_reflns.phase_calculation_details        ? 
_reflns.pdbx_Rrim_I_all                  0.056 
_reflns.pdbx_Rpim_I_all                  ? 
_reflns.pdbx_d_opt                       ? 
_reflns.pdbx_number_measured_all         ? 
_reflns.pdbx_diffrn_id                   1 
_reflns.pdbx_ordinal                     1 
_reflns.pdbx_CC_half                     1 
_reflns.pdbx_R_split                     ? 
# 
_reflns_shell.d_res_high                  1.65 
_reflns_shell.d_res_low                   1.75 
_reflns_shell.meanI_over_sigI_all         ? 
_reflns_shell.meanI_over_sigI_obs         2.88 
_reflns_shell.number_measured_all         ? 
_reflns_shell.number_measured_obs         ? 
_reflns_shell.number_possible             ? 
_reflns_shell.number_unique_all           ? 
_reflns_shell.number_unique_obs           9476 
_reflns_shell.percent_possible_all        98.6 
_reflns_shell.percent_possible_obs        ? 
_reflns_shell.Rmerge_F_all                ? 
_reflns_shell.Rmerge_F_obs                ? 
_reflns_shell.Rmerge_I_all                ? 
_reflns_shell.Rmerge_I_obs                ? 
_reflns_shell.meanI_over_sigI_gt          ? 
_reflns_shell.meanI_over_uI_all           ? 
_reflns_shell.meanI_over_uI_gt            ? 
_reflns_shell.number_measured_gt          ? 
_reflns_shell.number_unique_gt            ? 
_reflns_shell.percent_possible_gt         ? 
_reflns_shell.Rmerge_F_gt                 ? 
_reflns_shell.Rmerge_I_gt                 ? 
_reflns_shell.pdbx_redundancy             9.54 
_reflns_shell.pdbx_Rsym_value             ? 
_reflns_shell.pdbx_chi_squared            ? 
_reflns_shell.pdbx_netI_over_sigmaI_all   ? 
_reflns_shell.pdbx_netI_over_sigmaI_obs   ? 
_reflns_shell.pdbx_Rrim_I_all             0.828 
_reflns_shell.pdbx_Rpim_I_all             ? 
_reflns_shell.pdbx_rejects                ? 
_reflns_shell.pdbx_ordinal                1 
_reflns_shell.pdbx_diffrn_id              1 
_reflns_shell.pdbx_CC_half                0.821 
_reflns_shell.pdbx_R_split                ? 
# 
_refine.aniso_B[1][1]                            ? 
_refine.aniso_B[1][2]                            ? 
_refine.aniso_B[1][3]                            ? 
_refine.aniso_B[2][2]                            ? 
_refine.aniso_B[2][3]                            ? 
_refine.aniso_B[3][3]                            ? 
_refine.B_iso_max                                ? 
_refine.B_iso_mean                               ? 
_refine.B_iso_min                                ? 
_refine.correlation_coeff_Fo_to_Fc               ? 
_refine.correlation_coeff_Fo_to_Fc_free          ? 
_refine.details                                  ? 
_refine.diff_density_max                         ? 
_refine.diff_density_max_esd                     ? 
_refine.diff_density_min                         ? 
_refine.diff_density_min_esd                     ? 
_refine.diff_density_rms                         ? 
_refine.diff_density_rms_esd                     ? 
_refine.entry_id                                 6EPJ 
_refine.pdbx_refine_id                           'X-RAY DIFFRACTION' 
_refine.ls_abs_structure_details                 ? 
_refine.ls_abs_structure_Flack                   ? 
_refine.ls_abs_structure_Flack_esd               ? 
_refine.ls_abs_structure_Rogers                  ? 
_refine.ls_abs_structure_Rogers_esd              ? 
_refine.ls_d_res_high                            1.652 
_refine.ls_d_res_low                             40.096 
_refine.ls_extinction_coef                       ? 
_refine.ls_extinction_coef_esd                   ? 
_refine.ls_extinction_expression                 ? 
_refine.ls_extinction_method                     ? 
_refine.ls_goodness_of_fit_all                   ? 
_refine.ls_goodness_of_fit_all_esd               ? 
_refine.ls_goodness_of_fit_obs                   ? 
_refine.ls_goodness_of_fit_obs_esd               ? 
_refine.ls_hydrogen_treatment                    ? 
_refine.ls_matrix_type                           ? 
_refine.ls_number_constraints                    ? 
_refine.ls_number_parameters                     ? 
_refine.ls_number_reflns_all                     ? 
_refine.ls_number_reflns_obs                     59203 
_refine.ls_number_reflns_R_free                  2917 
_refine.ls_number_reflns_R_work                  ? 
_refine.ls_number_restraints                     ? 
_refine.ls_percent_reflns_obs                    99.75 
_refine.ls_percent_reflns_R_free                 4.93 
_refine.ls_R_factor_all                          ? 
_refine.ls_R_factor_obs                          0.1788 
_refine.ls_R_factor_R_free                       0.2123 
_refine.ls_R_factor_R_free_error                 ? 
_refine.ls_R_factor_R_free_error_details         ? 
_refine.ls_R_factor_R_work                       0.1771 
_refine.ls_R_Fsqd_factor_obs                     ? 
_refine.ls_R_I_factor_obs                        ? 
_refine.ls_redundancy_reflns_all                 ? 
_refine.ls_redundancy_reflns_obs                 ? 
_refine.ls_restrained_S_all                      ? 
_refine.ls_restrained_S_obs                      ? 
_refine.ls_shift_over_esd_max                    ? 
_refine.ls_shift_over_esd_mean                   ? 
_refine.ls_structure_factor_coef                 ? 
_refine.ls_weighting_details                     ? 
_refine.ls_weighting_scheme                      ? 
_refine.ls_wR_factor_all                         ? 
_refine.ls_wR_factor_obs                         ? 
_refine.ls_wR_factor_R_free                      ? 
_refine.ls_wR_factor_R_work                      ? 
_refine.occupancy_max                            ? 
_refine.occupancy_min                            ? 
_refine.solvent_model_details                    ? 
_refine.solvent_model_param_bsol                 ? 
_refine.solvent_model_param_ksol                 ? 
_refine.ls_R_factor_gt                           ? 
_refine.ls_goodness_of_fit_gt                    ? 
_refine.ls_goodness_of_fit_ref                   ? 
_refine.ls_shift_over_su_max                     ? 
_refine.ls_shift_over_su_max_lt                  ? 
_refine.ls_shift_over_su_mean                    ? 
_refine.ls_shift_over_su_mean_lt                 ? 
_refine.pdbx_ls_sigma_I                          ? 
_refine.pdbx_ls_sigma_F                          1.37 
_refine.pdbx_ls_sigma_Fsqd                       ? 
_refine.pdbx_data_cutoff_high_absF               ? 
_refine.pdbx_data_cutoff_high_rms_absF           ? 
_refine.pdbx_data_cutoff_low_absF                ? 
_refine.pdbx_isotropic_thermal_model             ? 
_refine.pdbx_ls_cross_valid_method               'FREE R-VALUE' 
_refine.pdbx_method_to_determine_struct          'MOLECULAR REPLACEMENT' 
_refine.pdbx_starting_model                      ? 
_refine.pdbx_stereochemistry_target_values       ? 
_refine.pdbx_R_Free_selection_details            ? 
_refine.pdbx_stereochem_target_val_spec_case     ? 
_refine.pdbx_overall_ESU_R                       ? 
_refine.pdbx_overall_ESU_R_Free                  ? 
_refine.pdbx_solvent_vdw_probe_radii             1.11 
_refine.pdbx_solvent_ion_probe_radii             ? 
_refine.pdbx_solvent_shrinkage_radii             0.90 
_refine.pdbx_real_space_R                        ? 
_refine.pdbx_density_correlation                 ? 
_refine.pdbx_pd_number_of_powder_patterns        ? 
_refine.pdbx_pd_number_of_points                 ? 
_refine.pdbx_pd_meas_number_of_points            ? 
_refine.pdbx_pd_proc_ls_prof_R_factor            ? 
_refine.pdbx_pd_proc_ls_prof_wR_factor           ? 
_refine.pdbx_pd_Marquardt_correlation_coeff      ? 
_refine.pdbx_pd_Fsqrd_R_factor                   ? 
_refine.pdbx_pd_ls_matrix_band_width             ? 
_refine.pdbx_overall_phase_error                 18.55 
_refine.pdbx_overall_SU_R_free_Cruickshank_DPI   ? 
_refine.pdbx_overall_SU_R_free_Blow_DPI          ? 
_refine.pdbx_overall_SU_R_Blow_DPI               ? 
_refine.pdbx_TLS_residual_ADP_flag               ? 
_refine.pdbx_diffrn_id                           1 
_refine.overall_SU_B                             ? 
_refine.overall_SU_ML                            0.15 
_refine.overall_SU_R_Cruickshank_DPI             ? 
_refine.overall_SU_R_free                        ? 
_refine.overall_FOM_free_R_set                   ? 
_refine.overall_FOM_work_R_set                   ? 
_refine.pdbx_average_fsc_overall                 ? 
_refine.pdbx_average_fsc_work                    ? 
_refine.pdbx_average_fsc_free                    ? 
# 
_refine_hist.pdbx_refine_id                   'X-RAY DIFFRACTION' 
_refine_hist.cycle_id                         LAST 
_refine_hist.pdbx_number_atoms_protein        1074 
_refine_hist.pdbx_number_atoms_nucleic_acid   0 
_refine_hist.pdbx_number_atoms_ligand         47 
_refine_hist.number_atoms_solvent             191 
_refine_hist.number_atoms_total               1312 
_refine_hist.d_res_high                       1.652 
_refine_hist.d_res_low                        40.096 
# 
loop_
_refine_ls_restr.pdbx_refine_id 
_refine_ls_restr.criterion 
_refine_ls_restr.dev_ideal 
_refine_ls_restr.dev_ideal_target 
_refine_ls_restr.number 
_refine_ls_restr.rejects 
_refine_ls_restr.type 
_refine_ls_restr.weight 
_refine_ls_restr.pdbx_restraint_function 
'X-RAY DIFFRACTION' ? 0.007  ? 1179 ? f_bond_d           ? ? 
'X-RAY DIFFRACTION' ? 1.166  ? 1607 ? f_angle_d          ? ? 
'X-RAY DIFFRACTION' ? 11.634 ? 1016 ? f_dihedral_angle_d ? ? 
'X-RAY DIFFRACTION' ? 0.046  ? 177  ? f_chiral_restr     ? ? 
'X-RAY DIFFRACTION' ? 0.005  ? 213  ? f_plane_restr      ? ? 
# 
loop_
_refine_ls_shell.pdbx_refine_id 
_refine_ls_shell.d_res_high 
_refine_ls_shell.d_res_low 
_refine_ls_shell.number_reflns_all 
_refine_ls_shell.number_reflns_obs 
_refine_ls_shell.number_reflns_R_free 
_refine_ls_shell.number_reflns_R_work 
_refine_ls_shell.percent_reflns_obs 
_refine_ls_shell.percent_reflns_R_free 
_refine_ls_shell.R_factor_all 
_refine_ls_shell.R_factor_obs 
_refine_ls_shell.R_factor_R_free 
_refine_ls_shell.R_factor_R_free_error 
_refine_ls_shell.R_factor_R_work 
_refine_ls_shell.redundancy_reflns_all 
_refine_ls_shell.redundancy_reflns_obs 
_refine_ls_shell.wR_factor_all 
_refine_ls_shell.wR_factor_obs 
_refine_ls_shell.wR_factor_R_free 
_refine_ls_shell.wR_factor_R_work 
_refine_ls_shell.pdbx_total_number_of_bins_used 
_refine_ls_shell.pdbx_phase_error 
_refine_ls_shell.pdbx_fsc_work 
_refine_ls_shell.pdbx_fsc_free 
'X-RAY DIFFRACTION' 1.6516 1.6786  . . 130 2574 95.00  . . . 0.2763 . 0.2585 . . . . . . . . . . 
'X-RAY DIFFRACTION' 1.6786 1.7076  . . 144 2696 100.00 . . . 0.2556 . 0.2264 . . . . . . . . . . 
'X-RAY DIFFRACTION' 1.7076 1.7386  . . 137 2665 100.00 . . . 0.2613 . 0.2322 . . . . . . . . . . 
'X-RAY DIFFRACTION' 1.7386 1.7721  . . 141 2681 100.00 . . . 0.2433 . 0.2179 . . . . . . . . . . 
'X-RAY DIFFRACTION' 1.7721 1.8083  . . 140 2710 100.00 . . . 0.2556 . 0.2125 . . . . . . . . . . 
'X-RAY DIFFRACTION' 1.8083 1.8476  . . 138 2682 100.00 . . . 0.2066 . 0.2153 . . . . . . . . . . 
'X-RAY DIFFRACTION' 1.8476 1.8905  . . 143 2650 100.00 . . . 0.2295 . 0.1966 . . . . . . . . . . 
'X-RAY DIFFRACTION' 1.8905 1.9378  . . 140 2708 100.00 . . . 0.2423 . 0.1939 . . . . . . . . . . 
'X-RAY DIFFRACTION' 1.9378 1.9902  . . 142 2687 100.00 . . . 0.2149 . 0.1932 . . . . . . . . . . 
'X-RAY DIFFRACTION' 1.9902 2.0488  . . 139 2688 100.00 . . . 0.2526 . 0.1923 . . . . . . . . . . 
'X-RAY DIFFRACTION' 2.0488 2.1149  . . 136 2679 100.00 . . . 0.2210 . 0.1842 . . . . . . . . . . 
'X-RAY DIFFRACTION' 2.1149 2.1905  . . 143 2668 100.00 . . . 0.1668 . 0.1728 . . . . . . . . . . 
'X-RAY DIFFRACTION' 2.1905 2.2782  . . 142 2702 100.00 . . . 0.1870 . 0.1635 . . . . . . . . . . 
'X-RAY DIFFRACTION' 2.2782 2.3819  . . 136 2674 100.00 . . . 0.1778 . 0.1747 . . . . . . . . . . 
'X-RAY DIFFRACTION' 2.3819 2.5074  . . 140 2698 100.00 . . . 0.2530 . 0.1778 . . . . . . . . . . 
'X-RAY DIFFRACTION' 2.5074 2.6645  . . 137 2697 100.00 . . . 0.2233 . 0.1763 . . . . . . . . . . 
'X-RAY DIFFRACTION' 2.6645 2.8702  . . 137 2684 100.00 . . . 0.2095 . 0.1855 . . . . . . . . . . 
'X-RAY DIFFRACTION' 2.8702 3.1589  . . 140 2678 100.00 . . . 0.2071 . 0.1784 . . . . . . . . . . 
'X-RAY DIFFRACTION' 3.1589 3.6157  . . 135 2700 100.00 . . . 0.2070 . 0.1640 . . . . . . . . . . 
'X-RAY DIFFRACTION' 3.6157 4.5544  . . 137 2670 100.00 . . . 0.2007 . 0.1502 . . . . . . . . . . 
'X-RAY DIFFRACTION' 4.5544 40.1073 . . 140 2695 100.00 . . . 0.2089 . 0.1774 . . . . . . . . . . 
# 
_struct.entry_id                     6EPJ 
_struct.title                        'The ATAD2 bromodomain in complex with compound 6' 
_struct.pdbx_model_details           ? 
_struct.pdbx_formula_weight          ? 
_struct.pdbx_formula_weight_method   ? 
_struct.pdbx_model_type_details      ? 
_struct.pdbx_CASP_flag               N 
# 
_struct_keywords.entry_id        6EPJ 
_struct_keywords.text            'Bromodomain, ATAD2, inhibitor, complex, CYTOSOLIC PROTEIN' 
_struct_keywords.pdbx_keywords   'CYTOSOLIC PROTEIN' 
# 
loop_
_struct_asym.id 
_struct_asym.pdbx_blank_PDB_chainid_flag 
_struct_asym.pdbx_modified 
_struct_asym.entity_id 
_struct_asym.details 
A N N 1 ? 
B N N 2 ? 
C N N 2 ? 
D N N 3 ? 
E N N 4 ? 
# 
_struct_ref.id                         1 
_struct_ref.db_name                    UNP 
_struct_ref.db_code                    ATAD2_HUMAN 
_struct_ref.pdbx_db_accession          Q6PL18 
_struct_ref.pdbx_db_isoform            ? 
_struct_ref.entity_id                  1 
_struct_ref.pdbx_seq_one_letter_code   
;QEEDTFRELRIFLRNVTHRLAIDKRFRVFTKPVDPDEVPDYVTVIKQPMDLSSVISKIDLHKYLTVKDYLRDIDLICSNA
LEYNPDRDPGDRLIRHRACALRDTAYAIIKEELDEDFEQLCEEIQESR
;
_struct_ref.pdbx_align_begin           981 
# 
_struct_ref_seq.align_id                      1 
_struct_ref_seq.ref_id                        1 
_struct_ref_seq.pdbx_PDB_id_code              6EPJ 
_struct_ref_seq.pdbx_strand_id                A 
_struct_ref_seq.seq_align_beg                 3 
_struct_ref_seq.pdbx_seq_align_beg_ins_code   ? 
_struct_ref_seq.seq_align_end                 130 
_struct_ref_seq.pdbx_seq_align_end_ins_code   ? 
_struct_ref_seq.pdbx_db_accession             Q6PL18 
_struct_ref_seq.db_align_beg                  981 
_struct_ref_seq.pdbx_db_align_beg_ins_code    ? 
_struct_ref_seq.db_align_end                  1108 
_struct_ref_seq.pdbx_db_align_end_ins_code    ? 
_struct_ref_seq.pdbx_auth_seq_align_beg       981 
_struct_ref_seq.pdbx_auth_seq_align_end       1108 
# 
loop_
_struct_ref_seq_dif.align_id 
_struct_ref_seq_dif.pdbx_pdb_id_code 
_struct_ref_seq_dif.mon_id 
_struct_ref_seq_dif.pdbx_pdb_strand_id 
_struct_ref_seq_dif.seq_num 
_struct_ref_seq_dif.pdbx_pdb_ins_code 
_struct_ref_seq_dif.pdbx_seq_db_name 
_struct_ref_seq_dif.pdbx_seq_db_accession_code 
_struct_ref_seq_dif.db_mon_id 
_struct_ref_seq_dif.pdbx_seq_db_seq_num 
_struct_ref_seq_dif.details 
_struct_ref_seq_dif.pdbx_auth_seq_num 
_struct_ref_seq_dif.pdbx_ordinal 
1 6EPJ SER A 1 ? UNP Q6PL18 ? ? 'expression tag' 979 1 
1 6EPJ MET A 2 ? UNP Q6PL18 ? ? 'expression tag' 980 2 
# 
_pdbx_struct_assembly.id                   1 
_pdbx_struct_assembly.details              author_and_software_defined_assembly 
_pdbx_struct_assembly.method_details       PISA 
_pdbx_struct_assembly.oligomeric_details   monomeric 
_pdbx_struct_assembly.oligomeric_count     1 
# 
loop_
_pdbx_struct_assembly_prop.biol_id 
_pdbx_struct_assembly_prop.type 
_pdbx_struct_assembly_prop.value 
_pdbx_struct_assembly_prop.details 
1 'ABSA (A^2)' 20   ? 
1 MORE         -1   ? 
1 'SSA (A^2)'  8040 ? 
# 
_pdbx_struct_assembly_gen.assembly_id       1 
_pdbx_struct_assembly_gen.oper_expression   1 
_pdbx_struct_assembly_gen.asym_id_list      A,B,C,D,E 
# 
_pdbx_struct_assembly_auth_evidence.id                     1 
_pdbx_struct_assembly_auth_evidence.assembly_id            1 
_pdbx_struct_assembly_auth_evidence.experimental_support   'gel filtration' 
_pdbx_struct_assembly_auth_evidence.details                ? 
# 
_pdbx_struct_oper_list.id                   1 
_pdbx_struct_oper_list.type                 'identity operation' 
_pdbx_struct_oper_list.name                 1_555 
_pdbx_struct_oper_list.symmetry_operation   x,y,z 
_pdbx_struct_oper_list.matrix[1][1]         1.0000000000 
_pdbx_struct_oper_list.matrix[1][2]         0.0000000000 
_pdbx_struct_oper_list.matrix[1][3]         0.0000000000 
_pdbx_struct_oper_list.vector[1]            0.0000000000 
_pdbx_struct_oper_list.matrix[2][1]         0.0000000000 
_pdbx_struct_oper_list.matrix[2][2]         1.0000000000 
_pdbx_struct_oper_list.matrix[2][3]         0.0000000000 
_pdbx_struct_oper_list.vector[2]            0.0000000000 
_pdbx_struct_oper_list.matrix[3][1]         0.0000000000 
_pdbx_struct_oper_list.matrix[3][2]         0.0000000000 
_pdbx_struct_oper_list.matrix[3][3]         1.0000000000 
_pdbx_struct_oper_list.vector[3]            0.0000000000 
# 
loop_
_struct_conf.conf_type_id 
_struct_conf.id 
_struct_conf.pdbx_PDB_helix_id 
_struct_conf.beg_label_comp_id 
_struct_conf.beg_label_asym_id 
_struct_conf.beg_label_seq_id 
_struct_conf.pdbx_beg_PDB_ins_code 
_struct_conf.end_label_comp_id 
_struct_conf.end_label_asym_id 
_struct_conf.end_label_seq_id 
_struct_conf.pdbx_end_PDB_ins_code 
_struct_conf.beg_auth_comp_id 
_struct_conf.beg_auth_asym_id 
_struct_conf.beg_auth_seq_id 
_struct_conf.end_auth_comp_id 
_struct_conf.end_auth_asym_id 
_struct_conf.end_auth_seq_id 
_struct_conf.pdbx_PDB_helix_class 
_struct_conf.details 
_struct_conf.pdbx_PDB_helix_length 
HELX_P HELX_P1 AA1 SER A 1   ? ILE A 24  ? SER A 979  ILE A 1002 1 ? 24 
HELX_P HELX_P2 AA2 ASP A 25  ? THR A 32  ? ASP A 1003 THR A 1010 5 ? 8  
HELX_P HELX_P3 AA3 ASP A 42  ? ILE A 47  ? ASP A 1020 ILE A 1025 1 ? 6  
HELX_P HELX_P4 AA4 ASP A 52  ? LEU A 62  ? ASP A 1030 LEU A 1040 1 ? 11 
HELX_P HELX_P5 AA5 THR A 67  ? ASN A 86  ? THR A 1045 ASN A 1064 1 ? 20 
HELX_P HELX_P6 AA6 ASP A 90  ? LEU A 115 ? ASP A 1068 LEU A 1093 1 ? 26 
HELX_P HELX_P7 AA7 ASP A 116 ? SER A 129 ? ASP A 1094 SER A 1107 1 ? 14 
# 
_struct_conf_type.id          HELX_P 
_struct_conf_type.criteria    ? 
_struct_conf_type.reference   ? 
# 
loop_
_struct_site.id 
_struct_site.pdbx_evidence_code 
_struct_site.pdbx_auth_asym_id 
_struct_site.pdbx_auth_comp_id 
_struct_site.pdbx_auth_seq_id 
_struct_site.pdbx_auth_ins_code 
_struct_site.pdbx_num_residues 
_struct_site.details 
AC1 Software A BOH 1201 ? 8 'binding site for residue BOH A 1201' 
AC2 Software A BOH 1202 ? 8 'binding site for residue BOH A 1202' 
AC3 Software A SO4 1203 ? 6 'binding site for residue SO4 A 1203' 
# 
loop_
_struct_site_gen.id 
_struct_site_gen.site_id 
_struct_site_gen.pdbx_num_res 
_struct_site_gen.label_comp_id 
_struct_site_gen.label_asym_id 
_struct_site_gen.label_seq_id 
_struct_site_gen.pdbx_auth_ins_code 
_struct_site_gen.auth_comp_id 
_struct_site_gen.auth_asym_id 
_struct_site_gen.auth_seq_id 
_struct_site_gen.label_atom_id 
_struct_site_gen.label_alt_id 
_struct_site_gen.symmetry 
_struct_site_gen.details 
1  AC1 8 ARG A 29  ? ARG A 1007 . ? 1_555  ? 
2  AC1 8 VAL A 30  ? VAL A 1008 . ? 1_555  ? 
3  AC1 8 TYR A 85  ? TYR A 1063 . ? 1_555  ? 
4  AC1 8 ASN A 86  ? ASN A 1064 . ? 1_555  ? 
5  AC1 8 GLY A 92  ? GLY A 1070 . ? 1_555  ? 
6  AC1 8 ASP A 93  ? ASP A 1071 . ? 1_555  ? 
7  AC1 8 HOH E .   ? HOH A 1323 . ? 1_555  ? 
8  AC1 8 HOH E .   ? HOH A 1331 . ? 1_555  ? 
9  AC2 8 VAL A 68  ? VAL A 1046 . ? 1_555  ? 
10 AC2 8 LYS A 69  ? LYS A 1047 . ? 1_555  ? 
11 AC2 8 TYR A 108 ? TYR A 1086 . ? 1_555  ? 
12 AC2 8 ILE A 111 ? ILE A 1089 . ? 1_555  ? 
13 AC2 8 GLU A 117 ? GLU A 1095 . ? 1_555  ? 
14 AC2 8 HOH E .   ? HOH A 1342 . ? 1_555  ? 
15 AC2 8 HOH E .   ? HOH A 1418 . ? 1_555  ? 
16 AC2 8 HOH E .   ? HOH A 1429 . ? 1_555  ? 
17 AC3 6 ARG A 9   ? ARG A 987  . ? 12_564 ? 
18 AC3 6 ARG A 12  ? ARG A 990  . ? 12_564 ? 
19 AC3 6 ARG A 16  ? ARG A 994  . ? 12_564 ? 
20 AC3 6 ARG A 89  ? ARG A 1067 . ? 8_665  ? 
21 AC3 6 ARG A 94  ? ARG A 1072 . ? 8_665  ? 
22 AC3 6 HOH E .   ? HOH A 1350 . ? 1_555  ? 
# 
loop_
_pdbx_validate_close_contact.id 
_pdbx_validate_close_contact.PDB_model_num 
_pdbx_validate_close_contact.auth_atom_id_1 
_pdbx_validate_close_contact.auth_asym_id_1 
_pdbx_validate_close_contact.auth_comp_id_1 
_pdbx_validate_close_contact.auth_seq_id_1 
_pdbx_validate_close_contact.PDB_ins_code_1 
_pdbx_validate_close_contact.label_alt_id_1 
_pdbx_validate_close_contact.auth_atom_id_2 
_pdbx_validate_close_contact.auth_asym_id_2 
_pdbx_validate_close_contact.auth_comp_id_2 
_pdbx_validate_close_contact.auth_seq_id_2 
_pdbx_validate_close_contact.PDB_ins_code_2 
_pdbx_validate_close_contact.label_alt_id_2 
_pdbx_validate_close_contact.dist 
1 1 OD2 A ASP 1048 ? ? O A HOH 1301 ? ? 2.09 
2 1 O   A HOH 1303 ? ? O A HOH 1381 ? ? 2.12 
# 
loop_
_pdbx_struct_special_symmetry.id 
_pdbx_struct_special_symmetry.PDB_model_num 
_pdbx_struct_special_symmetry.auth_asym_id 
_pdbx_struct_special_symmetry.auth_comp_id 
_pdbx_struct_special_symmetry.auth_seq_id 
_pdbx_struct_special_symmetry.PDB_ins_code 
_pdbx_struct_special_symmetry.label_asym_id 
_pdbx_struct_special_symmetry.label_comp_id 
_pdbx_struct_special_symmetry.label_seq_id 
1 1 A HOH 1306 ? E HOH . 
2 1 A HOH 1434 ? E HOH . 
3 1 A HOH 1458 ? E HOH . 
# 
loop_
_chem_comp_atom.comp_id 
_chem_comp_atom.atom_id 
_chem_comp_atom.type_symbol 
_chem_comp_atom.pdbx_aromatic_flag 
_chem_comp_atom.pdbx_stereo_config 
_chem_comp_atom.pdbx_ordinal 
ALA N    N N N 1   
ALA CA   C N S 2   
ALA C    C N N 3   
ALA O    O N N 4   
ALA CB   C N N 5   
ALA OXT  O N N 6   
ALA H    H N N 7   
ALA H2   H N N 8   
ALA HA   H N N 9   
ALA HB1  H N N 10  
ALA HB2  H N N 11  
ALA HB3  H N N 12  
ALA HXT  H N N 13  
ARG N    N N N 14  
ARG CA   C N S 15  
ARG C    C N N 16  
ARG O    O N N 17  
ARG CB   C N N 18  
ARG CG   C N N 19  
ARG CD   C N N 20  
ARG NE   N N N 21  
ARG CZ   C N N 22  
ARG NH1  N N N 23  
ARG NH2  N N N 24  
ARG OXT  O N N 25  
ARG H    H N N 26  
ARG H2   H N N 27  
ARG HA   H N N 28  
ARG HB2  H N N 29  
ARG HB3  H N N 30  
ARG HG2  H N N 31  
ARG HG3  H N N 32  
ARG HD2  H N N 33  
ARG HD3  H N N 34  
ARG HE   H N N 35  
ARG HH11 H N N 36  
ARG HH12 H N N 37  
ARG HH21 H N N 38  
ARG HH22 H N N 39  
ARG HXT  H N N 40  
ASN N    N N N 41  
ASN CA   C N S 42  
ASN C    C N N 43  
ASN O    O N N 44  
ASN CB   C N N 45  
ASN CG   C N N 46  
ASN OD1  O N N 47  
ASN ND2  N N N 48  
ASN OXT  O N N 49  
ASN H    H N N 50  
ASN H2   H N N 51  
ASN HA   H N N 52  
ASN HB2  H N N 53  
ASN HB3  H N N 54  
ASN HD21 H N N 55  
ASN HD22 H N N 56  
ASN HXT  H N N 57  
ASP N    N N N 58  
ASP CA   C N S 59  
ASP C    C N N 60  
ASP O    O N N 61  
ASP CB   C N N 62  
ASP CG   C N N 63  
ASP OD1  O N N 64  
ASP OD2  O N N 65  
ASP OXT  O N N 66  
ASP H    H N N 67  
ASP H2   H N N 68  
ASP HA   H N N 69  
ASP HB2  H N N 70  
ASP HB3  H N N 71  
ASP HD2  H N N 72  
ASP HXT  H N N 73  
BOH N    N N N 74  
BOH CA   C N R 75  
BOH C    C N N 76  
BOH O    O N N 77  
BOH CB   C N N 78  
BOH CAA  C N N 79  
BOH CAG  C Y N 80  
BOH CAH  C Y N 81  
BOH CAI  C Y N 82  
BOH CAJ  C Y N 83  
BOH CAN  C N N 84  
BOH CAP  C Y N 85  
BOH CAQ  C Y N 86  
BOH CAR  C Y N 87  
BOH CAS  C Y N 88  
BOH CAT  C Y N 89  
BOH NAK  N Y N 90  
BOH NAL  N N N 91  
BOH OAD  O N N 92  
BOH OAF  O N N 93  
BOH SAM  S Y N 94  
BOH H1   H N N 95  
BOH H2   H N N 96  
BOH H4   H N N 97  
BOH H5   H N N 98  
BOH H6   H N N 99  
BOH H7   H N N 100 
BOH H8   H N N 101 
BOH H9   H N N 102 
BOH H10  H N N 103 
BOH H11  H N N 104 
BOH H12  H N N 105 
BOH H13  H N N 106 
BOH H14  H N N 107 
BOH H15  H N N 108 
BOH H16  H N N 109 
CYS N    N N N 110 
CYS CA   C N R 111 
CYS C    C N N 112 
CYS O    O N N 113 
CYS CB   C N N 114 
CYS SG   S N N 115 
CYS OXT  O N N 116 
CYS H    H N N 117 
CYS H2   H N N 118 
CYS HA   H N N 119 
CYS HB2  H N N 120 
CYS HB3  H N N 121 
CYS HG   H N N 122 
CYS HXT  H N N 123 
GLN N    N N N 124 
GLN CA   C N S 125 
GLN C    C N N 126 
GLN O    O N N 127 
GLN CB   C N N 128 
GLN CG   C N N 129 
GLN CD   C N N 130 
GLN OE1  O N N 131 
GLN NE2  N N N 132 
GLN OXT  O N N 133 
GLN H    H N N 134 
GLN H2   H N N 135 
GLN HA   H N N 136 
GLN HB2  H N N 137 
GLN HB3  H N N 138 
GLN HG2  H N N 139 
GLN HG3  H N N 140 
GLN HE21 H N N 141 
GLN HE22 H N N 142 
GLN HXT  H N N 143 
GLU N    N N N 144 
GLU CA   C N S 145 
GLU C    C N N 146 
GLU O    O N N 147 
GLU CB   C N N 148 
GLU CG   C N N 149 
GLU CD   C N N 150 
GLU OE1  O N N 151 
GLU OE2  O N N 152 
GLU OXT  O N N 153 
GLU H    H N N 154 
GLU H2   H N N 155 
GLU HA   H N N 156 
GLU HB2  H N N 157 
GLU HB3  H N N 158 
GLU HG2  H N N 159 
GLU HG3  H N N 160 
GLU HE2  H N N 161 
GLU HXT  H N N 162 
GLY N    N N N 163 
GLY CA   C N N 164 
GLY C    C N N 165 
GLY O    O N N 166 
GLY OXT  O N N 167 
GLY H    H N N 168 
GLY H2   H N N 169 
GLY HA2  H N N 170 
GLY HA3  H N N 171 
GLY HXT  H N N 172 
HIS N    N N N 173 
HIS CA   C N S 174 
HIS C    C N N 175 
HIS O    O N N 176 
HIS CB   C N N 177 
HIS CG   C Y N 178 
HIS ND1  N Y N 179 
HIS CD2  C Y N 180 
HIS CE1  C Y N 181 
HIS NE2  N Y N 182 
HIS OXT  O N N 183 
HIS H    H N N 184 
HIS H2   H N N 185 
HIS HA   H N N 186 
HIS HB2  H N N 187 
HIS HB3  H N N 188 
HIS HD1  H N N 189 
HIS HD2  H N N 190 
HIS HE1  H N N 191 
HIS HE2  H N N 192 
HIS HXT  H N N 193 
HOH O    O N N 194 
HOH H1   H N N 195 
HOH H2   H N N 196 
ILE N    N N N 197 
ILE CA   C N S 198 
ILE C    C N N 199 
ILE O    O N N 200 
ILE CB   C N S 201 
ILE CG1  C N N 202 
ILE CG2  C N N 203 
ILE CD1  C N N 204 
ILE OXT  O N N 205 
ILE H    H N N 206 
ILE H2   H N N 207 
ILE HA   H N N 208 
ILE HB   H N N 209 
ILE HG12 H N N 210 
ILE HG13 H N N 211 
ILE HG21 H N N 212 
ILE HG22 H N N 213 
ILE HG23 H N N 214 
ILE HD11 H N N 215 
ILE HD12 H N N 216 
ILE HD13 H N N 217 
ILE HXT  H N N 218 
LEU N    N N N 219 
LEU CA   C N S 220 
LEU C    C N N 221 
LEU O    O N N 222 
LEU CB   C N N 223 
LEU CG   C N N 224 
LEU CD1  C N N 225 
LEU CD2  C N N 226 
LEU OXT  O N N 227 
LEU H    H N N 228 
LEU H2   H N N 229 
LEU HA   H N N 230 
LEU HB2  H N N 231 
LEU HB3  H N N 232 
LEU HG   H N N 233 
LEU HD11 H N N 234 
LEU HD12 H N N 235 
LEU HD13 H N N 236 
LEU HD21 H N N 237 
LEU HD22 H N N 238 
LEU HD23 H N N 239 
LEU HXT  H N N 240 
LYS N    N N N 241 
LYS CA   C N S 242 
LYS C    C N N 243 
LYS O    O N N 244 
LYS CB   C N N 245 
LYS CG   C N N 246 
LYS CD   C N N 247 
LYS CE   C N N 248 
LYS NZ   N N N 249 
LYS OXT  O N N 250 
LYS H    H N N 251 
LYS H2   H N N 252 
LYS HA   H N N 253 
LYS HB2  H N N 254 
LYS HB3  H N N 255 
LYS HG2  H N N 256 
LYS HG3  H N N 257 
LYS HD2  H N N 258 
LYS HD3  H N N 259 
LYS HE2  H N N 260 
LYS HE3  H N N 261 
LYS HZ1  H N N 262 
LYS HZ2  H N N 263 
LYS HZ3  H N N 264 
LYS HXT  H N N 265 
MET N    N N N 266 
MET CA   C N S 267 
MET C    C N N 268 
MET O    O N N 269 
MET CB   C N N 270 
MET CG   C N N 271 
MET SD   S N N 272 
MET CE   C N N 273 
MET OXT  O N N 274 
MET H    H N N 275 
MET H2   H N N 276 
MET HA   H N N 277 
MET HB2  H N N 278 
MET HB3  H N N 279 
MET HG2  H N N 280 
MET HG3  H N N 281 
MET HE1  H N N 282 
MET HE2  H N N 283 
MET HE3  H N N 284 
MET HXT  H N N 285 
PHE N    N N N 286 
PHE CA   C N S 287 
PHE C    C N N 288 
PHE O    O N N 289 
PHE CB   C N N 290 
PHE CG   C Y N 291 
PHE CD1  C Y N 292 
PHE CD2  C Y N 293 
PHE CE1  C Y N 294 
PHE CE2  C Y N 295 
PHE CZ   C Y N 296 
PHE OXT  O N N 297 
PHE H    H N N 298 
PHE H2   H N N 299 
PHE HA   H N N 300 
PHE HB2  H N N 301 
PHE HB3  H N N 302 
PHE HD1  H N N 303 
PHE HD2  H N N 304 
PHE HE1  H N N 305 
PHE HE2  H N N 306 
PHE HZ   H N N 307 
PHE HXT  H N N 308 
PRO N    N N N 309 
PRO CA   C N S 310 
PRO C    C N N 311 
PRO O    O N N 312 
PRO CB   C N N 313 
PRO CG   C N N 314 
PRO CD   C N N 315 
PRO OXT  O N N 316 
PRO H    H N N 317 
PRO HA   H N N 318 
PRO HB2  H N N 319 
PRO HB3  H N N 320 
PRO HG2  H N N 321 
PRO HG3  H N N 322 
PRO HD2  H N N 323 
PRO HD3  H N N 324 
PRO HXT  H N N 325 
SER N    N N N 326 
SER CA   C N S 327 
SER C    C N N 328 
SER O    O N N 329 
SER CB   C N N 330 
SER OG   O N N 331 
SER OXT  O N N 332 
SER H    H N N 333 
SER H2   H N N 334 
SER HA   H N N 335 
SER HB2  H N N 336 
SER HB3  H N N 337 
SER HG   H N N 338 
SER HXT  H N N 339 
SO4 S    S N N 340 
SO4 O1   O N N 341 
SO4 O2   O N N 342 
SO4 O3   O N N 343 
SO4 O4   O N N 344 
THR N    N N N 345 
THR CA   C N S 346 
THR C    C N N 347 
THR O    O N N 348 
THR CB   C N R 349 
THR OG1  O N N 350 
THR CG2  C N N 351 
THR OXT  O N N 352 
THR H    H N N 353 
THR H2   H N N 354 
THR HA   H N N 355 
THR HB   H N N 356 
THR HG1  H N N 357 
THR HG21 H N N 358 
THR HG22 H N N 359 
THR HG23 H N N 360 
THR HXT  H N N 361 
TYR N    N N N 362 
TYR CA   C N S 363 
TYR C    C N N 364 
TYR O    O N N 365 
TYR CB   C N N 366 
TYR CG   C Y N 367 
TYR CD1  C Y N 368 
TYR CD2  C Y N 369 
TYR CE1  C Y N 370 
TYR CE2  C Y N 371 
TYR CZ   C Y N 372 
TYR OH   O N N 373 
TYR OXT  O N N 374 
TYR H    H N N 375 
TYR H2   H N N 376 
TYR HA   H N N 377 
TYR HB2  H N N 378 
TYR HB3  H N N 379 
TYR HD1  H N N 380 
TYR HD2  H N N 381 
TYR HE1  H N N 382 
TYR HE2  H N N 383 
TYR HH   H N N 384 
TYR HXT  H N N 385 
VAL N    N N N 386 
VAL CA   C N S 387 
VAL C    C N N 388 
VAL O    O N N 389 
VAL CB   C N N 390 
VAL CG1  C N N 391 
VAL CG2  C N N 392 
VAL OXT  O N N 393 
VAL H    H N N 394 
VAL H2   H N N 395 
VAL HA   H N N 396 
VAL HB   H N N 397 
VAL HG11 H N N 398 
VAL HG12 H N N 399 
VAL HG13 H N N 400 
VAL HG21 H N N 401 
VAL HG22 H N N 402 
VAL HG23 H N N 403 
VAL HXT  H N N 404 
# 
loop_
_chem_comp_bond.comp_id 
_chem_comp_bond.atom_id_1 
_chem_comp_bond.atom_id_2 
_chem_comp_bond.value_order 
_chem_comp_bond.pdbx_aromatic_flag 
_chem_comp_bond.pdbx_stereo_config 
_chem_comp_bond.pdbx_ordinal 
ALA N   CA   sing N N 1   
ALA N   H    sing N N 2   
ALA N   H2   sing N N 3   
ALA CA  C    sing N N 4   
ALA CA  CB   sing N N 5   
ALA CA  HA   sing N N 6   
ALA C   O    doub N N 7   
ALA C   OXT  sing N N 8   
ALA CB  HB1  sing N N 9   
ALA CB  HB2  sing N N 10  
ALA CB  HB3  sing N N 11  
ALA OXT HXT  sing N N 12  
ARG N   CA   sing N N 13  
ARG N   H    sing N N 14  
ARG N   H2   sing N N 15  
ARG CA  C    sing N N 16  
ARG CA  CB   sing N N 17  
ARG CA  HA   sing N N 18  
ARG C   O    doub N N 19  
ARG C   OXT  sing N N 20  
ARG CB  CG   sing N N 21  
ARG CB  HB2  sing N N 22  
ARG CB  HB3  sing N N 23  
ARG CG  CD   sing N N 24  
ARG CG  HG2  sing N N 25  
ARG CG  HG3  sing N N 26  
ARG CD  NE   sing N N 27  
ARG CD  HD2  sing N N 28  
ARG CD  HD3  sing N N 29  
ARG NE  CZ   sing N N 30  
ARG NE  HE   sing N N 31  
ARG CZ  NH1  sing N N 32  
ARG CZ  NH2  doub N N 33  
ARG NH1 HH11 sing N N 34  
ARG NH1 HH12 sing N N 35  
ARG NH2 HH21 sing N N 36  
ARG NH2 HH22 sing N N 37  
ARG OXT HXT  sing N N 38  
ASN N   CA   sing N N 39  
ASN N   H    sing N N 40  
ASN N   H2   sing N N 41  
ASN CA  C    sing N N 42  
ASN CA  CB   sing N N 43  
ASN CA  HA   sing N N 44  
ASN C   O    doub N N 45  
ASN C   OXT  sing N N 46  
ASN CB  CG   sing N N 47  
ASN CB  HB2  sing N N 48  
ASN CB  HB3  sing N N 49  
ASN CG  OD1  doub N N 50  
ASN CG  ND2  sing N N 51  
ASN ND2 HD21 sing N N 52  
ASN ND2 HD22 sing N N 53  
ASN OXT HXT  sing N N 54  
ASP N   CA   sing N N 55  
ASP N   H    sing N N 56  
ASP N   H2   sing N N 57  
ASP CA  C    sing N N 58  
ASP CA  CB   sing N N 59  
ASP CA  HA   sing N N 60  
ASP C   O    doub N N 61  
ASP C   OXT  sing N N 62  
ASP CB  CG   sing N N 63  
ASP CB  HB2  sing N N 64  
ASP CB  HB3  sing N N 65  
ASP CG  OD1  doub N N 66  
ASP CG  OD2  sing N N 67  
ASP OD2 HD2  sing N N 68  
ASP OXT HXT  sing N N 69  
BOH OAF CAP  sing N N 70  
BOH CAP CAH  doub Y N 71  
BOH CAP CAJ  sing Y N 72  
BOH CAH CAG  sing Y N 73  
BOH CAJ CAQ  doub Y N 74  
BOH CAG CAI  doub Y N 75  
BOH CAA CAN  sing N N 76  
BOH CAQ CAI  sing Y N 77  
BOH CAQ CAT  sing N N 78  
BOH CAT CAS  doub Y N 79  
BOH CAT SAM  sing Y N 80  
BOH CAN CAS  sing N N 81  
BOH CAN OAD  doub N N 82  
BOH CAS NAK  sing Y N 83  
BOH SAM CAR  sing Y N 84  
BOH NAK CAR  doub Y N 85  
BOH CAR NAL  sing N N 86  
BOH O   C    doub N N 87  
BOH NAL C    sing N N 88  
BOH C   CA   sing N N 89  
BOH CB  CA   sing N N 90  
BOH CA  N    sing N N 91  
BOH N   H1   sing N N 92  
BOH N   H2   sing N N 93  
BOH CA  H4   sing N N 94  
BOH CB  H5   sing N N 95  
BOH CB  H6   sing N N 96  
BOH CB  H7   sing N N 97  
BOH CAA H8   sing N N 98  
BOH CAA H9   sing N N 99  
BOH CAA H10  sing N N 100 
BOH CAG H11  sing N N 101 
BOH CAH H12  sing N N 102 
BOH CAI H13  sing N N 103 
BOH CAJ H14  sing N N 104 
BOH NAL H15  sing N N 105 
BOH OAF H16  sing N N 106 
CYS N   CA   sing N N 107 
CYS N   H    sing N N 108 
CYS N   H2   sing N N 109 
CYS CA  C    sing N N 110 
CYS CA  CB   sing N N 111 
CYS CA  HA   sing N N 112 
CYS C   O    doub N N 113 
CYS C   OXT  sing N N 114 
CYS CB  SG   sing N N 115 
CYS CB  HB2  sing N N 116 
CYS CB  HB3  sing N N 117 
CYS SG  HG   sing N N 118 
CYS OXT HXT  sing N N 119 
GLN N   CA   sing N N 120 
GLN N   H    sing N N 121 
GLN N   H2   sing N N 122 
GLN CA  C    sing N N 123 
GLN CA  CB   sing N N 124 
GLN CA  HA   sing N N 125 
GLN C   O    doub N N 126 
GLN C   OXT  sing N N 127 
GLN CB  CG   sing N N 128 
GLN CB  HB2  sing N N 129 
GLN CB  HB3  sing N N 130 
GLN CG  CD   sing N N 131 
GLN CG  HG2  sing N N 132 
GLN CG  HG3  sing N N 133 
GLN CD  OE1  doub N N 134 
GLN CD  NE2  sing N N 135 
GLN NE2 HE21 sing N N 136 
GLN NE2 HE22 sing N N 137 
GLN OXT HXT  sing N N 138 
GLU N   CA   sing N N 139 
GLU N   H    sing N N 140 
GLU N   H2   sing N N 141 
GLU CA  C    sing N N 142 
GLU CA  CB   sing N N 143 
GLU CA  HA   sing N N 144 
GLU C   O    doub N N 145 
GLU C   OXT  sing N N 146 
GLU CB  CG   sing N N 147 
GLU CB  HB2  sing N N 148 
GLU CB  HB3  sing N N 149 
GLU CG  CD   sing N N 150 
GLU CG  HG2  sing N N 151 
GLU CG  HG3  sing N N 152 
GLU CD  OE1  doub N N 153 
GLU CD  OE2  sing N N 154 
GLU OE2 HE2  sing N N 155 
GLU OXT HXT  sing N N 156 
GLY N   CA   sing N N 157 
GLY N   H    sing N N 158 
GLY N   H2   sing N N 159 
GLY CA  C    sing N N 160 
GLY CA  HA2  sing N N 161 
GLY CA  HA3  sing N N 162 
GLY C   O    doub N N 163 
GLY C   OXT  sing N N 164 
GLY OXT HXT  sing N N 165 
HIS N   CA   sing N N 166 
HIS N   H    sing N N 167 
HIS N   H2   sing N N 168 
HIS CA  C    sing N N 169 
HIS CA  CB   sing N N 170 
HIS CA  HA   sing N N 171 
HIS C   O    doub N N 172 
HIS C   OXT  sing N N 173 
HIS CB  CG   sing N N 174 
HIS CB  HB2  sing N N 175 
HIS CB  HB3  sing N N 176 
HIS CG  ND1  sing Y N 177 
HIS CG  CD2  doub Y N 178 
HIS ND1 CE1  doub Y N 179 
HIS ND1 HD1  sing N N 180 
HIS CD2 NE2  sing Y N 181 
HIS CD2 HD2  sing N N 182 
HIS CE1 NE2  sing Y N 183 
HIS CE1 HE1  sing N N 184 
HIS NE2 HE2  sing N N 185 
HIS OXT HXT  sing N N 186 
HOH O   H1   sing N N 187 
HOH O   H2   sing N N 188 
ILE N   CA   sing N N 189 
ILE N   H    sing N N 190 
ILE N   H2   sing N N 191 
ILE CA  C    sing N N 192 
ILE CA  CB   sing N N 193 
ILE CA  HA   sing N N 194 
ILE C   O    doub N N 195 
ILE C   OXT  sing N N 196 
ILE CB  CG1  sing N N 197 
ILE CB  CG2  sing N N 198 
ILE CB  HB   sing N N 199 
ILE CG1 CD1  sing N N 200 
ILE CG1 HG12 sing N N 201 
ILE CG1 HG13 sing N N 202 
ILE CG2 HG21 sing N N 203 
ILE CG2 HG22 sing N N 204 
ILE CG2 HG23 sing N N 205 
ILE CD1 HD11 sing N N 206 
ILE CD1 HD12 sing N N 207 
ILE CD1 HD13 sing N N 208 
ILE OXT HXT  sing N N 209 
LEU N   CA   sing N N 210 
LEU N   H    sing N N 211 
LEU N   H2   sing N N 212 
LEU CA  C    sing N N 213 
LEU CA  CB   sing N N 214 
LEU CA  HA   sing N N 215 
LEU C   O    doub N N 216 
LEU C   OXT  sing N N 217 
LEU CB  CG   sing N N 218 
LEU CB  HB2  sing N N 219 
LEU CB  HB3  sing N N 220 
LEU CG  CD1  sing N N 221 
LEU CG  CD2  sing N N 222 
LEU CG  HG   sing N N 223 
LEU CD1 HD11 sing N N 224 
LEU CD1 HD12 sing N N 225 
LEU CD1 HD13 sing N N 226 
LEU CD2 HD21 sing N N 227 
LEU CD2 HD22 sing N N 228 
LEU CD2 HD23 sing N N 229 
LEU OXT HXT  sing N N 230 
LYS N   CA   sing N N 231 
LYS N   H    sing N N 232 
LYS N   H2   sing N N 233 
LYS CA  C    sing N N 234 
LYS CA  CB   sing N N 235 
LYS CA  HA   sing N N 236 
LYS C   O    doub N N 237 
LYS C   OXT  sing N N 238 
LYS CB  CG   sing N N 239 
LYS CB  HB2  sing N N 240 
LYS CB  HB3  sing N N 241 
LYS CG  CD   sing N N 242 
LYS CG  HG2  sing N N 243 
LYS CG  HG3  sing N N 244 
LYS CD  CE   sing N N 245 
LYS CD  HD2  sing N N 246 
LYS CD  HD3  sing N N 247 
LYS CE  NZ   sing N N 248 
LYS CE  HE2  sing N N 249 
LYS CE  HE3  sing N N 250 
LYS NZ  HZ1  sing N N 251 
LYS NZ  HZ2  sing N N 252 
LYS NZ  HZ3  sing N N 253 
LYS OXT HXT  sing N N 254 
MET N   CA   sing N N 255 
MET N   H    sing N N 256 
MET N   H2   sing N N 257 
MET CA  C    sing N N 258 
MET CA  CB   sing N N 259 
MET CA  HA   sing N N 260 
MET C   O    doub N N 261 
MET C   OXT  sing N N 262 
MET CB  CG   sing N N 263 
MET CB  HB2  sing N N 264 
MET CB  HB3  sing N N 265 
MET CG  SD   sing N N 266 
MET CG  HG2  sing N N 267 
MET CG  HG3  sing N N 268 
MET SD  CE   sing N N 269 
MET CE  HE1  sing N N 270 
MET CE  HE2  sing N N 271 
MET CE  HE3  sing N N 272 
MET OXT HXT  sing N N 273 
PHE N   CA   sing N N 274 
PHE N   H    sing N N 275 
PHE N   H2   sing N N 276 
PHE CA  C    sing N N 277 
PHE CA  CB   sing N N 278 
PHE CA  HA   sing N N 279 
PHE C   O    doub N N 280 
PHE C   OXT  sing N N 281 
PHE CB  CG   sing N N 282 
PHE CB  HB2  sing N N 283 
PHE CB  HB3  sing N N 284 
PHE CG  CD1  doub Y N 285 
PHE CG  CD2  sing Y N 286 
PHE CD1 CE1  sing Y N 287 
PHE CD1 HD1  sing N N 288 
PHE CD2 CE2  doub Y N 289 
PHE CD2 HD2  sing N N 290 
PHE CE1 CZ   doub Y N 291 
PHE CE1 HE1  sing N N 292 
PHE CE2 CZ   sing Y N 293 
PHE CE2 HE2  sing N N 294 
PHE CZ  HZ   sing N N 295 
PHE OXT HXT  sing N N 296 
PRO N   CA   sing N N 297 
PRO N   CD   sing N N 298 
PRO N   H    sing N N 299 
PRO CA  C    sing N N 300 
PRO CA  CB   sing N N 301 
PRO CA  HA   sing N N 302 
PRO C   O    doub N N 303 
PRO C   OXT  sing N N 304 
PRO CB  CG   sing N N 305 
PRO CB  HB2  sing N N 306 
PRO CB  HB3  sing N N 307 
PRO CG  CD   sing N N 308 
PRO CG  HG2  sing N N 309 
PRO CG  HG3  sing N N 310 
PRO CD  HD2  sing N N 311 
PRO CD  HD3  sing N N 312 
PRO OXT HXT  sing N N 313 
SER N   CA   sing N N 314 
SER N   H    sing N N 315 
SER N   H2   sing N N 316 
SER CA  C    sing N N 317 
SER CA  CB   sing N N 318 
SER CA  HA   sing N N 319 
SER C   O    doub N N 320 
SER C   OXT  sing N N 321 
SER CB  OG   sing N N 322 
SER CB  HB2  sing N N 323 
SER CB  HB3  sing N N 324 
SER OG  HG   sing N N 325 
SER OXT HXT  sing N N 326 
SO4 S   O1   doub N N 327 
SO4 S   O2   doub N N 328 
SO4 S   O3   sing N N 329 
SO4 S   O4   sing N N 330 
THR N   CA   sing N N 331 
THR N   H    sing N N 332 
THR N   H2   sing N N 333 
THR CA  C    sing N N 334 
THR CA  CB   sing N N 335 
THR CA  HA   sing N N 336 
THR C   O    doub N N 337 
THR C   OXT  sing N N 338 
THR CB  OG1  sing N N 339 
THR CB  CG2  sing N N 340 
THR CB  HB   sing N N 341 
THR OG1 HG1  sing N N 342 
THR CG2 HG21 sing N N 343 
THR CG2 HG22 sing N N 344 
THR CG2 HG23 sing N N 345 
THR OXT HXT  sing N N 346 
TYR N   CA   sing N N 347 
TYR N   H    sing N N 348 
TYR N   H2   sing N N 349 
TYR CA  C    sing N N 350 
TYR CA  CB   sing N N 351 
TYR CA  HA   sing N N 352 
TYR C   O    doub N N 353 
TYR C   OXT  sing N N 354 
TYR CB  CG   sing N N 355 
TYR CB  HB2  sing N N 356 
TYR CB  HB3  sing N N 357 
TYR CG  CD1  doub Y N 358 
TYR CG  CD2  sing Y N 359 
TYR CD1 CE1  sing Y N 360 
TYR CD1 HD1  sing N N 361 
TYR CD2 CE2  doub Y N 362 
TYR CD2 HD2  sing N N 363 
TYR CE1 CZ   doub Y N 364 
TYR CE1 HE1  sing N N 365 
TYR CE2 CZ   sing Y N 366 
TYR CE2 HE2  sing N N 367 
TYR CZ  OH   sing N N 368 
TYR OH  HH   sing N N 369 
TYR OXT HXT  sing N N 370 
VAL N   CA   sing N N 371 
VAL N   H    sing N N 372 
VAL N   H2   sing N N 373 
VAL CA  C    sing N N 374 
VAL CA  CB   sing N N 375 
VAL CA  HA   sing N N 376 
VAL C   O    doub N N 377 
VAL C   OXT  sing N N 378 
VAL CB  CG1  sing N N 379 
VAL CB  CG2  sing N N 380 
VAL CB  HB   sing N N 381 
VAL CG1 HG11 sing N N 382 
VAL CG1 HG12 sing N N 383 
VAL CG1 HG13 sing N N 384 
VAL CG2 HG21 sing N N 385 
VAL CG2 HG22 sing N N 386 
VAL CG2 HG23 sing N N 387 
VAL OXT HXT  sing N N 388 
# 
_atom_sites.entry_id                    6EPJ 
_atom_sites.fract_transf_matrix[1][1]   -0.00528210 
_atom_sites.fract_transf_matrix[1][2]   -0.01316164 
_atom_sites.fract_transf_matrix[1][3]   0.00249228 
_atom_sites.fract_transf_matrix[2][1]   -0.01251238 
_atom_sites.fract_transf_matrix[2][2]   -0.00153789 
_atom_sites.fract_transf_matrix[2][3]   0.00695748 
_atom_sites.fract_transf_matrix[3][1]   -0.00355539 
_atom_sites.fract_transf_matrix[3][2]   0.00022554 
_atom_sites.fract_transf_matrix[3][3]   -0.00634417 
_atom_sites.fract_transf_vector[1]      0.131892 
_atom_sites.fract_transf_vector[2]      0.594642 
_atom_sites.fract_transf_vector[3]      0.027511 
# 
loop_
_atom_type.symbol 
C 
N 
O 
S 
# 
loop_
_atom_site.group_PDB 
_atom_site.id 
_atom_site.type_symbol 
_atom_site.label_atom_id 
_atom_site.label_alt_id 
_atom_site.label_comp_id 
_atom_site.label_asym_id 
_atom_site.label_entity_id 
_atom_site.label_seq_id 
_atom_site.pdbx_PDB_ins_code 
_atom_site.Cartn_x 
_atom_site.Cartn_y 
_atom_site.Cartn_z 
_atom_site.occupancy 
_atom_site.B_iso_or_equiv 
_atom_site.pdbx_formal_charge 
_atom_site.auth_seq_id 
_atom_site.auth_comp_id 
_atom_site.auth_asym_id 
_atom_site.auth_atom_id 
_atom_site.pdbx_PDB_model_num 
ATOM   1    N N   . SER A 1 1   ? 0.737   -26.201 5.888   1.00 41.84 ? 979  SER A N   1 
ATOM   2    C CA  . SER A 1 1   ? 1.322   -26.761 7.099   1.00 40.50 ? 979  SER A CA  1 
ATOM   3    C C   . SER A 1 1   ? 1.367   -25.721 8.207   1.00 49.52 ? 979  SER A C   1 
ATOM   4    O O   . SER A 1 1   ? 1.199   -24.526 7.951   1.00 40.51 ? 979  SER A O   1 
ATOM   5    C CB  . SER A 1 1   ? 2.728   -27.281 6.826   1.00 49.63 ? 979  SER A CB  1 
ATOM   6    O OG  . SER A 1 1   ? 3.633   -26.200 6.688   1.00 46.88 ? 979  SER A OG  1 
ATOM   7    N N   . MET A 1 2   ? 1.610   -26.181 9.436   1.00 46.98 ? 980  MET A N   1 
ATOM   8    C CA  . MET A 1 2   ? 1.677   -25.263 10.568  1.00 48.86 ? 980  MET A CA  1 
ATOM   9    C C   . MET A 1 2   ? 2.862   -24.315 10.444  1.00 39.54 ? 980  MET A C   1 
ATOM   10   O O   . MET A 1 2   ? 2.757   -23.136 10.806  1.00 45.14 ? 980  MET A O   1 
ATOM   11   C CB  . MET A 1 2   ? 1.750   -26.045 11.880  1.00 56.67 ? 980  MET A CB  1 
ATOM   12   N N   . GLN A 1 3   ? 4.000   -24.807 9.940   1.00 41.51 ? 981  GLN A N   1 
ATOM   13   C CA  . GLN A 1 3   ? 5.152   -23.929 9.751   1.00 43.51 ? 981  GLN A CA  1 
ATOM   14   C C   . GLN A 1 3   ? 4.884   -22.870 8.692   1.00 36.98 ? 981  GLN A C   1 
ATOM   15   O O   . GLN A 1 3   ? 5.368   -21.740 8.816   1.00 34.55 ? 981  GLN A O   1 
ATOM   16   C CB  . GLN A 1 3   ? 6.397   -24.732 9.371   1.00 46.52 ? 981  GLN A CB  1 
ATOM   17   C CG  . GLN A 1 3   ? 6.686   -25.920 10.273  1.00 54.99 ? 981  GLN A CG  1 
ATOM   18   C CD  . GLN A 1 3   ? 6.441   -27.239 9.572   1.00 58.32 ? 981  GLN A CD  1 
ATOM   19   O OE1 . GLN A 1 3   ? 5.299   -27.688 9.448   1.00 60.88 ? 981  GLN A OE1 1 
ATOM   20   N NE2 . GLN A 1 3   ? 7.512   -27.866 9.101   1.00 61.32 ? 981  GLN A NE2 1 
ATOM   21   N N   . GLU A 1 4   ? 4.136   -23.215 7.642   1.00 31.52 ? 982  GLU A N   1 
ATOM   22   C CA  . GLU A 1 4   ? 3.793   -22.217 6.636   1.00 24.61 ? 982  GLU A CA  1 
ATOM   23   C C   . GLU A 1 4   ? 2.852   -21.168 7.212   1.00 26.74 ? 982  GLU A C   1 
ATOM   24   O O   . GLU A 1 4   ? 2.985   -19.975 6.912   1.00 24.45 ? 982  GLU A O   1 
ATOM   25   C CB  . GLU A 1 4   ? 3.179   -22.905 5.414   1.00 30.71 ? 982  GLU A CB  1 
ATOM   26   C CG  . GLU A 1 4   ? 4.228   -23.705 4.651   1.00 28.35 ? 982  GLU A CG  1 
ATOM   27   C CD  . GLU A 1 4   ? 3.642   -24.519 3.521   1.00 37.02 ? 982  GLU A CD  1 
ATOM   28   O OE1 . GLU A 1 4   ? 2.400   -24.656 3.472   1.00 38.72 ? 982  GLU A OE1 1 
ATOM   29   O OE2 . GLU A 1 4   ? 4.427   -25.030 2.694   1.00 30.25 ? 982  GLU A OE2 1 
ATOM   30   N N   . GLU A 1 5   ? 1.902   -21.582 8.054   1.00 26.18 ? 983  GLU A N   1 
ATOM   31   C CA  . GLU A 1 5   ? 1.020   -20.584 8.649   1.00 29.12 ? 983  GLU A CA  1 
ATOM   32   C C   . GLU A 1 5   ? 1.784   -19.659 9.589   1.00 26.62 ? 983  GLU A C   1 
ATOM   33   O O   . GLU A 1 5   ? 1.456   -18.469 9.681   1.00 24.61 ? 983  GLU A O   1 
ATOM   34   C CB  . GLU A 1 5   ? -0.146  -21.256 9.373   1.00 34.02 ? 983  GLU A CB  1 
ATOM   35   C CG  . GLU A 1 5   ? -1.122  -21.956 8.432   1.00 38.33 ? 983  GLU A CG  1 
ATOM   36   C CD  . GLU A 1 5   ? -1.603  -21.060 7.297   1.00 47.43 ? 983  GLU A CD  1 
ATOM   37   O OE1 . GLU A 1 5   ? -1.982  -19.896 7.560   1.00 51.82 ? 983  GLU A OE1 1 
ATOM   38   O OE2 . GLU A 1 5   ? -1.605  -21.519 6.136   1.00 52.12 ? 983  GLU A OE2 1 
ATOM   39   N N   . ASP A 1 6   ? 2.811   -20.174 10.274  1.00 25.06 ? 984  ASP A N   1 
ATOM   40   C CA  . ASP A 1 6   ? 3.660   -19.311 11.094  1.00 25.29 ? 984  ASP A CA  1 
ATOM   41   C C   . ASP A 1 6   ? 4.386   -18.291 10.228  1.00 22.17 ? 984  ASP A C   1 
ATOM   42   O O   . ASP A 1 6   ? 4.580   -17.135 10.636  1.00 21.60 ? 984  ASP A O   1 
ATOM   43   C CB  . ASP A 1 6   ? 4.675   -20.145 11.874  1.00 30.34 ? 984  ASP A CB  1 
ATOM   44   C CG  . ASP A 1 6   ? 4.043   -20.903 13.027  1.00 38.96 ? 984  ASP A CG  1 
ATOM   45   O OD1 . ASP A 1 6   ? 2.864   -20.635 13.349  1.00 43.00 ? 984  ASP A OD1 1 
ATOM   46   O OD2 . ASP A 1 6   ? 4.728   -21.776 13.599  1.00 50.17 ? 984  ASP A OD2 1 
ATOM   47   N N   . THR A 1 7   ? 4.816   -18.710 9.039   1.00 21.18 ? 985  THR A N   1 
ATOM   48   C CA  . THR A 1 7   ? 5.499   -17.792 8.132   1.00 20.18 ? 985  THR A CA  1 
ATOM   49   C C   . THR A 1 7   ? 4.560   -16.674 7.706   1.00 19.95 ? 985  THR A C   1 
ATOM   50   O O   . THR A 1 7   ? 4.923   -15.493 7.745   1.00 20.21 ? 985  THR A O   1 
ATOM   51   C CB  . THR A 1 7   ? 6.024   -18.550 6.914   1.00 23.75 ? 985  THR A CB  1 
ATOM   52   O OG1 . THR A 1 7   ? 6.989   -19.528 7.338   1.00 24.25 ? 985  THR A OG1 1 
ATOM   53   C CG2 . THR A 1 7   ? 6.689   -17.587 5.923   1.00 21.38 ? 985  THR A CG2 1 
ATOM   54   N N   . PHE A 1 8   ? 3.329   -17.027 7.313   1.00 19.05 ? 986  PHE A N   1 
ATOM   55   C CA  . PHE A 1 8   ? 2.398   -15.985 6.894   1.00 20.05 ? 986  PHE A CA  1 
ATOM   56   C C   . PHE A 1 8   ? 1.992   -15.083 8.057   1.00 19.79 ? 986  PHE A C   1 
ATOM   57   O O   . PHE A 1 8   ? 1.748   -13.887 7.848   1.00 19.76 ? 986  PHE A O   1 
ATOM   58   C CB  . PHE A 1 8   ? 1.184   -16.618 6.214   1.00 21.24 ? 986  PHE A CB  1 
ATOM   59   C CG  . PHE A 1 8   ? 1.506   -17.206 4.867   1.00 24.62 ? 986  PHE A CG  1 
ATOM   60   C CD1 . PHE A 1 8   ? 2.329   -16.524 3.982   1.00 24.26 ? 986  PHE A CD1 1 
ATOM   61   C CD2 . PHE A 1 8   ? 1.024   -18.444 4.502   1.00 30.69 ? 986  PHE A CD2 1 
ATOM   62   C CE1 . PHE A 1 8   ? 2.643   -17.056 2.748   1.00 27.26 ? 986  PHE A CE1 1 
ATOM   63   C CE2 . PHE A 1 8   ? 1.337   -18.987 3.265   1.00 26.18 ? 986  PHE A CE2 1 
ATOM   64   C CZ  . PHE A 1 8   ? 2.137   -18.289 2.385   1.00 28.19 ? 986  PHE A CZ  1 
ATOM   65   N N   . ARG A 1 9   ? 1.942   -15.605 9.289   1.00 18.47 ? 987  ARG A N   1 
ATOM   66   C CA  A ARG A 1 9   ? 1.624   -14.735 10.416  0.64 18.24 ? 987  ARG A CA  1 
ATOM   67   C CA  B ARG A 1 9   ? 1.624   -14.738 10.417  0.36 18.24 ? 987  ARG A CA  1 
ATOM   68   C C   . ARG A 1 9   ? 2.730   -13.716 10.648  1.00 18.47 ? 987  ARG A C   1 
ATOM   69   O O   . ARG A 1 9   ? 2.452   -12.543 10.923  1.00 19.32 ? 987  ARG A O   1 
ATOM   70   C CB  A ARG A 1 9   ? 1.383   -15.556 11.683  0.64 20.79 ? 987  ARG A CB  1 
ATOM   71   C CB  B ARG A 1 9   ? 1.385   -15.571 11.676  0.36 20.88 ? 987  ARG A CB  1 
ATOM   72   C CG  A ARG A 1 9   ? 1.052   -14.670 12.875  0.64 22.88 ? 987  ARG A CG  1 
ATOM   73   C CG  B ARG A 1 9   ? 0.703   -14.801 12.799  0.36 22.97 ? 987  ARG A CG  1 
ATOM   74   C CD  A ARG A 1 9   ? 0.474   -15.451 14.043  0.64 22.95 ? 987  ARG A CD  1 
ATOM   75   C CD  B ARG A 1 9   ? 0.076   -15.748 13.820  0.36 23.84 ? 987  ARG A CD  1 
ATOM   76   N NE  A ARG A 1 9   ? 0.015   -14.546 15.093  0.64 23.43 ? 987  ARG A NE  1 
ATOM   77   N NE  B ARG A 1 9   ? 0.827   -16.996 13.923  0.36 30.46 ? 987  ARG A NE  1 
ATOM   78   C CZ  A ARG A 1 9   ? 0.689   -14.295 16.210  0.64 26.94 ? 987  ARG A CZ  1 
ATOM   79   C CZ  B ARG A 1 9   ? 0.361   -18.186 13.551  0.36 28.70 ? 987  ARG A CZ  1 
ATOM   80   N NH1 A ARG A 1 9   ? 1.868   -14.873 16.429  0.64 23.43 ? 987  ARG A NH1 1 
ATOM   81   N NH1 B ARG A 1 9   ? -0.864  -18.304 13.052  0.36 31.11 ? 987  ARG A NH1 1 
ATOM   82   N NH2 A ARG A 1 9   ? 0.192   -13.452 17.104  0.64 27.38 ? 987  ARG A NH2 1 
ATOM   83   N NH2 B ARG A 1 9   ? 1.122   -19.258 13.683  0.36 30.21 ? 987  ARG A NH2 1 
ATOM   84   N N   . GLU A 1 10  ? 3.991   -14.139 10.531  1.00 18.04 ? 988  GLU A N   1 
ATOM   85   C CA  . GLU A 1 10  ? 5.088   -13.176 10.639  1.00 17.44 ? 988  GLU A CA  1 
ATOM   86   C C   . GLU A 1 10  ? 4.999   -12.122 9.536   1.00 18.08 ? 988  GLU A C   1 
ATOM   87   O O   . GLU A 1 10  ? 5.235   -10.933 9.783   1.00 18.63 ? 988  GLU A O   1 
ATOM   88   C CB  . GLU A 1 10  ? 6.448   -13.882 10.589  1.00 20.41 ? 988  GLU A CB  1 
ATOM   89   C CG  . GLU A 1 10  ? 7.591   -12.865 10.628  1.00 19.32 ? 988  GLU A CG  1 
ATOM   90   C CD  . GLU A 1 10  ? 8.961   -13.450 10.930  1.00 27.97 ? 988  GLU A CD  1 
ATOM   91   O OE1 . GLU A 1 10  ? 9.949   -12.681 10.809  1.00 26.28 ? 988  GLU A OE1 1 
ATOM   92   O OE2 . GLU A 1 10  ? 9.052   -14.646 11.290  1.00 27.02 ? 988  GLU A OE2 1 
ATOM   93   N N   . LEU A 1 11  ? 4.634   -12.533 8.319   1.00 17.39 ? 989  LEU A N   1 
ATOM   94   C CA  . LEU A 1 11  ? 4.470   -11.556 7.245   1.00 17.52 ? 989  LEU A CA  1 
ATOM   95   C C   . LEU A 1 11  ? 3.403   -10.528 7.599   1.00 17.51 ? 989  LEU A C   1 
ATOM   96   O O   . LEU A 1 11  ? 3.605   -9.320  7.428   1.00 18.09 ? 989  LEU A O   1 
ATOM   97   C CB  . LEU A 1 11  ? 4.123   -12.270 5.936   1.00 17.84 ? 989  LEU A CB  1 
ATOM   98   C CG  . LEU A 1 11  ? 3.771   -11.338 4.778   1.00 18.81 ? 989  LEU A CG  1 
ATOM   99   C CD1 . LEU A 1 11  ? 4.976   -10.529 4.367   1.00 21.72 ? 989  LEU A CD1 1 
ATOM   100  C CD2 . LEU A 1 11  ? 3.225   -12.123 3.598   1.00 24.40 ? 989  LEU A CD2 1 
ATOM   101  N N   . ARG A 1 12  ? 2.262   -10.985 8.129   1.00 17.24 ? 990  ARG A N   1 
ATOM   102  C CA  . ARG A 1 12  ? 1.195   -10.048 8.491   1.00 17.27 ? 990  ARG A CA  1 
ATOM   103  C C   . ARG A 1 12  ? 1.648   -9.071  9.570   1.00 18.55 ? 990  ARG A C   1 
ATOM   104  O O   . ARG A 1 12  ? 1.338   -7.877  9.499   1.00 17.40 ? 990  ARG A O   1 
ATOM   105  C CB  . ARG A 1 12  ? -0.054  -10.807 8.949   1.00 16.76 ? 990  ARG A CB  1 
ATOM   106  C CG  . ARG A 1 12  ? -0.688  -11.615 7.828   1.00 17.18 ? 990  ARG A CG  1 
ATOM   107  C CD  . ARG A 1 12  ? -2.079  -12.096 8.245   1.00 18.77 ? 990  ARG A CD  1 
ATOM   108  N NE  . ARG A 1 12  ? -2.047  -13.026 9.383   1.00 20.15 ? 990  ARG A NE  1 
ATOM   109  C CZ  . ARG A 1 12  ? -1.891  -14.341 9.246   1.00 22.17 ? 990  ARG A CZ  1 
ATOM   110  N NH1 . ARG A 1 12  ? -1.713  -14.857 8.039   1.00 21.71 ? 990  ARG A NH1 1 
ATOM   111  N NH2 . ARG A 1 12  ? -1.901  -15.140 10.312  1.00 23.12 ? 990  ARG A NH2 1 
ATOM   112  N N   . ILE A 1 13  ? 2.370   -9.564  10.586  1.00 16.02 ? 991  ILE A N   1 
ATOM   113  C CA  . ILE A 1 13  ? 2.882   -8.685  11.637  1.00 15.90 ? 991  ILE A CA  1 
ATOM   114  C C   . ILE A 1 13  ? 3.791   -7.619  11.029  1.00 17.30 ? 991  ILE A C   1 
ATOM   115  O O   . ILE A 1 13  ? 3.689   -6.427  11.358  1.00 18.31 ? 991  ILE A O   1 
ATOM   116  C CB  . ILE A 1 13  ? 3.596   -9.521  12.717  1.00 17.31 ? 991  ILE A CB  1 
ATOM   117  C CG1 . ILE A 1 13  ? 2.568   -10.398 13.429  1.00 20.80 ? 991  ILE A CG1 1 
ATOM   118  C CG2 . ILE A 1 13  ? 4.332   -8.629  13.711  1.00 21.10 ? 991  ILE A CG2 1 
ATOM   119  C CD1 . ILE A 1 13  ? 3.204   -11.526 14.248  1.00 24.11 ? 991  ILE A CD1 1 
ATOM   120  N N   . PHE A 1 14  ? 4.671   -8.030  10.114  1.00 16.22 ? 992  PHE A N   1 
ATOM   121  C CA  . PHE A 1 14  ? 5.555   -7.079  9.445   1.00 18.59 ? 992  PHE A CA  1 
ATOM   122  C C   . PHE A 1 14  ? 4.751   -6.051  8.659   1.00 19.32 ? 992  PHE A C   1 
ATOM   123  O O   . PHE A 1 14  ? 5.004   -4.842  8.755   1.00 18.02 ? 992  PHE A O   1 
ATOM   124  C CB  . PHE A 1 14  ? 6.516   -7.829  8.520   1.00 19.01 ? 992  PHE A CB  1 
ATOM   125  C CG  . PHE A 1 14  ? 7.382   -6.930  7.686   1.00 19.58 ? 992  PHE A CG  1 
ATOM   126  C CD1 . PHE A 1 14  ? 8.449   -6.255  8.251   1.00 26.42 ? 992  PHE A CD1 1 
ATOM   127  C CD2 . PHE A 1 14  ? 7.127   -6.774  6.339   1.00 24.34 ? 992  PHE A CD2 1 
ATOM   128  C CE1 . PHE A 1 14  ? 9.241   -5.422  7.484   1.00 26.99 ? 992  PHE A CE1 1 
ATOM   129  C CE2 . PHE A 1 14  ? 7.917   -5.940  5.571   1.00 25.19 ? 992  PHE A CE2 1 
ATOM   130  C CZ  . PHE A 1 14  ? 8.976   -5.275  6.152   1.00 22.49 ? 992  PHE A CZ  1 
ATOM   131  N N   . LEU A 1 15  ? 3.770   -6.513  7.881   1.00 17.95 ? 993  LEU A N   1 
ATOM   132  C CA  . LEU A 1 15  ? 3.007   -5.593  7.033   1.00 15.93 ? 993  LEU A CA  1 
ATOM   133  C C   . LEU A 1 15  ? 2.168   -4.625  7.861   1.00 17.43 ? 993  LEU A C   1 
ATOM   134  O O   . LEU A 1 15  ? 1.999   -3.460  7.475   1.00 17.55 ? 993  LEU A O   1 
ATOM   135  C CB  . LEU A 1 15  ? 2.111   -6.369  6.069   1.00 16.66 ? 993  LEU A CB  1 
ATOM   136  C CG  . LEU A 1 15  ? 2.825   -7.237  5.045   1.00 19.01 ? 993  LEU A CG  1 
ATOM   137  C CD1 . LEU A 1 15  ? 1.799   -7.970  4.164   1.00 19.36 ? 993  LEU A CD1 1 
ATOM   138  C CD2 . LEU A 1 15  ? 3.805   -6.401  4.198   1.00 20.03 ? 993  LEU A CD2 1 
ATOM   139  N N   . ARG A 1 16  ? 1.600   -5.081  8.986   1.00 16.91 ? 994  ARG A N   1 
ATOM   140  C CA  . ARG A 1 16  ? 0.870   -4.149  9.842   1.00 17.37 ? 994  ARG A CA  1 
ATOM   141  C C   . ARG A 1 16  ? 1.796   -3.073  10.387  1.00 18.45 ? 994  ARG A C   1 
ATOM   142  O O   . ARG A 1 16  ? 1.403   -1.909  10.517  1.00 20.07 ? 994  ARG A O   1 
ATOM   143  C CB  . ARG A 1 16  ? 0.209   -4.872  11.017  1.00 19.85 ? 994  ARG A CB  1 
ATOM   144  C CG  . ARG A 1 16  ? -0.951  -5.744  10.637  1.00 19.65 ? 994  ARG A CG  1 
ATOM   145  C CD  . ARG A 1 16  ? -1.692  -6.207  11.905  1.00 22.74 ? 994  ARG A CD  1 
ATOM   146  N NE  . ARG A 1 16  ? -2.553  -7.317  11.539  1.00 21.33 ? 994  ARG A NE  1 
ATOM   147  C CZ  . ARG A 1 16  ? -2.215  -8.602  11.635  1.00 22.25 ? 994  ARG A CZ  1 
ATOM   148  N NH1 . ARG A 1 16  ? -1.039  -8.966  12.146  1.00 22.33 ? 994  ARG A NH1 1 
ATOM   149  N NH2 . ARG A 1 16  ? -3.064  -9.527  11.226  1.00 26.63 ? 994  ARG A NH2 1 
ATOM   150  N N   . ASN A 1 17  ? 3.026   -3.453  10.737  1.00 16.89 ? 995  ASN A N   1 
ATOM   151  C CA  . ASN A 1 17  ? 3.973   -2.486  11.277  1.00 17.64 ? 995  ASN A CA  1 
ATOM   152  C C   . ASN A 1 17  ? 4.361   -1.443  10.227  1.00 18.56 ? 995  ASN A C   1 
ATOM   153  O O   . ASN A 1 17  ? 4.328   -0.235  10.502  1.00 19.67 ? 995  ASN A O   1 
ATOM   154  C CB  . ASN A 1 17  ? 5.208   -3.207  11.806  1.00 18.34 ? 995  ASN A CB  1 
ATOM   155  C CG  . ASN A 1 17  ? 6.258   -2.234  12.286  1.00 23.21 ? 995  ASN A CG  1 
ATOM   156  O OD1 . ASN A 1 17  ? 7.187   -1.931  11.566  1.00 24.91 ? 995  ASN A OD1 1 
ATOM   157  N ND2 . ASN A 1 17  ? 6.083   -1.708  13.495  1.00 29.34 ? 995  ASN A ND2 1 
ATOM   158  N N   . VAL A 1 18  ? 4.686   -1.884  9.008   1.00 17.20 ? 996  VAL A N   1 
ATOM   159  C CA  . VAL A 1 18  ? 4.985   -0.932  7.928   1.00 16.26 ? 996  VAL A CA  1 
ATOM   160  C C   . VAL A 1 18  ? 3.792   -0.017  7.681   1.00 18.01 ? 996  VAL A C   1 
ATOM   161  O O   . VAL A 1 18  ? 3.933   1.208   7.578   1.00 19.69 ? 996  VAL A O   1 
ATOM   162  C CB  . VAL A 1 18  ? 5.379   -1.674  6.638   1.00 19.37 ? 996  VAL A CB  1 
ATOM   163  C CG1 . VAL A 1 18  ? 5.608   -0.666  5.488   1.00 21.01 ? 996  VAL A CG1 1 
ATOM   164  C CG2 . VAL A 1 18  ? 6.615   -2.529  6.863   1.00 20.80 ? 996  VAL A CG2 1 
ATOM   165  N N   . THR A 1 19  ? 2.594   -0.599  7.568   1.00 15.41 ? 997  THR A N   1 
ATOM   166  C CA  . THR A 1 19  ? 1.420   0.215   7.239   1.00 16.63 ? 997  THR A CA  1 
ATOM   167  C C   . THR A 1 19  ? 1.136   1.239   8.329   1.00 18.31 ? 997  THR A C   1 
ATOM   168  O O   . THR A 1 19  ? 0.760   2.384   8.044   1.00 19.63 ? 997  THR A O   1 
ATOM   169  C CB  . THR A 1 19  ? 0.208   -0.687  7.030   1.00 16.29 ? 997  THR A CB  1 
ATOM   170  O OG1 . THR A 1 19  ? 0.547   -1.702  6.083   1.00 17.71 ? 997  THR A OG1 1 
ATOM   171  C CG2 . THR A 1 19  ? -0.971  0.128   6.484   1.00 23.00 ? 997  THR A CG2 1 
ATOM   172  N N   . HIS A 1 20  ? 1.292   0.838   9.591   1.00 17.87 ? 998  HIS A N   1 
ATOM   173  C CA  . HIS A 1 20  ? 1.082   1.778   10.683  1.00 20.20 ? 998  HIS A CA  1 
ATOM   174  C C   . HIS A 1 20  ? 2.048   2.948   10.589  1.00 20.16 ? 998  HIS A C   1 
ATOM   175  O O   . HIS A 1 20  ? 1.665   4.100   10.817  1.00 20.25 ? 998  HIS A O   1 
ATOM   176  C CB  . HIS A 1 20  ? 1.245   1.061   12.024  1.00 19.76 ? 998  HIS A CB  1 
ATOM   177  C CG  . HIS A 1 20  ? 1.001   1.945   13.203  1.00 24.67 ? 998  HIS A CG  1 
ATOM   178  N ND1 . HIS A 1 20  ? 2.008   2.365   14.045  1.00 35.89 ? 998  HIS A ND1 1 
ATOM   179  C CD2 . HIS A 1 20  ? -0.140  2.509   13.669  1.00 29.72 ? 998  HIS A CD2 1 
ATOM   180  C CE1 . HIS A 1 20  ? 1.499   3.140   14.987  1.00 33.91 ? 998  HIS A CE1 1 
ATOM   181  N NE2 . HIS A 1 20  ? 0.198   3.246   14.779  1.00 37.80 ? 998  HIS A NE2 1 
ATOM   182  N N   . ARG A 1 21  ? 3.312   2.672   10.252  1.00 17.91 ? 999  ARG A N   1 
ATOM   183  C CA  . ARG A 1 21  ? 4.293   3.749   10.169  1.00 17.50 ? 999  ARG A CA  1 
ATOM   184  C C   . ARG A 1 21  ? 3.983   4.694   9.021   1.00 21.28 ? 999  ARG A C   1 
ATOM   185  O O   . ARG A 1 21  ? 4.253   5.898   9.125   1.00 22.48 ? 999  ARG A O   1 
ATOM   186  C CB  . ARG A 1 21  ? 5.692   3.169   10.038  1.00 20.23 ? 999  ARG A CB  1 
ATOM   187  C CG  . ARG A 1 21  ? 6.176   2.558   11.366  1.00 22.30 ? 999  ARG A CG  1 
ATOM   188  C CD  . ARG A 1 21  ? 7.117   1.380   11.137  1.00 25.12 ? 999  ARG A CD  1 
ATOM   189  N NE  . ARG A 1 21  ? 8.379   1.833   10.592  1.00 24.46 ? 999  ARG A NE  1 
ATOM   190  C CZ  . ARG A 1 21  ? 9.361   1.025   10.214  1.00 21.34 ? 999  ARG A CZ  1 
ATOM   191  N NH1 . ARG A 1 21  ? 9.224   -0.301  10.336  1.00 23.34 ? 999  ARG A NH1 1 
ATOM   192  N NH2 . ARG A 1 21  ? 10.476  1.547   9.716   1.00 21.97 ? 999  ARG A NH2 1 
ATOM   193  N N   . LEU A 1 22  ? 3.393   4.183   7.937   1.00 17.91 ? 1000 LEU A N   1 
ATOM   194  C CA  . LEU A 1 22  ? 2.959   5.080   6.868   1.00 18.86 ? 1000 LEU A CA  1 
ATOM   195  C C   . LEU A 1 22  ? 1.752   5.891   7.303   1.00 20.46 ? 1000 LEU A C   1 
ATOM   196  O O   . LEU A 1 22  ? 1.671   7.093   7.031   1.00 21.93 ? 1000 LEU A O   1 
ATOM   197  C CB  . LEU A 1 22  ? 2.632   4.277   5.602   1.00 18.09 ? 1000 LEU A CB  1 
ATOM   198  C CG  . LEU A 1 22  ? 3.777   3.436   5.022   1.00 19.27 ? 1000 LEU A CG  1 
ATOM   199  C CD1 . LEU A 1 22  ? 3.275   2.523   3.873   1.00 19.94 ? 1000 LEU A CD1 1 
ATOM   200  C CD2 . LEU A 1 22  ? 4.925   4.326   4.528   1.00 21.60 ? 1000 LEU A CD2 1 
ATOM   201  N N   . ALA A 1 23  ? 0.805   5.251   7.993   1.00 19.55 ? 1001 ALA A N   1 
ATOM   202  C CA  . ALA A 1 23  ? -0.472  5.894   8.288   1.00 20.86 ? 1001 ALA A CA  1 
ATOM   203  C C   . ALA A 1 23  ? -0.358  6.992   9.333   1.00 24.38 ? 1001 ALA A C   1 
ATOM   204  O O   . ALA A 1 23  ? -1.232  7.867   9.385   1.00 25.48 ? 1001 ALA A O   1 
ATOM   205  C CB  . ALA A 1 23  ? -1.490  4.857   8.756   1.00 22.26 ? 1001 ALA A CB  1 
ATOM   206  N N   . ILE A 1 24  ? 0.672   6.955   10.182  1.00 22.47 ? 1002 ILE A N   1 
ATOM   207  C CA  . ILE A 1 24  ? 0.834   8.005   11.188  1.00 24.30 ? 1002 ILE A CA  1 
ATOM   208  C C   . ILE A 1 24  ? 1.672   9.167   10.679  1.00 29.72 ? 1002 ILE A C   1 
ATOM   209  O O   . ILE A 1 24  ? 1.778   10.194  11.368  1.00 31.10 ? 1002 ILE A O   1 
ATOM   210  C CB  . ILE A 1 24  ? 1.451   7.450   12.488  1.00 26.51 ? 1002 ILE A CB  1 
ATOM   211  C CG1 . ILE A 1 24  ? 2.896   7.009   12.253  1.00 27.20 ? 1002 ILE A CG1 1 
ATOM   212  C CG2 . ILE A 1 24  ? 0.619   6.293   13.017  1.00 29.03 ? 1002 ILE A CG2 1 
ATOM   213  C CD1 . ILE A 1 24  ? 3.502   6.252   13.418  1.00 37.02 ? 1002 ILE A CD1 1 
ATOM   214  N N   . ASP A 1 25  ? 2.265   9.047   9.492   1.00 25.82 ? 1003 ASP A N   1 
ATOM   215  C CA  . ASP A 1 25  ? 3.060   10.119  8.905   1.00 25.21 ? 1003 ASP A CA  1 
ATOM   216  C C   . ASP A 1 25  ? 2.129   11.224  8.408   1.00 23.80 ? 1003 ASP A C   1 
ATOM   217  O O   . ASP A 1 25  ? 1.249   10.968  7.581   1.00 25.21 ? 1003 ASP A O   1 
ATOM   218  C CB  . ASP A 1 25  ? 3.903   9.542   7.766   1.00 24.83 ? 1003 ASP A CB  1 
ATOM   219  C CG  . ASP A 1 25  ? 4.984   10.486  7.284   1.00 28.38 ? 1003 ASP A CG  1 
ATOM   220  O OD1 . ASP A 1 25  ? 4.675   11.661  7.011   1.00 29.00 ? 1003 ASP A OD1 1 
ATOM   221  O OD2 . ASP A 1 25  ? 6.135   10.033  7.135   1.00 31.57 ? 1003 ASP A OD2 1 
ATOM   222  N N   . LYS A 1 26  ? 2.331   12.459  8.893   1.00 28.14 ? 1004 LYS A N   1 
ATOM   223  C CA  . LYS A 1 26  ? 1.410   13.540  8.546   1.00 28.04 ? 1004 LYS A CA  1 
ATOM   224  C C   . LYS A 1 26  ? 1.331   13.778  7.039   1.00 23.24 ? 1004 LYS A C   1 
ATOM   225  O O   . LYS A 1 26  ? 0.288   14.216  6.537   1.00 28.33 ? 1004 LYS A O   1 
ATOM   226  C CB  . LYS A 1 26  ? 1.820   14.830  9.266   1.00 31.15 ? 1004 LYS A CB  1 
ATOM   227  C CG  . LYS A 1 26  ? 3.197   15.336  8.888   1.00 41.12 ? 1004 LYS A CG  1 
ATOM   228  N N   . ARG A 1 27  ? 2.405   13.492  6.304   1.00 24.08 ? 1005 ARG A N   1 
ATOM   229  C CA  . ARG A 1 27  ? 2.385   13.701  4.856   1.00 25.13 ? 1005 ARG A CA  1 
ATOM   230  C C   . ARG A 1 27  ? 1.383   12.805  4.158   1.00 24.15 ? 1005 ARG A C   1 
ATOM   231  O O   . ARG A 1 27  ? 0.946   13.124  3.048   1.00 24.35 ? 1005 ARG A O   1 
ATOM   232  C CB  . ARG A 1 27  ? 3.748   13.419  4.231   1.00 28.01 ? 1005 ARG A CB  1 
ATOM   233  C CG  . ARG A 1 27  ? 4.864   14.342  4.634   1.00 31.29 ? 1005 ARG A CG  1 
ATOM   234  C CD  . ARG A 1 27  ? 6.161   13.802  4.067   1.00 28.09 ? 1005 ARG A CD  1 
ATOM   235  N NE  . ARG A 1 27  ? 6.558   12.557  4.704   1.00 29.78 ? 1005 ARG A NE  1 
ATOM   236  C CZ  . ARG A 1 27  ? 7.551   11.784  4.284   1.00 30.49 ? 1005 ARG A CZ  1 
ATOM   237  N NH1 . ARG A 1 27  ? 8.259   12.131  3.213   1.00 33.24 ? 1005 ARG A NH1 1 
ATOM   238  N NH2 . ARG A 1 27  ? 7.842   10.669  4.935   1.00 31.71 ? 1005 ARG A NH2 1 
ATOM   239  N N   . PHE A 1 28  ? 1.038   11.671  4.762   1.00 23.03 ? 1006 PHE A N   1 
ATOM   240  C CA  . PHE A 1 28  ? 0.231   10.672  4.076   1.00 19.56 ? 1006 PHE A CA  1 
ATOM   241  C C   . PHE A 1 28  ? -1.195  10.637  4.594   1.00 23.67 ? 1006 PHE A C   1 
ATOM   242  O O   . PHE A 1 28  ? -1.929  9.689   4.307   1.00 21.74 ? 1006 PHE A O   1 
ATOM   243  C CB  . PHE A 1 28  ? 0.890   9.296   4.194   1.00 19.26 ? 1006 PHE A CB  1 
ATOM   244  C CG  . PHE A 1 28  ? 2.328   9.287   3.767   1.00 20.17 ? 1006 PHE A CG  1 
ATOM   245  C CD1 . PHE A 1 28  ? 2.760   10.083  2.704   1.00 21.57 ? 1006 PHE A CD1 1 
ATOM   246  C CD2 . PHE A 1 28  ? 3.255   8.486   4.419   1.00 21.05 ? 1006 PHE A CD2 1 
ATOM   247  C CE1 . PHE A 1 28  ? 4.094   10.091  2.323   1.00 22.09 ? 1006 PHE A CE1 1 
ATOM   248  C CE2 . PHE A 1 28  ? 4.583   8.467   4.031   1.00 22.11 ? 1006 PHE A CE2 1 
ATOM   249  C CZ  . PHE A 1 28  ? 5.013   9.276   2.984   1.00 23.34 ? 1006 PHE A CZ  1 
ATOM   250  N N   . ARG A 1 29  ? -1.623  11.688  5.306   1.00 24.42 ? 1007 ARG A N   1 
ATOM   251  C CA  . ARG A 1 29  ? -2.970  11.700  5.861   1.00 26.47 ? 1007 ARG A CA  1 
ATOM   252  C C   . ARG A 1 29  ? -4.026  11.528  4.774   1.00 23.87 ? 1007 ARG A C   1 
ATOM   253  O O   . ARG A 1 29  ? -5.044  10.862  4.992   1.00 24.31 ? 1007 ARG A O   1 
ATOM   254  C CB  . ARG A 1 29  ? -3.208  12.993  6.645   1.00 28.49 ? 1007 ARG A CB  1 
ATOM   255  C CG  . ARG A 1 29  ? -4.554  13.015  7.354   1.00 34.08 ? 1007 ARG A CG  1 
ATOM   256  C CD  . ARG A 1 29  ? -5.004  14.429  7.697   1.00 47.93 ? 1007 ARG A CD  1 
ATOM   257  N NE  . ARG A 1 29  ? -4.504  15.417  6.743   1.00 57.72 ? 1007 ARG A NE  1 
ATOM   258  C CZ  . ARG A 1 29  ? -5.213  15.922  5.735   1.00 53.80 ? 1007 ARG A CZ  1 
ATOM   259  N NH1 . ARG A 1 29  ? -4.664  16.816  4.922   1.00 57.54 ? 1007 ARG A NH1 1 
ATOM   260  N NH2 . ARG A 1 29  ? -6.461  15.526  5.529   1.00 52.71 ? 1007 ARG A NH2 1 
ATOM   261  N N   . VAL A 1 30  ? -3.792  12.092  3.582   1.00 24.07 ? 1008 VAL A N   1 
ATOM   262  C CA  . VAL A 1 30  ? -4.805  12.014  2.529   1.00 23.59 ? 1008 VAL A CA  1 
ATOM   263  C C   . VAL A 1 30  ? -4.985  10.591  2.016   1.00 24.67 ? 1008 VAL A C   1 
ATOM   264  O O   . VAL A 1 30  ? -5.982  10.297  1.350   1.00 25.38 ? 1008 VAL A O   1 
ATOM   265  C CB  . VAL A 1 30  ? -4.467  12.952  1.357   1.00 24.49 ? 1008 VAL A CB  1 
ATOM   266  C CG1 . VAL A 1 30  ? -4.576  14.403  1.810   1.00 29.49 ? 1008 VAL A CG1 1 
ATOM   267  C CG2 . VAL A 1 30  ? -3.073  12.660  0.803   1.00 25.44 ? 1008 VAL A CG2 1 
ATOM   268  N N   . PHE A 1 31  ? -4.057  9.693   2.328   1.00 21.47 ? 1009 PHE A N   1 
ATOM   269  C CA  . PHE A 1 31  ? -4.121  8.321   1.850   1.00 20.98 ? 1009 PHE A CA  1 
ATOM   270  C C   . PHE A 1 31  ? -4.632  7.356   2.909   1.00 22.67 ? 1009 PHE A C   1 
ATOM   271  O O   . PHE A 1 31  ? -4.624  6.145   2.672   1.00 22.11 ? 1009 PHE A O   1 
ATOM   272  C CB  . PHE A 1 31  ? -2.739  7.856   1.376   1.00 19.71 ? 1009 PHE A CB  1 
ATOM   273  C CG  . PHE A 1 31  ? -2.104  8.765   0.367   1.00 18.57 ? 1009 PHE A CG  1 
ATOM   274  C CD1 . PHE A 1 31  ? -2.740  9.052   -0.827  1.00 19.69 ? 1009 PHE A CD1 1 
ATOM   275  C CD2 . PHE A 1 31  ? -0.866  9.329   0.623   1.00 21.46 ? 1009 PHE A CD2 1 
ATOM   276  C CE1 . PHE A 1 31  ? -2.158  9.901   -1.764  1.00 22.04 ? 1009 PHE A CE1 1 
ATOM   277  C CE2 . PHE A 1 31  ? -0.263  10.179  -0.300  1.00 25.30 ? 1009 PHE A CE2 1 
ATOM   278  C CZ  . PHE A 1 31  ? -0.907  10.463  -1.498  1.00 22.90 ? 1009 PHE A CZ  1 
ATOM   279  N N   . THR A 1 32  ? -5.080  7.859   4.064   1.00 21.74 ? 1010 THR A N   1 
ATOM   280  C CA  . THR A 1 32  ? -5.377  6.975   5.191   1.00 24.95 ? 1010 THR A CA  1 
ATOM   281  C C   . THR A 1 32  ? -6.784  6.395   5.140   1.00 28.56 ? 1010 THR A C   1 
ATOM   282  O O   . THR A 1 32  ? -7.020  5.338   5.731   1.00 29.93 ? 1010 THR A O   1 
ATOM   283  C CB  . THR A 1 32  ? -5.187  7.696   6.532   1.00 26.92 ? 1010 THR A CB  1 
ATOM   284  O OG1 . THR A 1 32  ? -5.966  8.905   6.564   1.00 27.22 ? 1010 THR A OG1 1 
ATOM   285  C CG2 . THR A 1 32  ? -3.711  8.002   6.783   1.00 27.07 ? 1010 THR A CG2 1 
ATOM   286  N N   . LYS A 1 33  ? -7.723  7.055   4.476   1.00 26.01 ? 1011 LYS A N   1 
ATOM   287  C CA  . LYS A 1 33  ? -9.118  6.643   4.456   1.00 27.52 ? 1011 LYS A CA  1 
ATOM   288  C C   . LYS A 1 33  ? -9.616  6.596   3.022   1.00 26.39 ? 1011 LYS A C   1 
ATOM   289  O O   . LYS A 1 33  ? -9.077  7.279   2.147   1.00 28.09 ? 1011 LYS A O   1 
ATOM   290  C CB  . LYS A 1 33  ? -9.990  7.616   5.268   1.00 28.35 ? 1011 LYS A CB  1 
ATOM   291  C CG  . LYS A 1 33  ? -9.748  7.556   6.772   1.00 35.67 ? 1011 LYS A CG  1 
ATOM   292  C CD  . LYS A 1 33  ? -9.931  6.140   7.302   1.00 40.45 ? 1011 LYS A CD  1 
ATOM   293  N N   . PRO A 1 34  ? -10.646 5.798   2.746   1.00 28.10 ? 1012 PRO A N   1 
ATOM   294  C CA  . PRO A 1 34  ? -11.232 5.822   1.403   1.00 29.25 ? 1012 PRO A CA  1 
ATOM   295  C C   . PRO A 1 34  ? -11.717 7.219   1.049   1.00 30.41 ? 1012 PRO A C   1 
ATOM   296  O O   . PRO A 1 34  ? -12.158 7.984   1.911   1.00 31.02 ? 1012 PRO A O   1 
ATOM   297  C CB  . PRO A 1 34  ? -12.402 4.834   1.501   1.00 32.28 ? 1012 PRO A CB  1 
ATOM   298  C CG  . PRO A 1 34  ? -12.082 3.972   2.682   1.00 33.17 ? 1012 PRO A CG  1 
ATOM   299  C CD  . PRO A 1 34  ? -11.320 4.842   3.638   1.00 29.51 ? 1012 PRO A CD  1 
ATOM   300  N N   . VAL A 1 35  ? -11.601 7.559   -0.235  1.00 34.35 ? 1013 VAL A N   1 
ATOM   301  C CA  . VAL A 1 35  ? -12.102 8.842   -0.716  1.00 36.15 ? 1013 VAL A CA  1 
ATOM   302  C C   . VAL A 1 35  ? -13.618 8.869   -0.585  1.00 45.06 ? 1013 VAL A C   1 
ATOM   303  O O   . VAL A 1 35  ? -14.310 7.926   -0.991  1.00 44.86 ? 1013 VAL A O   1 
ATOM   304  C CB  . VAL A 1 35  ? -11.659 9.084   -2.168  1.00 35.18 ? 1013 VAL A CB  1 
ATOM   305  C CG1 . VAL A 1 35  ? -12.241 10.393  -2.688  1.00 37.56 ? 1013 VAL A CG1 1 
ATOM   306  C CG2 . VAL A 1 35  ? -10.138 9.085   -2.266  1.00 33.82 ? 1013 VAL A CG2 1 
ATOM   307  N N   . ASP A 1 36  ? -14.137 9.950   -0.004  1.00 44.02 ? 1014 ASP A N   1 
ATOM   308  C CA  . ASP A 1 36  ? -15.570 10.102  0.224   1.00 52.54 ? 1014 ASP A CA  1 
ATOM   309  C C   . ASP A 1 36  ? -16.204 10.778  -0.983  1.00 58.12 ? 1014 ASP A C   1 
ATOM   310  O O   . ASP A 1 36  ? -15.779 11.883  -1.350  1.00 51.35 ? 1014 ASP A O   1 
ATOM   311  C CB  . ASP A 1 36  ? -15.822 10.926  1.478   1.00 52.39 ? 1014 ASP A CB  1 
ATOM   312  C CG  . ASP A 1 36  ? -17.296 11.060  1.815   1.00 60.63 ? 1014 ASP A CG  1 
ATOM   313  O OD1 . ASP A 1 36  ? -18.114 10.268  1.305   1.00 59.76 ? 1014 ASP A OD1 1 
ATOM   314  O OD2 . ASP A 1 36  ? -17.637 11.970  2.599   1.00 64.64 ? 1014 ASP A OD2 1 
ATOM   315  N N   . PRO A 1 37  ? -17.201 10.165  -1.628  1.00 58.03 ? 1015 PRO A N   1 
ATOM   316  C CA  . PRO A 1 37  ? -17.804 10.799  -2.813  1.00 62.20 ? 1015 PRO A CA  1 
ATOM   317  C C   . PRO A 1 37  ? -18.379 12.177  -2.540  1.00 64.08 ? 1015 PRO A C   1 
ATOM   318  O O   . PRO A 1 37  ? -18.347 13.036  -3.430  1.00 67.26 ? 1015 PRO A O   1 
ATOM   319  C CB  . PRO A 1 37  ? -18.900 9.804   -3.220  1.00 60.61 ? 1015 PRO A CB  1 
ATOM   320  C CG  . PRO A 1 37  ? -18.425 8.491   -2.692  1.00 63.46 ? 1015 PRO A CG  1 
ATOM   321  C CD  . PRO A 1 37  ? -17.729 8.808   -1.398  1.00 56.14 ? 1015 PRO A CD  1 
ATOM   322  N N   . ASP A 1 38  ? -18.896 12.423  -1.337  1.00 64.55 ? 1016 ASP A N   1 
ATOM   323  C CA  . ASP A 1 38  ? -19.493 13.724  -1.055  1.00 65.77 ? 1016 ASP A CA  1 
ATOM   324  C C   . ASP A 1 38  ? -18.444 14.826  -0.993  1.00 65.22 ? 1016 ASP A C   1 
ATOM   325  O O   . ASP A 1 38  ? -18.740 15.979  -1.330  1.00 67.01 ? 1016 ASP A O   1 
ATOM   326  C CB  . ASP A 1 38  ? -20.291 13.662  0.246   1.00 67.15 ? 1016 ASP A CB  1 
ATOM   327  C CG  . ASP A 1 38  ? -21.570 12.857  0.102   1.00 71.93 ? 1016 ASP A CG  1 
ATOM   328  O OD1 . ASP A 1 38  ? -22.449 13.273  -0.684  1.00 73.58 ? 1016 ASP A OD1 1 
ATOM   329  O OD2 . ASP A 1 38  ? -21.692 11.804  0.762   1.00 73.08 ? 1016 ASP A OD2 1 
ATOM   330  N N   . GLU A 1 39  ? -17.221 14.501  -0.578  1.00 60.22 ? 1017 GLU A N   1 
ATOM   331  C CA  . GLU A 1 39  ? -16.153 15.491  -0.525  1.00 60.74 ? 1017 GLU A CA  1 
ATOM   332  C C   . GLU A 1 39  ? -15.396 15.606  -1.841  1.00 64.46 ? 1017 GLU A C   1 
ATOM   333  O O   . GLU A 1 39  ? -14.829 16.668  -2.131  1.00 59.53 ? 1017 GLU A O   1 
ATOM   334  C CB  . GLU A 1 39  ? -15.172 15.153  0.602   1.00 62.84 ? 1017 GLU A CB  1 
ATOM   335  C CG  . GLU A 1 39  ? -15.800 15.141  1.986   1.00 62.90 ? 1017 GLU A CG  1 
ATOM   336  C CD  . GLU A 1 39  ? -14.859 14.615  3.054   1.00 70.01 ? 1017 GLU A CD  1 
ATOM   337  O OE1 . GLU A 1 39  ? -13.675 14.361  2.739   1.00 73.51 ? 1017 GLU A OE1 1 
ATOM   338  O OE2 . GLU A 1 39  ? -15.303 14.457  4.210   1.00 67.98 ? 1017 GLU A OE2 1 
ATOM   339  N N   . VAL A 1 40  ? -15.363 14.537  -2.631  1.00 61.26 ? 1018 VAL A N   1 
ATOM   340  C CA  . VAL A 1 40  ? -14.664 14.510  -3.915  1.00 60.14 ? 1018 VAL A CA  1 
ATOM   341  C C   . VAL A 1 40  ? -15.596 13.865  -4.936  1.00 57.81 ? 1018 VAL A C   1 
ATOM   342  O O   . VAL A 1 40  ? -15.463 12.667  -5.228  1.00 53.14 ? 1018 VAL A O   1 
ATOM   343  C CB  . VAL A 1 40  ? -13.328 13.753  -3.810  1.00 58.20 ? 1018 VAL A CB  1 
ATOM   344  C CG1 . VAL A 1 40  ? -12.523 13.924  -5.076  1.00 54.01 ? 1018 VAL A CG1 1 
ATOM   345  C CG2 . VAL A 1 40  ? -12.516 14.226  -2.607  1.00 51.89 ? 1018 VAL A CG2 1 
ATOM   346  N N   . PRO A 1 41  ? -16.546 14.614  -5.508  1.00 63.68 ? 1019 PRO A N   1 
ATOM   347  C CA  . PRO A 1 41  ? -17.610 13.966  -6.298  1.00 60.83 ? 1019 PRO A CA  1 
ATOM   348  C C   . PRO A 1 41  ? -17.129 13.308  -7.580  1.00 56.42 ? 1019 PRO A C   1 
ATOM   349  O O   . PRO A 1 41  ? -17.688 12.274  -7.967  1.00 56.17 ? 1019 PRO A O   1 
ATOM   350  C CB  . PRO A 1 41  ? -18.584 15.118  -6.587  1.00 63.68 ? 1019 PRO A CB  1 
ATOM   351  C CG  . PRO A 1 41  ? -17.760 16.361  -6.452  1.00 66.96 ? 1019 PRO A CG  1 
ATOM   352  C CD  . PRO A 1 41  ? -16.749 16.068  -5.383  1.00 64.82 ? 1019 PRO A CD  1 
ATOM   353  N N   . ASP A 1 42  ? -16.119 13.861  -8.251  1.00 48.20 ? 1020 ASP A N   1 
ATOM   354  C CA  . ASP A 1 42  ? -15.667 13.346  -9.538  1.00 44.89 ? 1020 ASP A CA  1 
ATOM   355  C C   . ASP A 1 42  ? -14.655 12.213  -9.414  1.00 45.96 ? 1020 ASP A C   1 
ATOM   356  O O   . ASP A 1 42  ? -14.129 11.757  -10.436 1.00 37.60 ? 1020 ASP A O   1 
ATOM   357  C CB  . ASP A 1 42  ? -15.060 14.478  -10.375 1.00 49.18 ? 1020 ASP A CB  1 
ATOM   358  C CG  . ASP A 1 42  ? -14.011 15.271  -9.611  1.00 54.97 ? 1020 ASP A CG  1 
ATOM   359  O OD1 . ASP A 1 42  ? -13.787 14.976  -8.418  1.00 41.88 ? 1020 ASP A OD1 1 
ATOM   360  O OD2 . ASP A 1 42  ? -13.415 16.197  -10.205 1.00 54.05 ? 1020 ASP A OD2 1 
ATOM   361  N N   . TYR A 1 43  ? -14.369 11.743  -8.197  1.00 39.05 ? 1021 TYR A N   1 
ATOM   362  C CA  . TYR A 1 43  ? -13.287 10.777  -8.022  1.00 37.37 ? 1021 TYR A CA  1 
ATOM   363  C C   . TYR A 1 43  ? -13.600 9.452   -8.707  1.00 34.35 ? 1021 TYR A C   1 
ATOM   364  O O   . TYR A 1 43  ? -12.727 8.856   -9.350  1.00 32.53 ? 1021 TYR A O   1 
ATOM   365  C CB  . TYR A 1 43  ? -13.010 10.563  -6.533  1.00 30.40 ? 1021 TYR A CB  1 
ATOM   366  C CG  . TYR A 1 43  ? -11.745 9.779   -6.246  1.00 31.24 ? 1021 TYR A CG  1 
ATOM   367  C CD1 . TYR A 1 43  ? -10.497 10.378  -6.367  1.00 29.24 ? 1021 TYR A CD1 1 
ATOM   368  C CD2 . TYR A 1 43  ? -11.802 8.448   -5.846  1.00 30.36 ? 1021 TYR A CD2 1 
ATOM   369  C CE1 . TYR A 1 43  ? -9.332  9.672   -6.109  1.00 29.80 ? 1021 TYR A CE1 1 
ATOM   370  C CE2 . TYR A 1 43  ? -10.639 7.725   -5.580  1.00 29.08 ? 1021 TYR A CE2 1 
ATOM   371  C CZ  . TYR A 1 43  ? -9.413  8.345   -5.718  1.00 28.76 ? 1021 TYR A CZ  1 
ATOM   372  O OH  . TYR A 1 43  ? -8.265  7.641   -5.455  1.00 25.62 ? 1021 TYR A OH  1 
ATOM   373  N N   . VAL A 1 44  ? -14.844 8.983   -8.596  1.00 37.86 ? 1022 VAL A N   1 
ATOM   374  C CA  . VAL A 1 44  ? -15.209 7.698   -9.185  1.00 36.92 ? 1022 VAL A CA  1 
ATOM   375  C C   . VAL A 1 44  ? -15.134 7.748   -10.708 1.00 38.73 ? 1022 VAL A C   1 
ATOM   376  O O   . VAL A 1 44  ? -14.913 6.719   -11.360 1.00 39.37 ? 1022 VAL A O   1 
ATOM   377  C CB  . VAL A 1 44  ? -16.606 7.280   -8.689  1.00 44.32 ? 1022 VAL A CB  1 
ATOM   378  C CG1 . VAL A 1 44  ? -17.048 5.983   -9.337  1.00 45.12 ? 1022 VAL A CG1 1 
ATOM   379  C CG2 . VAL A 1 44  ? -16.596 7.136   -7.171  1.00 42.89 ? 1022 VAL A CG2 1 
ATOM   380  N N   . THR A 1 45  ? -15.292 8.930   -11.304 1.00 36.20 ? 1023 THR A N   1 
ATOM   381  C CA  . THR A 1 45  ? -15.151 9.034   -12.754 1.00 36.62 ? 1023 THR A CA  1 
ATOM   382  C C   . THR A 1 45  ? -13.743 8.679   -13.202 1.00 36.67 ? 1023 THR A C   1 
ATOM   383  O O   . THR A 1 45  ? -13.562 8.070   -14.262 1.00 36.73 ? 1023 THR A O   1 
ATOM   384  C CB  . THR A 1 45  ? -15.517 10.448  -13.214 1.00 41.23 ? 1023 THR A CB  1 
ATOM   385  O OG1 . THR A 1 45  ? -16.871 10.741  -12.847 1.00 40.29 ? 1023 THR A OG1 1 
ATOM   386  C CG2 . THR A 1 45  ? -15.365 10.589  -14.734 1.00 46.43 ? 1023 THR A CG2 1 
ATOM   387  N N   . VAL A 1 46  ? -12.739 9.019   -12.399 1.00 29.87 ? 1024 VAL A N   1 
ATOM   388  C CA  . VAL A 1 46  ? -11.351 8.827   -12.791 1.00 31.74 ? 1024 VAL A CA  1 
ATOM   389  C C   . VAL A 1 46  ? -10.802 7.499   -12.287 1.00 31.74 ? 1024 VAL A C   1 
ATOM   390  O O   . VAL A 1 46  ? -10.087 6.802   -13.014 1.00 31.81 ? 1024 VAL A O   1 
ATOM   391  C CB  . VAL A 1 46  ? -10.512 10.016  -12.279 1.00 31.04 ? 1024 VAL A CB  1 
ATOM   392  C CG1 . VAL A 1 46  ? -9.043  9.835   -12.627 1.00 34.13 ? 1024 VAL A CG1 1 
ATOM   393  C CG2 . VAL A 1 46  ? -11.046 11.320  -12.858 1.00 35.42 ? 1024 VAL A CG2 1 
ATOM   394  N N   . ILE A 1 47  ? -11.113 7.120   -11.050 1.00 30.18 ? 1025 ILE A N   1 
ATOM   395  C CA  . ILE A 1 47  ? -10.395 6.046   -10.369 1.00 32.52 ? 1025 ILE A CA  1 
ATOM   396  C C   . ILE A 1 47  ? -11.273 4.806   -10.302 1.00 32.83 ? 1025 ILE A C   1 
ATOM   397  O O   . ILE A 1 47  ? -12.269 4.779   -9.570  1.00 32.41 ? 1025 ILE A O   1 
ATOM   398  C CB  . ILE A 1 47  ? -9.946  6.474   -8.971  1.00 30.69 ? 1025 ILE A CB  1 
ATOM   399  C CG1 . ILE A 1 47  ? -8.922  7.611   -9.087  1.00 26.24 ? 1025 ILE A CG1 1 
ATOM   400  C CG2 . ILE A 1 47  ? -9.382  5.272   -8.220  1.00 26.44 ? 1025 ILE A CG2 1 
ATOM   401  C CD1 . ILE A 1 47  ? -7.802  7.331   -10.057 1.00 28.68 ? 1025 ILE A CD1 1 
ATOM   402  N N   . LYS A 1 48  ? -10.842 3.750   -10.999 1.00 35.31 ? 1026 LYS A N   1 
ATOM   403  C CA  . LYS A 1 48  ? -11.656 2.547   -11.129 1.00 43.66 ? 1026 LYS A CA  1 
ATOM   404  C C   . LYS A 1 48  ? -11.461 1.579   -9.964  1.00 45.45 ? 1026 LYS A C   1 
ATOM   405  O O   . LYS A 1 48  ? -12.421 0.920   -9.543  1.00 41.83 ? 1026 LYS A O   1 
ATOM   406  C CB  . LYS A 1 48  ? -11.364 1.867   -12.473 1.00 43.17 ? 1026 LYS A CB  1 
ATOM   407  C CG  . LYS A 1 48  ? -11.843 2.657   -13.694 1.00 53.50 ? 1026 LYS A CG  1 
ATOM   408  C CD  . LYS A 1 48  ? -13.082 3.507   -13.393 1.00 49.32 ? 1026 LYS A CD  1 
ATOM   409  C CE  . LYS A 1 48  ? -14.331 2.653   -13.197 1.00 53.62 ? 1026 LYS A CE  1 
ATOM   410  N NZ  . LYS A 1 48  ? -15.377 3.423   -12.462 1.00 54.24 ? 1026 LYS A NZ  1 
ATOM   411  N N   . GLN A 1 49  ? -10.239 1.445   -9.439  1.00 34.56 ? 1027 GLN A N   1 
ATOM   412  C CA  A GLN A 1 49  ? -9.940  0.564   -8.313  0.58 30.68 ? 1027 GLN A CA  1 
ATOM   413  C CA  B GLN A 1 49  ? -10.004 0.574   -8.283  0.42 30.77 ? 1027 GLN A CA  1 
ATOM   414  C C   . GLN A 1 49  ? -9.373  1.377   -7.157  1.00 24.90 ? 1027 GLN A C   1 
ATOM   415  O O   . GLN A 1 49  ? -8.142  1.473   -7.027  1.00 29.06 ? 1027 GLN A O   1 
ATOM   416  C CB  A GLN A 1 49  ? -8.954  -0.516  -8.750  0.58 35.17 ? 1027 GLN A CB  1 
ATOM   417  C CB  B GLN A 1 49  ? -9.180  -0.667  -8.626  0.42 35.29 ? 1027 GLN A CB  1 
ATOM   418  C CG  A GLN A 1 49  ? -8.799  -1.655  -7.781  0.58 35.32 ? 1027 GLN A CG  1 
ATOM   419  C CG  B GLN A 1 49  ? -7.990  -0.488  -9.514  0.42 35.76 ? 1027 GLN A CG  1 
ATOM   420  C CD  A GLN A 1 49  ? -7.934  -2.771  -8.321  0.58 36.93 ? 1027 GLN A CD  1 
ATOM   421  C CD  B GLN A 1 49  ? -7.297  -1.818  -9.785  0.42 35.20 ? 1027 GLN A CD  1 
ATOM   422  O OE1 A GLN A 1 49  ? -7.327  -2.649  -9.388  0.58 38.83 ? 1027 GLN A OE1 1 
ATOM   423  O OE1 B GLN A 1 49  ? -7.490  -2.790  -9.053  0.42 39.14 ? 1027 GLN A OE1 1 
ATOM   424  N NE2 A GLN A 1 49  ? -7.866  -3.868  -7.580  0.58 41.53 ? 1027 GLN A NE2 1 
ATOM   425  N NE2 B GLN A 1 49  ? -6.489  -1.865  -10.830 0.42 32.43 ? 1027 GLN A NE2 1 
ATOM   426  N N   . PRO A 1 50  ? -10.209 1.945   -6.298  1.00 25.27 ? 1028 PRO A N   1 
ATOM   427  C CA  . PRO A 1 50  ? -9.705  2.739   -5.173  1.00 25.05 ? 1028 PRO A CA  1 
ATOM   428  C C   . PRO A 1 50  ? -8.925  1.898   -4.178  1.00 29.18 ? 1028 PRO A C   1 
ATOM   429  O O   . PRO A 1 50  ? -9.159  0.697   -4.012  1.00 26.94 ? 1028 PRO A O   1 
ATOM   430  C CB  . PRO A 1 50  ? -10.979 3.296   -4.530  1.00 31.72 ? 1028 PRO A CB  1 
ATOM   431  C CG  . PRO A 1 50  ? -12.076 2.380   -4.986  1.00 36.37 ? 1028 PRO A CG  1 
ATOM   432  C CD  . PRO A 1 50  ? -11.681 1.939   -6.360  1.00 32.55 ? 1028 PRO A CD  1 
ATOM   433  N N   . MET A 1 51  ? -7.990  2.560   -3.502  1.00 24.02 ? 1029 MET A N   1 
ATOM   434  C CA  . MET A 1 51  ? -7.187  1.887   -2.493  1.00 22.15 ? 1029 MET A CA  1 
ATOM   435  C C   . MET A 1 51  ? -6.677  2.947   -1.527  1.00 21.56 ? 1029 MET A C   1 
ATOM   436  O O   . MET A 1 51  ? -6.399  4.079   -1.924  1.00 23.12 ? 1029 MET A O   1 
ATOM   437  C CB  . MET A 1 51  ? -6.030  1.114   -3.137  1.00 22.50 ? 1029 MET A CB  1 
ATOM   438  C CG  . MET A 1 51  ? -5.212  0.257   -2.176  1.00 21.54 ? 1029 MET A CG  1 
ATOM   439  S SD  . MET A 1 51  ? -6.189  -0.965  -1.266  1.00 27.25 ? 1029 MET A SD  1 
ATOM   440  C CE  . MET A 1 51  ? -6.919  -1.882  -2.621  1.00 28.11 ? 1029 MET A CE  1 
ATOM   441  N N   . ASP A 1 52  ? -6.572  2.572   -0.258  1.00 20.90 ? 1030 ASP A N   1 
ATOM   442  C CA  . ASP A 1 52  ? -6.109  3.476   0.784   1.00 21.93 ? 1030 ASP A CA  1 
ATOM   443  C C   . ASP A 1 52  ? -5.511  2.629   1.895   1.00 20.39 ? 1030 ASP A C   1 
ATOM   444  O O   . ASP A 1 52  ? -5.646  1.403   1.903   1.00 21.30 ? 1030 ASP A O   1 
ATOM   445  C CB  . ASP A 1 52  ? -7.252  4.330   1.328   1.00 22.64 ? 1030 ASP A CB  1 
ATOM   446  C CG  . ASP A 1 52  ? -8.259  3.491   2.100   1.00 27.35 ? 1030 ASP A CG  1 
ATOM   447  O OD1 . ASP A 1 52  ? -9.112  2.841   1.455   1.00 34.78 ? 1030 ASP A OD1 1 
ATOM   448  O OD2 . ASP A 1 52  ? -8.157  3.440   3.337   1.00 33.78 ? 1030 ASP A OD2 1 
ATOM   449  N N   . LEU A 1 53  ? -4.843  3.294   2.838   1.00 20.28 ? 1031 LEU A N   1 
ATOM   450  C CA  . LEU A 1 53  ? -4.125  2.556   3.875   1.00 18.21 ? 1031 LEU A CA  1 
ATOM   451  C C   . LEU A 1 53  ? -5.059  1.825   4.839   1.00 19.81 ? 1031 LEU A C   1 
ATOM   452  O O   . LEU A 1 53  ? -4.684  0.771   5.367   1.00 21.58 ? 1031 LEU A O   1 
ATOM   453  C CB  . LEU A 1 53  ? -3.197  3.503   4.642   1.00 19.94 ? 1031 LEU A CB  1 
ATOM   454  C CG  . LEU A 1 53  ? -2.049  4.063   3.796   1.00 20.35 ? 1031 LEU A CG  1 
ATOM   455  C CD1 . LEU A 1 53  ? -1.300  5.134   4.591   1.00 24.01 ? 1031 LEU A CD1 1 
ATOM   456  C CD2 . LEU A 1 53  ? -1.085  2.972   3.323   1.00 21.21 ? 1031 LEU A CD2 1 
ATOM   457  N N   . SER A 1 54  ? -6.260  2.351   5.102   1.00 21.54 ? 1032 SER A N   1 
ATOM   458  C CA  . SER A 1 54  ? -7.186  1.595   5.951   1.00 23.55 ? 1032 SER A CA  1 
ATOM   459  C C   . SER A 1 54  ? -7.667  0.329   5.249   1.00 22.76 ? 1032 SER A C   1 
ATOM   460  O O   . SER A 1 54  ? -7.850  -0.717  5.893   1.00 25.34 ? 1032 SER A O   1 
ATOM   461  C CB  A SER A 1 54  ? -8.369  2.473   6.368   0.58 27.95 ? 1032 SER A CB  1 
ATOM   462  C CB  B SER A 1 54  ? -8.374  2.470   6.353   0.42 27.96 ? 1032 SER A CB  1 
ATOM   463  O OG  A SER A 1 54  ? -9.167  2.810   5.252   0.58 25.84 ? 1032 SER A OG  1 
ATOM   464  O OG  B SER A 1 54  ? -7.979  3.448   7.297   0.42 27.20 ? 1032 SER A OG  1 
ATOM   465  N N   . SER A 1 55  ? -7.855  0.394   3.928   1.00 23.23 ? 1033 SER A N   1 
ATOM   466  C CA  . SER A 1 55  ? -8.251  -0.788  3.172   1.00 21.81 ? 1033 SER A CA  1 
ATOM   467  C C   . SER A 1 55  ? -7.131  -1.815  3.131   1.00 22.19 ? 1033 SER A C   1 
ATOM   468  O O   . SER A 1 55  ? -7.396  -3.022  3.147   1.00 22.55 ? 1033 SER A O   1 
ATOM   469  C CB  . SER A 1 55  ? -8.681  -0.392  1.764   1.00 29.89 ? 1033 SER A CB  1 
ATOM   470  O OG  . SER A 1 55  ? -9.821  0.453   1.840   1.00 34.20 ? 1033 SER A OG  1 
ATOM   471  N N   . VAL A 1 56  ? -5.880  -1.350  3.118   1.00 20.38 ? 1034 VAL A N   1 
ATOM   472  C CA  . VAL A 1 56  ? -4.742  -2.262  3.161   1.00 19.09 ? 1034 VAL A CA  1 
ATOM   473  C C   . VAL A 1 56  ? -4.719  -3.021  4.481   1.00 18.27 ? 1034 VAL A C   1 
ATOM   474  O O   . VAL A 1 56  ? -4.500  -4.240  4.501   1.00 19.91 ? 1034 VAL A O   1 
ATOM   475  C CB  . VAL A 1 56  ? -3.440  -1.476  2.928   1.00 17.14 ? 1034 VAL A CB  1 
ATOM   476  C CG1 . VAL A 1 56  ? -2.227  -2.311  3.304   1.00 21.20 ? 1034 VAL A CG1 1 
ATOM   477  C CG2 . VAL A 1 56  ? -3.358  -1.043  1.462   1.00 20.11 ? 1034 VAL A CG2 1 
ATOM   478  N N   . ILE A 1 57  ? -4.964  -2.324  5.597   1.00 19.17 ? 1035 ILE A N   1 
ATOM   479  C CA  . ILE A 1 57  ? -5.022  -3.001  6.896   1.00 19.74 ? 1035 ILE A CA  1 
ATOM   480  C C   . ILE A 1 57  ? -6.121  -4.057  6.896   1.00 20.15 ? 1035 ILE A C   1 
ATOM   481  O O   . ILE A 1 57  ? -5.926  -5.174  7.391   1.00 22.23 ? 1035 ILE A O   1 
ATOM   482  C CB  . ILE A 1 57  ? -5.227  -1.982  8.036   1.00 24.14 ? 1035 ILE A CB  1 
ATOM   483  C CG1 . ILE A 1 57  ? -3.966  -1.149  8.254   1.00 24.97 ? 1035 ILE A CG1 1 
ATOM   484  C CG2 . ILE A 1 57  ? -5.597  -2.697  9.334   1.00 28.58 ? 1035 ILE A CG2 1 
ATOM   485  C CD1 . ILE A 1 57  ? -2.804  -1.947  8.835   1.00 30.13 ? 1035 ILE A CD1 1 
ATOM   486  N N   . SER A 1 58  ? -7.294  -3.725  6.346   1.00 20.26 ? 1036 SER A N   1 
ATOM   487  C CA  . SER A 1 58  ? -8.371  -4.713  6.295   1.00 19.69 ? 1036 SER A CA  1 
ATOM   488  C C   . SER A 1 58  ? -7.948  -5.941  5.498   1.00 21.52 ? 1036 SER A C   1 
ATOM   489  O O   . SER A 1 58  ? -8.245  -7.080  5.886   1.00 23.07 ? 1036 SER A O   1 
ATOM   490  C CB  . SER A 1 58  ? -9.629  -4.077  5.700   1.00 24.09 ? 1036 SER A CB  1 
ATOM   491  O OG  . SER A 1 58  ? -10.074 -3.014  6.526   1.00 34.05 ? 1036 SER A OG  1 
ATOM   492  N N   . LYS A 1 59  ? -7.211  -5.735  4.402   1.00 18.52 ? 1037 LYS A N   1 
ATOM   493  C CA  . LYS A 1 59  ? -6.788  -6.863  3.587   1.00 20.13 ? 1037 LYS A CA  1 
ATOM   494  C C   . LYS A 1 59  ? -5.730  -7.702  4.298   1.00 19.83 ? 1037 LYS A C   1 
ATOM   495  O O   . LYS A 1 59  ? -5.718  -8.926  4.149   1.00 19.97 ? 1037 LYS A O   1 
ATOM   496  C CB  . LYS A 1 59  ? -6.277  -6.376  2.227   1.00 20.80 ? 1037 LYS A CB  1 
ATOM   497  C CG  . LYS A 1 59  ? -7.417  -5.874  1.331   1.00 21.50 ? 1037 LYS A CG  1 
ATOM   498  C CD  . LYS A 1 59  ? -6.950  -5.424  -0.047  1.00 22.27 ? 1037 LYS A CD  1 
ATOM   499  C CE  . LYS A 1 59  ? -6.372  -6.578  -0.855  1.00 25.66 ? 1037 LYS A CE  1 
ATOM   500  N NZ  . LYS A 1 59  ? -6.217  -6.180  -2.292  1.00 29.29 ? 1037 LYS A NZ  1 
ATOM   501  N N   . ILE A 1 60  ? -4.840  -7.079  5.077   1.00 18.70 ? 1038 ILE A N   1 
ATOM   502  C CA  . ILE A 1 60  ? -3.894  -7.875  5.861   1.00 18.55 ? 1038 ILE A CA  1 
ATOM   503  C C   . ILE A 1 60  ? -4.647  -8.836  6.769   1.00 19.80 ? 1038 ILE A C   1 
ATOM   504  O O   . ILE A 1 60  ? -4.338  -10.034 6.834   1.00 21.92 ? 1038 ILE A O   1 
ATOM   505  C CB  . ILE A 1 60  ? -2.960  -6.966  6.685   1.00 19.70 ? 1038 ILE A CB  1 
ATOM   506  C CG1 . ILE A 1 60  ? -2.098  -6.096  5.773   1.00 18.27 ? 1038 ILE A CG1 1 
ATOM   507  C CG2 . ILE A 1 60  ? -2.065  -7.830  7.594   1.00 19.69 ? 1038 ILE A CG2 1 
ATOM   508  C CD1 . ILE A 1 60  ? -1.368  -4.987  6.547   1.00 18.77 ? 1038 ILE A CD1 1 
ATOM   509  N N   . ASP A 1 61  ? -5.665  -8.322  7.469   1.00 21.25 ? 1039 ASP A N   1 
ATOM   510  C CA  . ASP A 1 61  ? -6.391  -9.107  8.460   1.00 22.54 ? 1039 ASP A CA  1 
ATOM   511  C C   . ASP A 1 61  ? -7.308  -10.138 7.823   1.00 24.58 ? 1039 ASP A C   1 
ATOM   512  O O   . ASP A 1 61  ? -7.722  -11.084 8.499   1.00 28.37 ? 1039 ASP A O   1 
ATOM   513  C CB  . ASP A 1 61  ? -7.212  -8.189  9.363   1.00 22.71 ? 1039 ASP A CB  1 
ATOM   514  C CG  . ASP A 1 61  ? -6.342  -7.321  10.264  1.00 28.10 ? 1039 ASP A CG  1 
ATOM   515  O OD1 . ASP A 1 61  ? -5.138  -7.628  10.412  1.00 29.36 ? 1039 ASP A OD1 1 
ATOM   516  O OD2 . ASP A 1 61  ? -6.861  -6.330  10.826  1.00 31.18 ? 1039 ASP A OD2 1 
ATOM   517  N N   . LEU A 1 62  ? -7.636  -9.981  6.546   1.00 23.94 ? 1040 LEU A N   1 
ATOM   518  C CA  . LEU A 1 62  ? -8.363  -10.998 5.797   1.00 23.43 ? 1040 LEU A CA  1 
ATOM   519  C C   . LEU A 1 62  ? -7.429  -11.999 5.123   1.00 25.19 ? 1040 LEU A C   1 
ATOM   520  O O   . LEU A 1 62  ? -7.892  -12.848 4.354   1.00 27.61 ? 1040 LEU A O   1 
ATOM   521  C CB  . LEU A 1 62  ? -9.276  -10.328 4.759   1.00 22.47 ? 1040 LEU A CB  1 
ATOM   522  C CG  . LEU A 1 62  ? -10.490 -9.607  5.349   1.00 27.18 ? 1040 LEU A CG  1 
ATOM   523  C CD1 . LEU A 1 62  ? -11.238 -8.810  4.280   1.00 32.81 ? 1040 LEU A CD1 1 
ATOM   524  C CD2 . LEU A 1 62  ? -11.432 -10.597 6.029   1.00 33.51 ? 1040 LEU A CD2 1 
ATOM   525  N N   . HIS A 1 63  ? -6.124  -11.914 5.405   1.00 22.55 ? 1041 HIS A N   1 
ATOM   526  C CA  . HIS A 1 63  ? -5.108  -12.830 4.881   1.00 22.72 ? 1041 HIS A CA  1 
ATOM   527  C C   . HIS A 1 63  ? -5.024  -12.773 3.357   1.00 23.93 ? 1041 HIS A C   1 
ATOM   528  O O   . HIS A 1 63  ? -4.803  -13.782 2.686   1.00 28.14 ? 1041 HIS A O   1 
ATOM   529  C CB  . HIS A 1 63  ? -5.345  -14.268 5.379   1.00 26.67 ? 1041 HIS A CB  1 
ATOM   530  C CG  . HIS A 1 63  ? -5.339  -14.397 6.872   1.00 26.65 ? 1041 HIS A CG  1 
ATOM   531  N ND1 . HIS A 1 63  ? -5.253  -15.614 7.514   1.00 31.30 ? 1041 HIS A ND1 1 
ATOM   532  C CD2 . HIS A 1 63  ? -5.405  -13.462 7.849   1.00 26.21 ? 1041 HIS A CD2 1 
ATOM   533  C CE1 . HIS A 1 63  ? -5.272  -15.422 8.821   1.00 29.81 ? 1041 HIS A CE1 1 
ATOM   534  N NE2 . HIS A 1 63  ? -5.370  -14.126 9.051   1.00 31.38 ? 1041 HIS A NE2 1 
ATOM   535  N N   . LYS A 1 64  ? -5.161  -11.576 2.797   1.00 23.12 ? 1042 LYS A N   1 
ATOM   536  C CA  . LYS A 1 64  ? -5.092  -11.400 1.353   1.00 23.41 ? 1042 LYS A CA  1 
ATOM   537  C C   . LYS A 1 64  ? -3.676  -11.250 0.819   1.00 24.58 ? 1042 LYS A C   1 
ATOM   538  O O   . LYS A 1 64  ? -3.481  -11.365 -0.395  1.00 26.51 ? 1042 LYS A O   1 
ATOM   539  C CB  . LYS A 1 64  ? -5.899  -10.170 0.924   1.00 23.49 ? 1042 LYS A CB  1 
ATOM   540  C CG  . LYS A 1 64  ? -7.367  -10.247 1.269   1.00 28.87 ? 1042 LYS A CG  1 
ATOM   541  C CD  . LYS A 1 64  ? -8.085  -11.265 0.419   1.00 33.75 ? 1042 LYS A CD  1 
ATOM   542  C CE  . LYS A 1 64  ? -9.598  -11.080 0.541   1.00 45.55 ? 1042 LYS A CE  1 
ATOM   543  N NZ  . LYS A 1 64  ? -10.339 -11.851 -0.500  1.00 54.72 ? 1042 LYS A NZ  1 
ATOM   544  N N   . TYR A 1 65  ? -2.689  -10.974 1.674   1.00 21.96 ? 1043 TYR A N   1 
ATOM   545  C CA  . TYR A 1 65  ? -1.309  -10.791 1.237   1.00 20.08 ? 1043 TYR A CA  1 
ATOM   546  C C   . TYR A 1 65  ? -0.485  -11.984 1.705   1.00 22.94 ? 1043 TYR A C   1 
ATOM   547  O O   . TYR A 1 65  ? -0.284  -12.173 2.911   1.00 25.99 ? 1043 TYR A O   1 
ATOM   548  C CB  . TYR A 1 65  ? -0.704  -9.497  1.779   1.00 20.15 ? 1043 TYR A CB  1 
ATOM   549  C CG  . TYR A 1 65  ? -1.460  -8.230  1.426   1.00 20.22 ? 1043 TYR A CG  1 
ATOM   550  C CD1 . TYR A 1 65  ? -1.672  -7.858  0.094   1.00 23.08 ? 1043 TYR A CD1 1 
ATOM   551  C CD2 . TYR A 1 65  ? -1.937  -7.396  2.429   1.00 20.72 ? 1043 TYR A CD2 1 
ATOM   552  C CE1 . TYR A 1 65  ? -2.359  -6.684  -0.213  1.00 21.71 ? 1043 TYR A CE1 1 
ATOM   553  C CE2 . TYR A 1 65  ? -2.621  -6.230  2.134   1.00 19.30 ? 1043 TYR A CE2 1 
ATOM   554  C CZ  . TYR A 1 65  ? -2.821  -5.875  0.827   1.00 20.56 ? 1043 TYR A CZ  1 
ATOM   555  O OH  . TYR A 1 65  ? -3.506  -4.703  0.572   1.00 21.78 ? 1043 TYR A OH  1 
ATOM   556  N N   . LEU A 1 66  ? -0.008  -12.781 0.753   1.00 21.37 ? 1044 LEU A N   1 
ATOM   557  C CA  . LEU A 1 66  ? 0.884   -13.891 1.057   1.00 21.82 ? 1044 LEU A CA  1 
ATOM   558  C C   . LEU A 1 66  ? 2.340   -13.579 0.757   1.00 23.13 ? 1044 LEU A C   1 
ATOM   559  O O   . LEU A 1 66  ? 3.208   -14.379 1.109   1.00 23.58 ? 1044 LEU A O   1 
ATOM   560  C CB  . LEU A 1 66  ? 0.468   -15.147 0.276   1.00 23.33 ? 1044 LEU A CB  1 
ATOM   561  C CG  . LEU A 1 66  ? -0.907  -15.717 0.606   1.00 30.81 ? 1044 LEU A CG  1 
ATOM   562  C CD1 . LEU A 1 66  ? -1.033  -17.076 -0.065  1.00 35.36 ? 1044 LEU A CD1 1 
ATOM   563  C CD2 . LEU A 1 66  ? -1.113  -15.826 2.109   1.00 29.99 ? 1044 LEU A CD2 1 
ATOM   564  N N   . THR A 1 67  ? 2.632   -12.449 0.103   1.00 18.87 ? 1045 THR A N   1 
ATOM   565  C CA  . THR A 1 67  ? 3.998   -12.035 -0.163  1.00 19.77 ? 1045 THR A CA  1 
ATOM   566  C C   . THR A 1 67  ? 4.039   -10.523 -0.046  1.00 19.96 ? 1045 THR A C   1 
ATOM   567  O O   . THR A 1 67  ? 3.007   -9.857  -0.120  1.00 21.14 ? 1045 THR A O   1 
ATOM   568  C CB  . THR A 1 67  ? 4.496   -12.432 -1.565  1.00 21.39 ? 1045 THR A CB  1 
ATOM   569  O OG1 . THR A 1 67  ? 3.818   -11.627 -2.538  1.00 24.20 ? 1045 THR A OG1 1 
ATOM   570  C CG2 . THR A 1 67  ? 4.223   -13.904 -1.869  1.00 23.13 ? 1045 THR A CG2 1 
ATOM   571  N N   . VAL A 1 68  ? 5.236   -9.979  0.163   1.00 20.49 ? 1046 VAL A N   1 
ATOM   572  C CA  A VAL A 1 68  ? 5.299   -8.528  0.216   0.39 20.15 ? 1046 VAL A CA  1 
ATOM   573  C CA  B VAL A 1 68  ? 5.387   -8.528  0.205   0.61 20.05 ? 1046 VAL A CA  1 
ATOM   574  C C   . VAL A 1 68  ? 5.137   -7.943  -1.181  1.00 21.59 ? 1046 VAL A C   1 
ATOM   575  O O   . VAL A 1 68  ? 4.697   -6.796  -1.318  1.00 23.24 ? 1046 VAL A O   1 
ATOM   576  C CB  A VAL A 1 68  ? 6.587   -8.048  0.907   0.39 23.30 ? 1046 VAL A CB  1 
ATOM   577  C CB  B VAL A 1 68  ? 6.778   -8.157  0.762   0.61 22.86 ? 1046 VAL A CB  1 
ATOM   578  C CG1 A VAL A 1 68  ? 7.739   -8.164  -0.012  0.39 23.93 ? 1046 VAL A CG1 1 
ATOM   579  C CG1 B VAL A 1 68  ? 6.946   -6.643  0.844   0.61 22.37 ? 1046 VAL A CG1 1 
ATOM   580  C CG2 A VAL A 1 68  ? 6.428   -6.602  1.389   0.39 21.61 ? 1046 VAL A CG2 1 
ATOM   581  C CG2 B VAL A 1 68  ? 6.978   -8.770  2.151   0.61 21.83 ? 1046 VAL A CG2 1 
ATOM   582  N N   . LYS A 1 69  ? 5.407   -8.721  -2.232  1.00 23.79 ? 1047 LYS A N   1 
ATOM   583  C CA  . LYS A 1 69  ? 5.107   -8.259  -3.588  1.00 27.63 ? 1047 LYS A CA  1 
ATOM   584  C C   . LYS A 1 69  ? 3.622   -7.954  -3.764  1.00 25.89 ? 1047 LYS A C   1 
ATOM   585  O O   . LYS A 1 69  ? 3.257   -6.966  -4.416  1.00 27.48 ? 1047 LYS A O   1 
ATOM   586  C CB  . LYS A 1 69  ? 5.559   -9.308  -4.608  1.00 32.15 ? 1047 LYS A CB  1 
ATOM   587  C CG  . LYS A 1 69  ? 6.743   -8.909  -5.449  1.00 44.61 ? 1047 LYS A CG  1 
ATOM   588  C CD  . LYS A 1 69  ? 7.053   -9.993  -6.477  1.00 49.00 ? 1047 LYS A CD  1 
ATOM   589  N N   . ASP A 1 70  ? 2.742   -8.790  -3.199  1.00 23.78 ? 1048 ASP A N   1 
ATOM   590  C CA  . ASP A 1 70  ? 1.307   -8.526  -3.299  1.00 26.41 ? 1048 ASP A CA  1 
ATOM   591  C C   . ASP A 1 70  ? 0.915   -7.276  -2.517  1.00 25.34 ? 1048 ASP A C   1 
ATOM   592  O O   . ASP A 1 70  ? 0.023   -6.524  -2.933  1.00 24.26 ? 1048 ASP A O   1 
ATOM   593  C CB  . ASP A 1 70  ? 0.511   -9.732  -2.799  1.00 29.25 ? 1048 ASP A CB  1 
ATOM   594  C CG  . ASP A 1 70  ? 0.740   -10.982 -3.648  1.00 35.65 ? 1048 ASP A CG  1 
ATOM   595  O OD1 . ASP A 1 70  ? 1.147   -10.849 -4.820  1.00 41.93 ? 1048 ASP A OD1 1 
ATOM   596  O OD2 . ASP A 1 70  ? 0.512   -12.093 -3.126  1.00 45.82 ? 1048 ASP A OD2 1 
ATOM   597  N N   . TYR A 1 71  ? 1.554   -7.059  -1.368  1.00 20.53 ? 1049 TYR A N   1 
ATOM   598  C CA  . TYR A 1 71  ? 1.320   -5.849  -0.584  1.00 18.88 ? 1049 TYR A CA  1 
ATOM   599  C C   . TYR A 1 71  ? 1.769   -4.606  -1.349  1.00 22.06 ? 1049 TYR A C   1 
ATOM   600  O O   . TYR A 1 71  ? 1.044   -3.604  -1.421  1.00 21.40 ? 1049 TYR A O   1 
ATOM   601  C CB  . TYR A 1 71  ? 2.065   -5.978  0.748   1.00 19.48 ? 1049 TYR A CB  1 
ATOM   602  C CG  . TYR A 1 71  ? 2.128   -4.729  1.593   1.00 19.08 ? 1049 TYR A CG  1 
ATOM   603  C CD1 . TYR A 1 71  ? 1.118   -4.425  2.492   1.00 17.68 ? 1049 TYR A CD1 1 
ATOM   604  C CD2 . TYR A 1 71  ? 3.236   -3.883  1.531   1.00 21.11 ? 1049 TYR A CD2 1 
ATOM   605  C CE1 . TYR A 1 71  ? 1.190   -3.283  3.292   1.00 19.17 ? 1049 TYR A CE1 1 
ATOM   606  C CE2 . TYR A 1 71  ? 3.316   -2.744  2.314   1.00 19.58 ? 1049 TYR A CE2 1 
ATOM   607  C CZ  . TYR A 1 71  ? 2.291   -2.453  3.199   1.00 18.42 ? 1049 TYR A CZ  1 
ATOM   608  O OH  . TYR A 1 71  ? 2.359   -1.341  4.002   1.00 19.54 ? 1049 TYR A OH  1 
ATOM   609  N N   . LEU A 1 72  ? 2.961   -4.660  -1.946  1.00 20.66 ? 1050 LEU A N   1 
ATOM   610  C CA  . LEU A 1 72  ? 3.466   -3.495  -2.665  1.00 20.81 ? 1050 LEU A CA  1 
ATOM   611  C C   . LEU A 1 72  ? 2.636   -3.174  -3.897  1.00 22.85 ? 1050 LEU A C   1 
ATOM   612  O O   . LEU A 1 72  ? 2.589   -2.009  -4.308  1.00 24.26 ? 1050 LEU A O   1 
ATOM   613  C CB  . LEU A 1 72  ? 4.925   -3.698  -3.053  1.00 23.46 ? 1050 LEU A CB  1 
ATOM   614  C CG  . LEU A 1 72  ? 5.868   -3.565  -1.871  1.00 23.02 ? 1050 LEU A CG  1 
ATOM   615  C CD1 . LEU A 1 72  ? 7.275   -4.027  -2.267  1.00 27.71 ? 1050 LEU A CD1 1 
ATOM   616  C CD2 . LEU A 1 72  ? 5.881   -2.134  -1.342  1.00 23.97 ? 1050 LEU A CD2 1 
ATOM   617  N N   . ARG A 1 73  ? 1.956   -4.165  -4.489  1.00 22.31 ? 1051 ARG A N   1 
ATOM   618  C CA  . ARG A 1 73  ? 1.035   -3.849  -5.583  1.00 25.86 ? 1051 ARG A CA  1 
ATOM   619  C C   . ARG A 1 73  ? -0.067  -2.903  -5.118  1.00 23.72 ? 1051 ARG A C   1 
ATOM   620  O O   . ARG A 1 73  ? -0.481  -2.002  -5.863  1.00 24.12 ? 1051 ARG A O   1 
ATOM   621  C CB  . ARG A 1 73  ? 0.434   -5.133  -6.166  1.00 30.36 ? 1051 ARG A CB  1 
ATOM   622  C CG  . ARG A 1 73  ? 1.380   -5.875  -7.103  1.00 39.98 ? 1051 ARG A CG  1 
ATOM   623  C CD  . ARG A 1 73  ? 0.603   -6.738  -8.092  1.00 43.90 ? 1051 ARG A CD  1 
ATOM   624  N NE  . ARG A 1 73  ? -0.512  -7.421  -7.442  1.00 49.70 ? 1051 ARG A NE  1 
ATOM   625  C CZ  . ARG A 1 73  ? -0.418  -8.622  -6.882  1.00 47.34 ? 1051 ARG A CZ  1 
ATOM   626  N NH1 . ARG A 1 73  ? 0.741   -9.269  -6.901  1.00 52.37 ? 1051 ARG A NH1 1 
ATOM   627  N NH2 . ARG A 1 73  ? -1.477  -9.175  -6.303  1.00 46.70 ? 1051 ARG A NH2 1 
ATOM   628  N N   . ASP A 1 74  ? -0.546  -3.074  -3.879  1.00 21.21 ? 1052 ASP A N   1 
ATOM   629  C CA  . ASP A 1 74  ? -1.580  -2.163  -3.395  1.00 20.69 ? 1052 ASP A CA  1 
ATOM   630  C C   . ASP A 1 74  ? -0.997  -0.809  -2.983  1.00 19.39 ? 1052 ASP A C   1 
ATOM   631  O O   . ASP A 1 74  ? -1.655  0.223   -3.177  1.00 19.91 ? 1052 ASP A O   1 
ATOM   632  C CB  . ASP A 1 74  ? -2.364  -2.798  -2.244  1.00 22.74 ? 1052 ASP A CB  1 
ATOM   633  C CG  . ASP A 1 74  ? -3.546  -3.641  -2.735  1.00 28.05 ? 1052 ASP A CG  1 
ATOM   634  O OD1 . ASP A 1 74  ? -3.900  -3.543  -3.935  1.00 30.38 ? 1052 ASP A OD1 1 
ATOM   635  O OD2 . ASP A 1 74  ? -4.122  -4.400  -1.926  1.00 26.10 ? 1052 ASP A OD2 1 
ATOM   636  N N   . ILE A 1 75  ? 0.211   -0.774  -2.402  1.00 19.33 ? 1053 ILE A N   1 
ATOM   637  C CA  . ILE A 1 75  ? 0.866   0.518   -2.175  1.00 18.70 ? 1053 ILE A CA  1 
ATOM   638  C C   . ILE A 1 75  ? 1.043   1.247   -3.500  1.00 19.91 ? 1053 ILE A C   1 
ATOM   639  O O   . ILE A 1 75  ? 0.759   2.447   -3.616  1.00 21.24 ? 1053 ILE A O   1 
ATOM   640  C CB  . ILE A 1 75  ? 2.226   0.342   -1.471  1.00 20.11 ? 1053 ILE A CB  1 
ATOM   641  C CG1 . ILE A 1 75  ? 2.065   -0.316  -0.101  1.00 21.20 ? 1053 ILE A CG1 1 
ATOM   642  C CG2 . ILE A 1 75  ? 2.953   1.696   -1.385  1.00 23.32 ? 1053 ILE A CG2 1 
ATOM   643  C CD1 . ILE A 1 75  ? 1.073   0.393   0.846   1.00 22.29 ? 1053 ILE A CD1 1 
ATOM   644  N N   . ASP A 1 76  ? 1.506   0.527   -4.529  1.00 20.76 ? 1054 ASP A N   1 
ATOM   645  C CA  . ASP A 1 76  ? 1.683   1.157   -5.833  1.00 20.41 ? 1054 ASP A CA  1 
ATOM   646  C C   . ASP A 1 76  ? 0.363   1.663   -6.400  1.00 20.44 ? 1054 ASP A C   1 
ATOM   647  O O   . ASP A 1 76  ? 0.347   2.681   -7.106  1.00 22.35 ? 1054 ASP A O   1 
ATOM   648  C CB  . ASP A 1 76  ? 2.341   0.177   -6.810  1.00 24.33 ? 1054 ASP A CB  1 
ATOM   649  C CG  . ASP A 1 76  ? 3.842   0.066   -6.597  1.00 27.49 ? 1054 ASP A CG  1 
ATOM   650  O OD1 . ASP A 1 76  ? 4.487   1.095   -6.293  1.00 35.75 ? 1054 ASP A OD1 1 
ATOM   651  O OD2 . ASP A 1 76  ? 4.388   -1.044  -6.761  1.00 36.14 ? 1054 ASP A OD2 1 
ATOM   652  N N   . LEU A 1 77  ? -0.741  0.961   -6.130  1.00 19.60 ? 1055 LEU A N   1 
ATOM   653  C CA  . LEU A 1 77  ? -2.060  1.410   -6.583  1.00 20.03 ? 1055 LEU A CA  1 
ATOM   654  C C   . LEU A 1 77  ? -2.499  2.694   -5.885  1.00 23.01 ? 1055 LEU A C   1 
ATOM   655  O O   . LEU A 1 77  ? -3.065  3.597   -6.522  1.00 21.40 ? 1055 LEU A O   1 
ATOM   656  C CB  . LEU A 1 77  ? -3.077  0.293   -6.356  1.00 22.85 ? 1055 LEU A CB  1 
ATOM   657  C CG  . LEU A 1 77  ? -4.518  0.537   -6.789  1.00 25.37 ? 1055 LEU A CG  1 
ATOM   658  C CD1 . LEU A 1 77  ? -4.615  0.813   -8.296  1.00 24.74 ? 1055 LEU A CD1 1 
ATOM   659  C CD2 . LEU A 1 77  ? -5.371  -0.665  -6.397  1.00 26.63 ? 1055 LEU A CD2 1 
ATOM   660  N N   . ILE A 1 78  ? -2.262  2.801   -4.575  1.00 18.77 ? 1056 ILE A N   1 
ATOM   661  C CA  . ILE A 1 78  ? -2.521  4.066   -3.890  1.00 19.20 ? 1056 ILE A CA  1 
ATOM   662  C C   . ILE A 1 78  ? -1.803  5.193   -4.610  1.00 20.84 ? 1056 ILE A C   1 
ATOM   663  O O   . ILE A 1 78  ? -2.382  6.252   -4.881  1.00 22.05 ? 1056 ILE A O   1 
ATOM   664  C CB  . ILE A 1 78  ? -2.084  3.993   -2.415  1.00 17.97 ? 1056 ILE A CB  1 
ATOM   665  C CG1 . ILE A 1 78  ? -2.929  2.991   -1.634  1.00 20.39 ? 1056 ILE A CG1 1 
ATOM   666  C CG2 . ILE A 1 78  ? -2.221  5.373   -1.772  1.00 21.03 ? 1056 ILE A CG2 1 
ATOM   667  C CD1 . ILE A 1 78  ? -2.453  2.783   -0.205  1.00 19.50 ? 1056 ILE A CD1 1 
ATOM   668  N N   . CYS A 1 79  ? -0.537  4.971   -4.956  1.00 19.15 ? 1057 CYS A N   1 
ATOM   669  C CA  A CYS A 1 79  ? 0.259   6.031   -5.569  0.72 20.24 ? 1057 CYS A CA  1 
ATOM   670  C CA  B CYS A 1 79  ? 0.242   6.042   -5.563  0.28 20.26 ? 1057 CYS A CA  1 
ATOM   671  C C   . CYS A 1 79  ? -0.209  6.313   -6.993  1.00 22.38 ? 1057 CYS A C   1 
ATOM   672  O O   . CYS A 1 79  ? -0.381  7.473   -7.381  1.00 23.07 ? 1057 CYS A O   1 
ATOM   673  C CB  A CYS A 1 79  ? 1.738   5.651   -5.559  0.72 20.11 ? 1057 CYS A CB  1 
ATOM   674  C CB  B CYS A 1 79  ? 1.723   5.698   -5.502  0.28 20.24 ? 1057 CYS A CB  1 
ATOM   675  S SG  A CYS A 1 79  ? 2.812   6.871   -6.354  0.72 24.93 ? 1057 CYS A SG  1 
ATOM   676  S SG  B CYS A 1 79  ? 2.244   5.474   -3.803  0.28 21.27 ? 1057 CYS A SG  1 
ATOM   677  N N   . SER A 1 80  ? -0.416  5.259   -7.790  1.00 20.75 ? 1058 SER A N   1 
ATOM   678  C CA  . SER A 1 80  ? -0.799  5.489   -9.184  1.00 23.52 ? 1058 SER A CA  1 
ATOM   679  C C   . SER A 1 80  ? -2.186  6.125   -9.285  1.00 25.44 ? 1058 SER A C   1 
ATOM   680  O O   . SER A 1 80  ? -2.409  6.971   -10.161 1.00 23.90 ? 1058 SER A O   1 
ATOM   681  C CB  . SER A 1 80  ? -0.723  4.179   -9.984  1.00 25.99 ? 1058 SER A CB  1 
ATOM   682  O OG  . SER A 1 80  ? -1.649  3.215   -9.516  1.00 29.23 ? 1058 SER A OG  1 
ATOM   683  N N   . ASN A 1 81  ? -3.109  5.772   -8.386  1.00 21.26 ? 1059 ASN A N   1 
ATOM   684  C CA  . ASN A 1 81  ? -4.409  6.440   -8.346  1.00 19.62 ? 1059 ASN A CA  1 
ATOM   685  C C   . ASN A 1 81  ? -4.246  7.928   -8.072  1.00 22.08 ? 1059 ASN A C   1 
ATOM   686  O O   . ASN A 1 81  ? -4.895  8.759   -8.712  1.00 22.52 ? 1059 ASN A O   1 
ATOM   687  C CB  . ASN A 1 81  ? -5.310  5.827   -7.277  1.00 22.77 ? 1059 ASN A CB  1 
ATOM   688  C CG  . ASN A 1 81  ? -5.892  4.479   -7.693  1.00 22.97 ? 1059 ASN A CG  1 
ATOM   689  O OD1 . ASN A 1 81  ? -5.782  4.069   -8.848  1.00 25.58 ? 1059 ASN A OD1 1 
ATOM   690  N ND2 . ASN A 1 81  ? -6.508  3.787   -6.741  1.00 23.23 ? 1059 ASN A ND2 1 
ATOM   691  N N   . ALA A 1 82  ? -3.380  8.287   -7.119  1.00 19.90 ? 1060 ALA A N   1 
ATOM   692  C CA  . ALA A 1 82  ? -3.185  9.701   -6.816  1.00 20.68 ? 1060 ALA A CA  1 
ATOM   693  C C   . ALA A 1 82  ? -2.600  10.446  -8.010  1.00 22.18 ? 1060 ALA A C   1 
ATOM   694  O O   . ALA A 1 82  ? -3.003  11.579  -8.300  1.00 23.24 ? 1060 ALA A O   1 
ATOM   695  C CB  . ALA A 1 82  ? -2.282  9.853   -5.587  1.00 20.55 ? 1060 ALA A CB  1 
ATOM   696  N N   . LEU A 1 83  ? -1.635  9.838   -8.703  1.00 20.24 ? 1061 LEU A N   1 
ATOM   697  C CA  . LEU A 1 83  ? -1.062  10.487  -9.880  1.00 20.93 ? 1061 LEU A CA  1 
ATOM   698  C C   . LEU A 1 83  ? -2.107  10.654  -10.976 1.00 25.71 ? 1061 LEU A C   1 
ATOM   699  O O   . LEU A 1 83  ? -2.145  11.687  -11.658 1.00 26.89 ? 1061 LEU A O   1 
ATOM   700  C CB  . LEU A 1 83  ? 0.133   9.689   -10.398 1.00 23.90 ? 1061 LEU A CB  1 
ATOM   701  C CG  . LEU A 1 83  ? 1.308   9.478   -9.439  1.00 29.16 ? 1061 LEU A CG  1 
ATOM   702  C CD1 . LEU A 1 83  ? 2.473   8.814   -10.160 1.00 32.69 ? 1061 LEU A CD1 1 
ATOM   703  C CD2 . LEU A 1 83  ? 1.753   10.778  -8.805  1.00 31.47 ? 1061 LEU A CD2 1 
ATOM   704  N N   . GLU A 1 84  ? -2.972  9.652   -11.159 1.00 22.05 ? 1062 GLU A N   1 
ATOM   705  C CA  . GLU A 1 84  ? -3.990  9.740   -12.209 1.00 25.44 ? 1062 GLU A CA  1 
ATOM   706  C C   . GLU A 1 84  ? -5.036  10.803  -11.899 1.00 27.47 ? 1062 GLU A C   1 
ATOM   707  O O   . GLU A 1 84  ? -5.493  11.514  -12.808 1.00 28.04 ? 1062 GLU A O   1 
ATOM   708  C CB  . GLU A 1 84  ? -4.675  8.388   -12.395 1.00 29.28 ? 1062 GLU A CB  1 
ATOM   709  C CG  . GLU A 1 84  ? -3.807  7.329   -13.022 1.00 37.83 ? 1062 GLU A CG  1 
ATOM   710  C CD  . GLU A 1 84  ? -4.521  5.994   -13.116 1.00 43.77 ? 1062 GLU A CD  1 
ATOM   711  O OE1 . GLU A 1 84  ? -5.766  6.000   -13.227 1.00 42.07 ? 1062 GLU A OE1 1 
ATOM   712  O OE2 . GLU A 1 84  ? -3.838  4.947   -13.066 1.00 47.49 ? 1062 GLU A OE2 1 
ATOM   713  N N   . TYR A 1 85  ? -5.453  10.911  -10.634 1.00 25.54 ? 1063 TYR A N   1 
ATOM   714  C CA  . TYR A 1 85  ? -6.458  11.901  -10.253 1.00 26.63 ? 1063 TYR A CA  1 
ATOM   715  C C   . TYR A 1 85  ? -5.887  13.314  -10.168 1.00 26.40 ? 1063 TYR A C   1 
ATOM   716  O O   . TYR A 1 85  ? -6.658  14.284  -10.183 1.00 29.35 ? 1063 TYR A O   1 
ATOM   717  C CB  . TYR A 1 85  ? -7.114  11.523  -8.913  1.00 24.85 ? 1063 TYR A CB  1 
ATOM   718  C CG  . TYR A 1 85  ? -8.221  12.481  -8.529  1.00 29.51 ? 1063 TYR A CG  1 
ATOM   719  C CD1 . TYR A 1 85  ? -9.404  12.529  -9.262  1.00 32.01 ? 1063 TYR A CD1 1 
ATOM   720  C CD2 . TYR A 1 85  ? -8.072  13.359  -7.468  1.00 28.84 ? 1063 TYR A CD2 1 
ATOM   721  C CE1 . TYR A 1 85  ? -10.412 13.424  -8.938  1.00 31.32 ? 1063 TYR A CE1 1 
ATOM   722  C CE2 . TYR A 1 85  ? -9.078  14.260  -7.134  1.00 33.82 ? 1063 TYR A CE2 1 
ATOM   723  C CZ  . TYR A 1 85  ? -10.245 14.284  -7.873  1.00 38.93 ? 1063 TYR A CZ  1 
ATOM   724  O OH  . TYR A 1 85  ? -11.243 15.178  -7.546  1.00 39.85 ? 1063 TYR A OH  1 
ATOM   725  N N   . ASN A 1 86  ? -4.565  13.459  -10.120 1.00 22.76 ? 1064 ASN A N   1 
ATOM   726  C CA  . ASN A 1 86  ? -3.907  14.757  -9.951  1.00 23.61 ? 1064 ASN A CA  1 
ATOM   727  C C   . ASN A 1 86  ? -2.901  15.034  -11.059 1.00 22.77 ? 1064 ASN A C   1 
ATOM   728  O O   . ASN A 1 86  ? -1.708  15.221  -10.796 1.00 23.94 ? 1064 ASN A O   1 
ATOM   729  C CB  . ASN A 1 86  ? -3.226  14.812  -8.585  1.00 23.33 ? 1064 ASN A CB  1 
ATOM   730  C CG  . ASN A 1 86  ? -4.215  14.877  -7.466  1.00 25.83 ? 1064 ASN A CG  1 
ATOM   731  O OD1 . ASN A 1 86  ? -4.703  15.955  -7.125  1.00 29.27 ? 1064 ASN A OD1 1 
ATOM   732  N ND2 . ASN A 1 86  ? -4.531  13.713  -6.870  1.00 23.63 ? 1064 ASN A ND2 1 
ATOM   733  N N   . PRO A 1 87  ? -3.349  15.116  -12.316 1.00 23.55 ? 1065 PRO A N   1 
ATOM   734  C CA  . PRO A 1 87  ? -2.405  15.264  -13.425 1.00 25.57 ? 1065 PRO A CA  1 
ATOM   735  C C   . PRO A 1 87  ? -2.035  16.688  -13.794 1.00 23.62 ? 1065 PRO A C   1 
ATOM   736  O O   . PRO A 1 87  ? -1.139  16.863  -14.633 1.00 27.90 ? 1065 PRO A O   1 
ATOM   737  C CB  . PRO A 1 87  ? -3.163  14.612  -14.588 1.00 26.37 ? 1065 PRO A CB  1 
ATOM   738  C CG  . PRO A 1 87  ? -4.578  14.967  -14.305 1.00 27.24 ? 1065 PRO A CG  1 
ATOM   739  C CD  . PRO A 1 87  ? -4.738  15.012  -12.799 1.00 27.30 ? 1065 PRO A CD  1 
ATOM   740  N N   . ASP A 1 88  ? -2.688  17.689  -13.214 1.00 24.78 ? 1066 ASP A N   1 
ATOM   741  C CA  . ASP A 1 88  ? -2.577  19.064  -13.679 1.00 28.23 ? 1066 ASP A CA  1 
ATOM   742  C C   . ASP A 1 88  ? -1.377  19.771  -13.051 1.00 29.66 ? 1066 ASP A C   1 
ATOM   743  O O   . ASP A 1 88  ? -0.772  19.301  -12.080 1.00 25.19 ? 1066 ASP A O   1 
ATOM   744  C CB  . ASP A 1 88  ? -3.862  19.821  -13.365 1.00 26.25 ? 1066 ASP A CB  1 
ATOM   745  C CG  . ASP A 1 88  ? -5.052  19.303  -14.162 1.00 38.98 ? 1066 ASP A CG  1 
ATOM   746  O OD1 . ASP A 1 88  ? -4.828  18.691  -15.232 1.00 37.84 ? 1066 ASP A OD1 1 
ATOM   747  O OD2 . ASP A 1 88  ? -6.199  19.512  -13.715 1.00 42.19 ? 1066 ASP A OD2 1 
ATOM   748  N N   . ARG A 1 89  ? -1.028  20.929  -13.619 1.00 25.17 ? 1067 ARG A N   1 
ATOM   749  C CA  . ARG A 1 89  ? 0.120   21.650  -13.075 1.00 24.73 ? 1067 ARG A CA  1 
ATOM   750  C C   . ARG A 1 89  ? -0.214  22.435  -11.816 1.00 22.16 ? 1067 ARG A C   1 
ATOM   751  O O   . ARG A 1 89  ? 0.711   22.958  -11.179 1.00 24.27 ? 1067 ARG A O   1 
ATOM   752  C CB  . ARG A 1 89  ? 0.723   22.622  -14.104 1.00 27.26 ? 1067 ARG A CB  1 
ATOM   753  C CG  . ARG A 1 89  ? -0.223  23.714  -14.614 1.00 26.29 ? 1067 ARG A CG  1 
ATOM   754  C CD  . ARG A 1 89  ? -0.096  25.027  -13.801 1.00 25.25 ? 1067 ARG A CD  1 
ATOM   755  N NE  . ARG A 1 89  ? 1.300   25.411  -13.574 1.00 25.31 ? 1067 ARG A NE  1 
ATOM   756  C CZ  . ARG A 1 89  ? 1.751   26.014  -12.474 1.00 34.47 ? 1067 ARG A CZ  1 
ATOM   757  N NH1 . ARG A 1 89  ? 0.928   26.319  -11.480 1.00 32.00 ? 1067 ARG A NH1 1 
ATOM   758  N NH2 . ARG A 1 89  ? 3.044   26.298  -12.367 1.00 37.08 ? 1067 ARG A NH2 1 
ATOM   759  N N   . ASP A 1 90  ? -1.494  22.524  -11.453 1.00 22.87 ? 1068 ASP A N   1 
ATOM   760  C CA  . ASP A 1 90  ? -1.931  23.310  -10.308 1.00 23.53 ? 1068 ASP A CA  1 
ATOM   761  C C   . ASP A 1 90  ? -1.233  22.843  -9.030  1.00 26.73 ? 1068 ASP A C   1 
ATOM   762  O O   . ASP A 1 90  ? -0.939  21.654  -8.873  1.00 23.44 ? 1068 ASP A O   1 
ATOM   763  C CB  . ASP A 1 90  ? -3.441  23.188  -10.136 1.00 26.41 ? 1068 ASP A CB  1 
ATOM   764  C CG  . ASP A 1 90  ? -4.215  23.673  -11.362 1.00 41.83 ? 1068 ASP A CG  1 
ATOM   765  O OD1 . ASP A 1 90  ? -5.161  24.474  -11.192 1.00 46.47 ? 1068 ASP A OD1 1 
ATOM   766  O OD2 . ASP A 1 90  ? -3.879  23.254  -12.493 1.00 40.83 ? 1068 ASP A OD2 1 
ATOM   767  N N   . PRO A 1 91  ? -0.982  23.754  -8.087  1.00 21.26 ? 1069 PRO A N   1 
ATOM   768  C CA  . PRO A 1 91  ? -0.250  23.359  -6.873  1.00 21.58 ? 1069 PRO A CA  1 
ATOM   769  C C   . PRO A 1 91  ? -0.976  22.328  -6.015  1.00 21.86 ? 1069 PRO A C   1 
ATOM   770  O O   . PRO A 1 91  ? -0.304  21.521  -5.361  1.00 22.65 ? 1069 PRO A O   1 
ATOM   771  C CB  . PRO A 1 91  ? -0.052  24.691  -6.127  1.00 26.87 ? 1069 PRO A CB  1 
ATOM   772  C CG  . PRO A 1 91  ? -1.042  25.624  -6.725  1.00 29.01 ? 1069 PRO A CG  1 
ATOM   773  C CD  . PRO A 1 91  ? -1.236  25.206  -8.143  1.00 23.14 ? 1069 PRO A CD  1 
ATOM   774  N N   . GLY A 1 92  ? -2.311  22.319  -5.997  1.00 23.14 ? 1070 GLY A N   1 
ATOM   775  C CA  . GLY A 1 92  ? -3.010  21.267  -5.271  1.00 25.69 ? 1070 GLY A CA  1 
ATOM   776  C C   . GLY A 1 92  ? -2.698  19.890  -5.829  1.00 26.90 ? 1070 GLY A C   1 
ATOM   777  O O   . GLY A 1 92  ? -2.434  18.946  -5.071  1.00 25.84 ? 1070 GLY A O   1 
ATOM   778  N N   . ASP A 1 93  ? -2.698  19.763  -7.163  1.00 21.95 ? 1071 ASP A N   1 
ATOM   779  C CA  . ASP A 1 93  ? -2.311  18.507  -7.808  1.00 24.76 ? 1071 ASP A CA  1 
ATOM   780  C C   . ASP A 1 93  ? -0.859  18.157  -7.510  1.00 21.06 ? 1071 ASP A C   1 
ATOM   781  O O   . ASP A 1 93  ? -0.538  17.011  -7.180  1.00 22.36 ? 1071 ASP A O   1 
ATOM   782  C CB  . ASP A 1 93  ? -2.491  18.593  -9.329  1.00 23.62 ? 1071 ASP A CB  1 
ATOM   783  C CG  . ASP A 1 93  ? -3.932  18.758  -9.753  1.00 31.22 ? 1071 ASP A CG  1 
ATOM   784  O OD1 . ASP A 1 93  ? -4.607  19.670  -9.226  1.00 34.72 ? 1071 ASP A OD1 1 
ATOM   785  O OD2 . ASP A 1 93  ? -4.381  17.990  -10.638 1.00 27.23 ? 1071 ASP A OD2 1 
ATOM   786  N N   . ARG A 1 94  ? 0.043   19.128  -7.665  1.00 19.75 ? 1072 ARG A N   1 
ATOM   787  C CA  A ARG A 1 94  ? 1.459   18.827  -7.501  0.55 20.14 ? 1072 ARG A CA  1 
ATOM   788  C CA  B ARG A 1 94  ? 1.470   18.871  -7.491  0.45 20.17 ? 1072 ARG A CA  1 
ATOM   789  C C   . ARG A 1 94  ? 1.786   18.419  -6.070  1.00 20.79 ? 1072 ARG A C   1 
ATOM   790  O O   . ARG A 1 94  ? 2.668   17.574  -5.857  1.00 21.13 ? 1072 ARG A O   1 
ATOM   791  C CB  A ARG A 1 94  ? 2.294   20.029  -7.943  0.55 24.12 ? 1072 ARG A CB  1 
ATOM   792  C CB  B ARG A 1 94  ? 2.265   20.131  -7.835  0.45 24.03 ? 1072 ARG A CB  1 
ATOM   793  C CG  A ARG A 1 94  ? 2.135   20.289  -9.431  0.55 23.41 ? 1072 ARG A CG  1 
ATOM   794  C CG  B ARG A 1 94  ? 3.740   19.883  -8.064  0.45 24.60 ? 1072 ARG A CG  1 
ATOM   795  C CD  A ARG A 1 94  ? 3.193   21.219  -9.991  0.55 27.03 ? 1072 ARG A CD  1 
ATOM   796  C CD  B ARG A 1 94  ? 4.414   21.102  -8.665  0.45 29.06 ? 1072 ARG A CD  1 
ATOM   797  N NE  A ARG A 1 94  ? 3.224   21.190  -11.456 0.55 24.11 ? 1072 ARG A NE  1 
ATOM   798  N NE  B ARG A 1 94  ? 5.852   20.919  -8.806  0.45 31.46 ? 1072 ARG A NE  1 
ATOM   799  C CZ  A ARG A 1 94  ? 3.937   22.036  -12.197 0.55 33.27 ? 1072 ARG A CZ  1 
ATOM   800  C CZ  B ARG A 1 94  ? 6.442   20.557  -9.937  0.45 27.84 ? 1072 ARG A CZ  1 
ATOM   801  N NH1 A ARG A 1 94  ? 4.672   22.974  -11.614 0.55 36.55 ? 1072 ARG A NH1 1 
ATOM   802  N NH1 B ARG A 1 94  ? 7.755   20.408  -9.982  0.45 30.12 ? 1072 ARG A NH1 1 
ATOM   803  N NH2 A ARG A 1 94  ? 3.924   21.946  -13.521 0.55 35.23 ? 1072 ARG A NH2 1 
ATOM   804  N NH2 B ARG A 1 94  ? 5.716   20.349  -11.030 0.45 30.25 ? 1072 ARG A NH2 1 
ATOM   805  N N   . LEU A 1 95  ? 1.089   18.992  -5.089  1.00 20.63 ? 1073 LEU A N   1 
ATOM   806  C CA  . LEU A 1 95  ? 1.291   18.607  -3.693  1.00 19.58 ? 1073 LEU A CA  1 
ATOM   807  C C   . LEU A 1 95  ? 0.912   17.148  -3.474  1.00 21.12 ? 1073 LEU A C   1 
ATOM   808  O O   . LEU A 1 95  ? 1.658   16.386  -2.838  1.00 21.38 ? 1073 LEU A O   1 
ATOM   809  C CB  . LEU A 1 95  ? 0.467   19.510  -2.784  1.00 19.77 ? 1073 LEU A CB  1 
ATOM   810  C CG  . LEU A 1 95  ? 0.528   19.201  -1.284  1.00 18.76 ? 1073 LEU A CG  1 
ATOM   811  C CD1 . LEU A 1 95  ? 1.965   19.278  -0.782  1.00 20.94 ? 1073 LEU A CD1 1 
ATOM   812  C CD2 . LEU A 1 95  ? -0.380  20.157  -0.528  1.00 23.97 ? 1073 LEU A CD2 1 
ATOM   813  N N   . ILE A 1 96  ? -0.239  16.734  -4.007  1.00 20.36 ? 1074 ILE A N   1 
ATOM   814  C CA  . ILE A 1 96  ? -0.672  15.347  -3.808  1.00 19.67 ? 1074 ILE A CA  1 
ATOM   815  C C   . ILE A 1 96  ? 0.263   14.386  -4.533  1.00 20.39 ? 1074 ILE A C   1 
ATOM   816  O O   . ILE A 1 96  ? 0.606   13.317  -4.005  1.00 19.85 ? 1074 ILE A O   1 
ATOM   817  C CB  . ILE A 1 96  ? -2.134  15.156  -4.251  1.00 20.46 ? 1074 ILE A CB  1 
ATOM   818  C CG1 . ILE A 1 96  ? -3.069  16.047  -3.436  1.00 24.12 ? 1074 ILE A CG1 1 
ATOM   819  C CG2 . ILE A 1 96  ? -2.542  13.678  -4.066  1.00 22.66 ? 1074 ILE A CG2 1 
ATOM   820  C CD1 . ILE A 1 96  ? -2.913  15.892  -1.936  1.00 28.24 ? 1074 ILE A CD1 1 
ATOM   821  N N   . ARG A 1 97  ? 0.690   14.737  -5.753  1.00 20.11 ? 1075 ARG A N   1 
ATOM   822  C CA  . ARG A 1 97  ? 1.654   13.898  -6.461  1.00 20.28 ? 1075 ARG A CA  1 
ATOM   823  C C   . ARG A 1 97  ? 2.944   13.738  -5.666  1.00 21.15 ? 1075 ARG A C   1 
ATOM   824  O O   . ARG A 1 97  ? 3.513   12.640  -5.607  1.00 21.73 ? 1075 ARG A O   1 
ATOM   825  C CB  . ARG A 1 97  ? 1.970   14.477  -7.844  1.00 26.02 ? 1075 ARG A CB  1 
ATOM   826  C CG  . ARG A 1 97  ? 0.810   14.392  -8.824  1.00 23.52 ? 1075 ARG A CG  1 
ATOM   827  C CD  . ARG A 1 97  ? 1.295   14.379  -10.283 1.00 27.15 ? 1075 ARG A CD  1 
ATOM   828  N NE  . ARG A 1 97  ? 2.142   15.522  -10.634 1.00 32.68 ? 1075 ARG A NE  1 
ATOM   829  C CZ  . ARG A 1 97  ? 1.679   16.689  -11.074 1.00 31.46 ? 1075 ARG A CZ  1 
ATOM   830  N NH1 . ARG A 1 97  ? 0.373   16.877  -11.192 1.00 25.85 ? 1075 ARG A NH1 1 
ATOM   831  N NH2 . ARG A 1 97  ? 2.516   17.675  -11.383 1.00 35.31 ? 1075 ARG A NH2 1 
ATOM   832  N N   . HIS A 1 98  ? 3.442   14.827  -5.071  1.00 18.34 ? 1076 HIS A N   1 
ATOM   833  C CA  . HIS A 1 98  ? 4.680   14.724  -4.303  1.00 20.26 ? 1076 HIS A CA  1 
ATOM   834  C C   . HIS A 1 98  ? 4.498   13.791  -3.111  1.00 21.45 ? 1076 HIS A C   1 
ATOM   835  O O   . HIS A 1 98  ? 5.382   12.976  -2.808  1.00 21.86 ? 1076 HIS A O   1 
ATOM   836  C CB  . HIS A 1 98  ? 5.132   16.110  -3.831  1.00 19.63 ? 1076 HIS A CB  1 
ATOM   837  C CG  . HIS A 1 98  ? 6.520   16.132  -3.270  1.00 23.99 ? 1076 HIS A CG  1 
ATOM   838  N ND1 . HIS A 1 98  ? 6.779   15.987  -1.925  1.00 26.85 ? 1076 HIS A ND1 1 
ATOM   839  C CD2 . HIS A 1 98  ? 7.724   16.280  -3.872  1.00 26.86 ? 1076 HIS A CD2 1 
ATOM   840  C CE1 . HIS A 1 98  ? 8.086   16.047  -1.722  1.00 27.17 ? 1076 HIS A CE1 1 
ATOM   841  N NE2 . HIS A 1 98  ? 8.682   16.219  -2.890  1.00 26.42 ? 1076 HIS A NE2 1 
ATOM   842  N N   . ARG A 1 99  ? 3.349   13.887  -2.438  1.00 17.69 ? 1077 ARG A N   1 
ATOM   843  C CA  . ARG A 1 99  ? 3.093   13.023  -1.285  1.00 16.81 ? 1077 ARG A CA  1 
ATOM   844  C C   . ARG A 1 99  ? 2.932   11.574  -1.713  1.00 20.85 ? 1077 ARG A C   1 
ATOM   845  O O   . ARG A 1 99  ? 3.393   10.660  -1.016  1.00 19.23 ? 1077 ARG A O   1 
ATOM   846  C CB  . ARG A 1 99  ? 1.846   13.485  -0.545  1.00 18.88 ? 1077 ARG A CB  1 
ATOM   847  C CG  . ARG A 1 99  ? 2.017   14.835  0.142   1.00 19.14 ? 1077 ARG A CG  1 
ATOM   848  C CD  . ARG A 1 99  ? 0.686   15.344  0.604   1.00 22.15 ? 1077 ARG A CD  1 
ATOM   849  N NE  . ARG A 1 99  ? 0.834   16.475  1.511   1.00 22.86 ? 1077 ARG A NE  1 
ATOM   850  C CZ  . ARG A 1 99  ? -0.191  17.201  1.943   1.00 24.44 ? 1077 ARG A CZ  1 
ATOM   851  N NH1 . ARG A 1 99  ? -1.419  16.911  1.542   1.00 27.29 ? 1077 ARG A NH1 1 
ATOM   852  N NH2 . ARG A 1 99  ? 0.017   18.221  2.767   1.00 27.54 ? 1077 ARG A NH2 1 
ATOM   853  N N   . ALA A 1 100 ? 2.277   11.347  -2.853  1.00 19.85 ? 1078 ALA A N   1 
ATOM   854  C CA  . ALA A 1 100 ? 2.088   9.983   -3.343  1.00 20.77 ? 1078 ALA A CA  1 
ATOM   855  C C   . ALA A 1 100 ? 3.418   9.330   -3.694  1.00 20.97 ? 1078 ALA A C   1 
ATOM   856  O O   . ALA A 1 100 ? 3.656   8.159   -3.355  1.00 22.96 ? 1078 ALA A O   1 
ATOM   857  C CB  . ALA A 1 100 ? 1.153   9.995   -4.553  1.00 22.70 ? 1078 ALA A CB  1 
ATOM   858  N N   . CYS A 1 101 ? 4.308   10.071  -4.356  1.00 20.98 ? 1079 CYS A N   1 
ATOM   859  C CA  . CYS A 1 101 ? 5.631   9.545   -4.647  1.00 23.15 ? 1079 CYS A CA  1 
ATOM   860  C C   . CYS A 1 101 ? 6.409   9.286   -3.365  1.00 21.43 ? 1079 CYS A C   1 
ATOM   861  O O   . CYS A 1 101 ? 7.145   8.297   -3.270  1.00 24.69 ? 1079 CYS A O   1 
ATOM   862  C CB  . CYS A 1 101 ? 6.382   10.509  -5.557  1.00 26.36 ? 1079 CYS A CB  1 
ATOM   863  S SG  . CYS A 1 101 ? 5.646   10.522  -7.210  1.00 33.86 ? 1079 CYS A SG  1 
ATOM   864  N N   . ALA A 1 102 ? 6.239   10.146  -2.363  1.00 20.06 ? 1080 ALA A N   1 
ATOM   865  C CA  . ALA A 1 102 ? 6.931   9.929   -1.097  1.00 19.50 ? 1080 ALA A CA  1 
ATOM   866  C C   . ALA A 1 102 ? 6.388   8.704   -0.371  1.00 20.68 ? 1080 ALA A C   1 
ATOM   867  O O   . ALA A 1 102 ? 7.155   7.963   0.255   1.00 22.07 ? 1080 ALA A O   1 
ATOM   868  C CB  . ALA A 1 102 ? 6.819   11.169  -0.213  1.00 21.15 ? 1080 ALA A CB  1 
ATOM   869  N N   . LEU A 1 103 ? 5.076   8.476   -0.431  1.00 19.23 ? 1081 LEU A N   1 
ATOM   870  C CA  . LEU A 1 103 ? 4.521   7.257   0.170   1.00 18.46 ? 1081 LEU A CA  1 
ATOM   871  C C   . LEU A 1 103 ? 5.135   6.014   -0.459  1.00 22.35 ? 1081 LEU A C   1 
ATOM   872  O O   . LEU A 1 103 ? 5.602   5.103   0.243   1.00 21.42 ? 1081 LEU A O   1 
ATOM   873  C CB  . LEU A 1 103 ? 3.003   7.237   -0.012  1.00 19.88 ? 1081 LEU A CB  1 
ATOM   874  C CG  . LEU A 1 103 ? 2.322   5.935   0.392   1.00 23.75 ? 1081 LEU A CG  1 
ATOM   875  C CD1 . LEU A 1 103 ? 2.356   5.801   1.884   1.00 25.39 ? 1081 LEU A CD1 1 
ATOM   876  C CD2 . LEU A 1 103 ? 0.887   5.896   -0.133  1.00 27.22 ? 1081 LEU A CD2 1 
ATOM   877  N N   . ARG A 1 104 ? 5.144   5.964   -1.791  1.00 21.37 ? 1082 ARG A N   1 
ATOM   878  C CA  . ARG A 1 104 ? 5.727   4.831   -2.512  1.00 21.71 ? 1082 ARG A CA  1 
ATOM   879  C C   . ARG A 1 104 ? 7.197   4.645   -2.162  1.00 23.14 ? 1082 ARG A C   1 
ATOM   880  O O   . ARG A 1 104 ? 7.640   3.539   -1.818  1.00 22.94 ? 1082 ARG A O   1 
ATOM   881  C CB  . ARG A 1 104 ? 5.560   5.060   -4.016  1.00 25.79 ? 1082 ARG A CB  1 
ATOM   882  C CG  . ARG A 1 104 ? 6.079   3.943   -4.904  1.00 26.44 ? 1082 ARG A CG  1 
ATOM   883  C CD  . ARG A 1 104 ? 6.329   4.482   -6.326  1.00 35.01 ? 1082 ARG A CD  1 
ATOM   884  N NE  . ARG A 1 104 ? 7.230   5.637   -6.295  1.00 35.24 ? 1082 ARG A NE  1 
ATOM   885  C CZ  . ARG A 1 104 ? 7.158   6.685   -7.114  1.00 42.54 ? 1082 ARG A CZ  1 
ATOM   886  N NH1 . ARG A 1 104 ? 6.220   6.747   -8.054  1.00 38.80 ? 1082 ARG A NH1 1 
ATOM   887  N NH2 . ARG A 1 104 ? 8.032   7.676   -6.988  1.00 42.31 ? 1082 ARG A NH2 1 
ATOM   888  N N   . ASP A 1 105 ? 7.971   5.726   -2.239  1.00 21.41 ? 1083 ASP A N   1 
ATOM   889  C CA  . ASP A 1 105 ? 9.401   5.636   -1.968  1.00 22.33 ? 1083 ASP A CA  1 
ATOM   890  C C   . ASP A 1 105 ? 9.666   5.212   -0.535  1.00 21.57 ? 1083 ASP A C   1 
ATOM   891  O O   . ASP A 1 105 ? 10.595  4.431   -0.273  1.00 22.89 ? 1083 ASP A O   1 
ATOM   892  C CB  . ASP A 1 105 ? 10.073  6.971   -2.249  1.00 25.44 ? 1083 ASP A CB  1 
ATOM   893  C CG  . ASP A 1 105 ? 10.071  7.321   -3.725  1.00 29.89 ? 1083 ASP A CG  1 
ATOM   894  O OD1 . ASP A 1 105 ? 9.706   6.454   -4.554  1.00 32.72 ? 1083 ASP A OD1 1 
ATOM   895  O OD2 . ASP A 1 105 ? 10.426  8.475   -4.044  1.00 38.44 ? 1083 ASP A OD2 1 
ATOM   896  N N   . THR A 1 106 ? 8.857   5.708   0.405   1.00 19.42 ? 1084 THR A N   1 
ATOM   897  C CA  . THR A 1 106 ? 9.082   5.378   1.809   1.00 20.79 ? 1084 THR A CA  1 
ATOM   898  C C   . THR A 1 106 ? 8.781   3.911   2.074   1.00 20.46 ? 1084 THR A C   1 
ATOM   899  O O   . THR A 1 106 ? 9.548   3.227   2.769   1.00 20.95 ? 1084 THR A O   1 
ATOM   900  C CB  . THR A 1 106 ? 8.229   6.273   2.704   1.00 21.65 ? 1084 THR A CB  1 
ATOM   901  O OG1 . THR A 1 106 ? 8.630   7.644   2.534   1.00 22.11 ? 1084 THR A OG1 1 
ATOM   902  C CG2 . THR A 1 106 ? 8.406   5.892   4.171   1.00 20.79 ? 1084 THR A CG2 1 
ATOM   903  N N   . ALA A 1 107 ? 7.668   3.408   1.533   1.00 18.36 ? 1085 ALA A N   1 
ATOM   904  C CA  . ALA A 1 107 ? 7.341   1.998   1.712   1.00 18.81 ? 1085 ALA A CA  1 
ATOM   905  C C   . ALA A 1 107 ? 8.429   1.109   1.121   1.00 22.02 ? 1085 ALA A C   1 
ATOM   906  O O   . ALA A 1 107 ? 8.891   0.161   1.765   1.00 20.45 ? 1085 ALA A O   1 
ATOM   907  C CB  . ALA A 1 107 ? 5.981   1.689   1.072   1.00 20.67 ? 1085 ALA A CB  1 
ATOM   908  N N   . TYR A 1 108 ? 8.869   1.404   -0.105  1.00 20.22 ? 1086 TYR A N   1 
ATOM   909  C CA  . TYR A 1 108 ? 9.916   0.573   -0.702  1.00 21.62 ? 1086 TYR A CA  1 
ATOM   910  C C   . TYR A 1 108 ? 11.202  0.623   0.113   1.00 23.30 ? 1086 TYR A C   1 
ATOM   911  O O   . TYR A 1 108 ? 11.890  -0.399  0.257   1.00 25.26 ? 1086 TYR A O   1 
ATOM   912  C CB  . TYR A 1 108 ? 10.178  1.000   -2.150  1.00 23.84 ? 1086 TYR A CB  1 
ATOM   913  C CG  . TYR A 1 108 ? 9.274   0.308   -3.133  1.00 23.30 ? 1086 TYR A CG  1 
ATOM   914  C CD1 . TYR A 1 108 ? 8.022   0.830   -3.459  1.00 24.18 ? 1086 TYR A CD1 1 
ATOM   915  C CD2 . TYR A 1 108 ? 9.647   -0.897  -3.716  1.00 27.85 ? 1086 TYR A CD2 1 
ATOM   916  C CE1 . TYR A 1 108 ? 7.185   0.180   -4.360  1.00 26.76 ? 1086 TYR A CE1 1 
ATOM   917  C CE2 . TYR A 1 108 ? 8.819   -1.548  -4.611  1.00 28.29 ? 1086 TYR A CE2 1 
ATOM   918  C CZ  . TYR A 1 108 ? 7.598   -1.009  -4.937  1.00 27.39 ? 1086 TYR A CZ  1 
ATOM   919  O OH  . TYR A 1 108 ? 6.782   -1.669  -5.835  1.00 27.76 ? 1086 TYR A OH  1 
ATOM   920  N N   . ALA A 1 109 ? 11.539  1.793   0.665   1.00 20.35 ? 1087 ALA A N   1 
ATOM   921  C CA  . ALA A 1 109 ? 12.791  1.940   1.408   1.00 21.57 ? 1087 ALA A CA  1 
ATOM   922  C C   . ALA A 1 109 ? 12.742  1.176   2.727   1.00 23.29 ? 1087 ALA A C   1 
ATOM   923  O O   . ALA A 1 109 ? 13.733  0.551   3.123   1.00 24.44 ? 1087 ALA A O   1 
ATOM   924  C CB  . ALA A 1 109 ? 13.095  3.418   1.657   1.00 27.78 ? 1087 ALA A CB  1 
ATOM   925  N N   . ILE A 1 110 ? 11.595  1.208   3.413   1.00 20.29 ? 1088 ILE A N   1 
ATOM   926  C CA  . ILE A 1 110 ? 11.441  0.426   4.642   1.00 18.69 ? 1088 ILE A CA  1 
ATOM   927  C C   . ILE A 1 110 ? 11.598  -1.052  4.340   1.00 20.94 ? 1088 ILE A C   1 
ATOM   928  O O   . ILE A 1 110 ? 12.288  -1.786  5.059   1.00 22.05 ? 1088 ILE A O   1 
ATOM   929  C CB  . ILE A 1 110 ? 10.076  0.710   5.296   1.00 21.07 ? 1088 ILE A CB  1 
ATOM   930  C CG1 . ILE A 1 110 ? 10.039  2.114   5.882   1.00 22.77 ? 1088 ILE A CG1 1 
ATOM   931  C CG2 . ILE A 1 110 ? 9.764   -0.361  6.364   1.00 19.79 ? 1088 ILE A CG2 1 
ATOM   932  C CD1 . ILE A 1 110 ? 8.667   2.530   6.350   1.00 21.47 ? 1088 ILE A CD1 1 
ATOM   933  N N   . ILE A 1 111 ? 10.941  -1.517  3.280   1.00 19.54 ? 1089 ILE A N   1 
ATOM   934  C CA  . ILE A 1 111 ? 10.988  -2.933  2.945   1.00 20.21 ? 1089 ILE A CA  1 
ATOM   935  C C   . ILE A 1 111 ? 12.396  -3.333  2.521   1.00 23.72 ? 1089 ILE A C   1 
ATOM   936  O O   . ILE A 1 111 ? 12.914  -4.370  2.956   1.00 22.95 ? 1089 ILE A O   1 
ATOM   937  C CB  . ILE A 1 111 ? 9.929   -3.253  1.872   1.00 21.59 ? 1089 ILE A CB  1 
ATOM   938  C CG1 A ILE A 1 111 ? 8.565   -3.337  2.564   0.84 23.87 ? 1089 ILE A CG1 1 
ATOM   939  C CG1 B ILE A 1 111 ? 8.542   -2.751  2.277   0.16 23.49 ? 1089 ILE A CG1 1 
ATOM   940  C CG2 A ILE A 1 111 ? 10.261  -4.552  1.134   0.84 25.02 ? 1089 ILE A CG2 1 
ATOM   941  C CG2 B ILE A 1 111 ? 9.904   -4.747  1.587   0.16 25.65 ? 1089 ILE A CG2 1 
ATOM   942  C CD1 A ILE A 1 111 ? 7.385   -2.948  1.711   0.84 27.25 ? 1089 ILE A CD1 1 
ATOM   943  C CD1 B ILE A 1 111 ? 8.134   -3.087  3.669   0.16 23.37 ? 1089 ILE A CD1 1 
ATOM   944  N N   . LYS A 1 112 ? 13.057  -2.509  1.697   1.00 21.06 ? 1090 LYS A N   1 
ATOM   945  C CA  . LYS A 1 112 ? 14.415  -2.848  1.281   1.00 24.67 ? 1090 LYS A CA  1 
ATOM   946  C C   . LYS A 1 112 ? 15.351  -2.992  2.474   1.00 27.45 ? 1090 LYS A C   1 
ATOM   947  O O   . LYS A 1 112 ? 16.252  -3.838  2.463   1.00 29.94 ? 1090 LYS A O   1 
ATOM   948  C CB  . LYS A 1 112 ? 14.951  -1.787  0.313   1.00 28.99 ? 1090 LYS A CB  1 
ATOM   949  C CG  . LYS A 1 112 ? 16.363  -2.045  -0.201  1.00 38.31 ? 1090 LYS A CG  1 
ATOM   950  C CD  . LYS A 1 112 ? 16.422  -3.301  -1.063  1.00 51.45 ? 1090 LYS A CD  1 
ATOM   951  C CE  . LYS A 1 112 ? 17.704  -4.094  -0.825  1.00 53.90 ? 1090 LYS A CE  1 
ATOM   952  N NZ  . LYS A 1 112 ? 17.507  -5.555  -1.057  1.00 52.20 ? 1090 LYS A NZ  1 
ATOM   953  N N   . GLU A 1 113 ? 15.150  -2.207  3.523   1.00 23.57 ? 1091 GLU A N   1 
ATOM   954  C CA  . GLU A 1 113 ? 16.062  -2.286  4.652   1.00 25.62 ? 1091 GLU A CA  1 
ATOM   955  C C   . GLU A 1 113 ? 15.654  -3.302  5.703   1.00 29.63 ? 1091 GLU A C   1 
ATOM   956  O O   . GLU A 1 113 ? 16.525  -3.804  6.418   1.00 31.00 ? 1091 GLU A O   1 
ATOM   957  C CB  . GLU A 1 113 ? 16.218  -0.928  5.329   1.00 30.82 ? 1091 GLU A CB  1 
ATOM   958  C CG  . GLU A 1 113 ? 17.628  -0.744  5.748   1.00 47.00 ? 1091 GLU A CG  1 
ATOM   959  C CD  . GLU A 1 113 ? 17.893  0.632   6.283   1.00 60.90 ? 1091 GLU A CD  1 
ATOM   960  O OE1 . GLU A 1 113 ? 19.056  1.082   6.159   1.00 69.66 ? 1091 GLU A OE1 1 
ATOM   961  O OE2 . GLU A 1 113 ? 16.963  1.255   6.824   1.00 62.90 ? 1091 GLU A OE2 1 
ATOM   962  N N   . GLU A 1 114 ? 14.369  -3.606  5.846   1.00 22.95 ? 1092 GLU A N   1 
ATOM   963  C CA  . GLU A 1 114 ? 13.917  -4.366  6.999   1.00 20.47 ? 1092 GLU A CA  1 
ATOM   964  C C   . GLU A 1 114 ? 13.373  -5.744  6.673   1.00 22.12 ? 1092 GLU A C   1 
ATOM   965  O O   . GLU A 1 114 ? 13.238  -6.561  7.588   1.00 25.67 ? 1092 GLU A O   1 
ATOM   966  C CB  . GLU A 1 114 ? 12.847  -3.570  7.756   1.00 20.45 ? 1092 GLU A CB  1 
ATOM   967  C CG  . GLU A 1 114 ? 13.370  -2.201  8.202   1.00 22.95 ? 1092 GLU A CG  1 
ATOM   968  C CD  . GLU A 1 114 ? 12.350  -1.381  8.969   1.00 24.60 ? 1092 GLU A CD  1 
ATOM   969  O OE1 . GLU A 1 114 ? 11.404  -1.960  9.544   1.00 26.04 ? 1092 GLU A OE1 1 
ATOM   970  O OE2 . GLU A 1 114 ? 12.502  -0.138  9.006   1.00 26.08 ? 1092 GLU A OE2 1 
ATOM   971  N N   . LEU A 1 115 ? 13.065  -6.030  5.419   1.00 21.42 ? 1093 LEU A N   1 
ATOM   972  C CA  . LEU A 1 115 ? 12.569  -7.346  5.035   1.00 20.92 ? 1093 LEU A CA  1 
ATOM   973  C C   . LEU A 1 115 ? 13.730  -8.224  4.574   1.00 24.62 ? 1093 LEU A C   1 
ATOM   974  O O   . LEU A 1 115 ? 14.423  -7.885  3.609   1.00 25.62 ? 1093 LEU A O   1 
ATOM   975  C CB  . LEU A 1 115 ? 11.539  -7.207  3.922   1.00 25.73 ? 1093 LEU A CB  1 
ATOM   976  C CG  . LEU A 1 115 ? 11.113  -8.570  3.405   1.00 35.10 ? 1093 LEU A CG  1 
ATOM   977  C CD1 . LEU A 1 115 ? 10.111  -9.159  4.357   1.00 31.78 ? 1093 LEU A CD1 1 
ATOM   978  C CD2 . LEU A 1 115 ? 10.554  -8.421  2.009   1.00 37.80 ? 1093 LEU A CD2 1 
ATOM   979  N N   . ASP A 1 116 ? 13.941  -9.353  5.253   1.00 23.35 ? 1094 ASP A N   1 
ATOM   980  C CA  . ASP A 1 116 ? 14.989  -10.273 4.824   1.00 24.38 ? 1094 ASP A CA  1 
ATOM   981  C C   . ASP A 1 116 ? 14.635  -10.915 3.483   1.00 26.84 ? 1094 ASP A C   1 
ATOM   982  O O   . ASP A 1 116 ? 13.514  -11.400 3.288   1.00 22.91 ? 1094 ASP A O   1 
ATOM   983  C CB  . ASP A 1 116 ? 15.201  -11.331 5.904   1.00 24.16 ? 1094 ASP A CB  1 
ATOM   984  C CG  . ASP A 1 116 ? 16.388  -12.228 5.617   1.00 33.94 ? 1094 ASP A CG  1 
ATOM   985  O OD1 . ASP A 1 116 ? 16.334  -12.994 4.637   1.00 35.72 ? 1094 ASP A OD1 1 
ATOM   986  O OD2 . ASP A 1 116 ? 17.374  -12.177 6.383   1.00 34.21 ? 1094 ASP A OD2 1 
ATOM   987  N N   . GLU A 1 117 ? 15.597  -10.920 2.549   1.00 23.23 ? 1095 GLU A N   1 
ATOM   988  C CA  . GLU A 1 117 ? 15.332  -11.455 1.215   1.00 24.13 ? 1095 GLU A CA  1 
ATOM   989  C C   . GLU A 1 117 ? 14.975  -12.935 1.248   1.00 23.40 ? 1095 GLU A C   1 
ATOM   990  O O   . GLU A 1 117 ? 14.167  -13.392 0.429   1.00 23.02 ? 1095 GLU A O   1 
ATOM   991  C CB  . GLU A 1 117 ? 16.542  -11.239 0.301   1.00 31.57 ? 1095 GLU A CB  1 
ATOM   992  C CG  . GLU A 1 117 ? 16.768  -9.781  -0.064  1.00 43.19 ? 1095 GLU A CG  1 
ATOM   993  C CD  . GLU A 1 117 ? 18.024  -9.570  -0.892  1.00 57.46 ? 1095 GLU A CD  1 
ATOM   994  O OE1 . GLU A 1 117 ? 18.354  -10.448 -1.718  1.00 59.21 ? 1095 GLU A OE1 1 
ATOM   995  O OE2 . GLU A 1 117 ? 18.681  -8.522  -0.713  1.00 62.16 ? 1095 GLU A OE2 1 
ATOM   996  N N   . ASP A 1 118 ? 15.567  -13.698 2.174   1.00 24.51 ? 1096 ASP A N   1 
ATOM   997  C CA  . ASP A 1 118 ? 15.221  -15.117 2.269   1.00 22.73 ? 1096 ASP A CA  1 
ATOM   998  C C   . ASP A 1 118 ? 13.822  -15.315 2.837   1.00 21.48 ? 1096 ASP A C   1 
ATOM   999  O O   . ASP A 1 118 ? 13.158  -16.312 2.524   1.00 21.87 ? 1096 ASP A O   1 
ATOM   1000 C CB  . ASP A 1 118 ? 16.232  -15.867 3.140   1.00 24.58 ? 1096 ASP A CB  1 
ATOM   1001 C CG  . ASP A 1 118 ? 17.600  -15.960 2.498   1.00 31.05 ? 1096 ASP A CG  1 
ATOM   1002 O OD1 . ASP A 1 118 ? 17.670  -15.994 1.257   1.00 34.05 ? 1096 ASP A OD1 1 
ATOM   1003 O OD2 . ASP A 1 118 ? 18.599  -15.977 3.245   1.00 35.88 ? 1096 ASP A OD2 1 
ATOM   1004 N N   . PHE A 1 119 ? 13.364  -14.395 3.689   1.00 21.37 ? 1097 PHE A N   1 
ATOM   1005 C CA  . PHE A 1 119 ? 12.003  -14.497 4.189   1.00 20.41 ? 1097 PHE A CA  1 
ATOM   1006 C C   . PHE A 1 119 ? 11.007  -14.264 3.064   1.00 20.31 ? 1097 PHE A C   1 
ATOM   1007 O O   . PHE A 1 119 ? 10.036  -15.013 2.912   1.00 21.06 ? 1097 PHE A O   1 
ATOM   1008 C CB  . PHE A 1 119 ? 11.779  -13.502 5.335   1.00 19.38 ? 1097 PHE A CB  1 
ATOM   1009 C CG  . PHE A 1 119 ? 10.388  -13.570 5.909   1.00 20.62 ? 1097 PHE A CG  1 
ATOM   1010 C CD1 . PHE A 1 119 ? 10.069  -14.515 6.875   1.00 24.03 ? 1097 PHE A CD1 1 
ATOM   1011 C CD2 . PHE A 1 119 ? 9.396   -12.728 5.449   1.00 21.86 ? 1097 PHE A CD2 1 
ATOM   1012 C CE1 . PHE A 1 119 ? 8.793   -14.600 7.384   1.00 22.33 ? 1097 PHE A CE1 1 
ATOM   1013 C CE2 . PHE A 1 119 ? 8.112   -12.810 5.955   1.00 24.39 ? 1097 PHE A CE2 1 
ATOM   1014 C CZ  . PHE A 1 119 ? 7.808   -13.750 6.914   1.00 23.40 ? 1097 PHE A CZ  1 
ATOM   1015 N N   . GLU A 1 120 ? 11.237  -13.230 2.254   1.00 21.86 ? 1098 GLU A N   1 
ATOM   1016 C CA  . GLU A 1 120 ? 10.343  -12.995 1.130   1.00 22.78 ? 1098 GLU A CA  1 
ATOM   1017 C C   . GLU A 1 120 ? 10.393  -14.157 0.144   1.00 21.60 ? 1098 GLU A C   1 
ATOM   1018 O O   . GLU A 1 120 ? 9.361   -14.559 -0.396  1.00 21.44 ? 1098 GLU A O   1 
ATOM   1019 C CB  . GLU A 1 120 ? 10.697  -11.680 0.439   1.00 26.19 ? 1098 GLU A CB  1 
ATOM   1020 C CG  . GLU A 1 120 ? 9.968   -11.457 -0.888  1.00 25.56 ? 1098 GLU A CG  1 
ATOM   1021 C CD  . GLU A 1 120 ? 8.441   -11.327 -0.772  1.00 29.87 ? 1098 GLU A CD  1 
ATOM   1022 O OE1 . GLU A 1 120 ? 7.898   -11.260 0.355   1.00 26.23 ? 1098 GLU A OE1 1 
ATOM   1023 O OE2 . GLU A 1 120 ? 7.765   -11.281 -1.827  1.00 30.52 ? 1098 GLU A OE2 1 
ATOM   1024 N N   . GLN A 1 121 ? 11.581  -14.734 -0.070  1.00 23.00 ? 1099 GLN A N   1 
ATOM   1025 C CA  . GLN A 1 121 ? 11.689  -15.874 -0.979  1.00 21.42 ? 1099 GLN A CA  1 
ATOM   1026 C C   . GLN A 1 121 ? 10.879  -17.063 -0.474  1.00 21.79 ? 1099 GLN A C   1 
ATOM   1027 O O   . GLN A 1 121 ? 10.205  -17.746 -1.256  1.00 22.81 ? 1099 GLN A O   1 
ATOM   1028 C CB  . GLN A 1 121 ? 13.160  -16.255 -1.166  1.00 23.00 ? 1099 GLN A CB  1 
ATOM   1029 C CG  . GLN A 1 121 ? 13.378  -17.358 -2.196  1.00 26.59 ? 1099 GLN A CG  1 
ATOM   1030 C CD  . GLN A 1 121 ? 12.974  -16.935 -3.586  1.00 34.61 ? 1099 GLN A CD  1 
ATOM   1031 O OE1 . GLN A 1 121 ? 13.124  -15.771 -3.959  1.00 34.11 ? 1099 GLN A OE1 1 
ATOM   1032 N NE2 . GLN A 1 121 ? 12.450  -17.876 -4.362  1.00 31.10 ? 1099 GLN A NE2 1 
ATOM   1033 N N   . LEU A 1 122 ? 10.926  -17.321 0.834   1.00 20.12 ? 1100 LEU A N   1 
ATOM   1034 C CA  . LEU A 1 122 ? 10.117  -18.393 1.400   1.00 20.57 ? 1100 LEU A CA  1 
ATOM   1035 C C   . LEU A 1 122 ? 8.637   -18.145 1.155   1.00 24.16 ? 1100 LEU A C   1 
ATOM   1036 O O   . LEU A 1 122 ? 7.900   -19.054 0.749   1.00 23.81 ? 1100 LEU A O   1 
ATOM   1037 C CB  . LEU A 1 122 ? 10.404  -18.526 2.895   1.00 21.51 ? 1100 LEU A CB  1 
ATOM   1038 C CG  . LEU A 1 122 ? 9.571   -19.570 3.634   1.00 21.79 ? 1100 LEU A CG  1 
ATOM   1039 C CD1 . LEU A 1 122 ? 9.693   -20.957 2.978   1.00 23.89 ? 1100 LEU A CD1 1 
ATOM   1040 C CD2 . LEU A 1 122 ? 10.001  -19.627 5.089   1.00 22.46 ? 1100 LEU A CD2 1 
ATOM   1041 N N   . CYS A 1 123 ? 8.173   -16.916 1.414   1.00 21.08 ? 1101 CYS A N   1 
ATOM   1042 C CA  . CYS A 1 123 ? 6.762   -16.609 1.186   1.00 20.60 ? 1101 CYS A CA  1 
ATOM   1043 C C   . CYS A 1 123 ? 6.379   -16.870 -0.264  1.00 22.07 ? 1101 CYS A C   1 
ATOM   1044 O O   . CYS A 1 123 ? 5.318   -17.445 -0.541  1.00 23.70 ? 1101 CYS A O   1 
ATOM   1045 C CB  . CYS A 1 123 ? 6.465   -15.149 1.542   1.00 22.58 ? 1101 CYS A CB  1 
ATOM   1046 S SG  . CYS A 1 123 ? 6.548   -14.743 3.278   1.00 23.21 ? 1101 CYS A SG  1 
ATOM   1047 N N   . GLU A 1 124 ? 7.226   -16.443 -1.199  1.00 22.24 ? 1102 GLU A N   1 
ATOM   1048 C CA  . GLU A 1 124 ? 6.927   -16.630 -2.612  1.00 24.92 ? 1102 GLU A CA  1 
ATOM   1049 C C   . GLU A 1 124 ? 6.906   -18.108 -2.982  1.00 30.60 ? 1102 GLU A C   1 
ATOM   1050 O O   . GLU A 1 124 ? 6.064   -18.541 -3.778  1.00 29.40 ? 1102 GLU A O   1 
ATOM   1051 C CB  . GLU A 1 124 ? 7.936   -15.861 -3.462  1.00 27.55 ? 1102 GLU A CB  1 
ATOM   1052 C CG  . GLU A 1 124 ? 7.797   -14.349 -3.303  1.00 29.23 ? 1102 GLU A CG  1 
ATOM   1053 C CD  . GLU A 1 124 ? 8.716   -13.559 -4.211  1.00 41.17 ? 1102 GLU A CD  1 
ATOM   1054 O OE1 . GLU A 1 124 ? 9.204   -14.130 -5.210  1.00 44.20 ? 1102 GLU A OE1 1 
ATOM   1055 O OE2 . GLU A 1 124 ? 8.942   -12.358 -3.930  1.00 36.80 ? 1102 GLU A OE2 1 
ATOM   1056 N N   . GLU A 1 125 ? 7.808   -18.903 -2.405  1.00 26.51 ? 1103 GLU A N   1 
ATOM   1057 C CA  . GLU A 1 125 ? 7.821   -20.328 -2.732  1.00 27.30 ? 1103 GLU A CA  1 
ATOM   1058 C C   . GLU A 1 125 ? 6.620   -21.061 -2.144  1.00 30.50 ? 1103 GLU A C   1 
ATOM   1059 O O   . GLU A 1 125 ? 6.101   -21.988 -2.778  1.00 32.17 ? 1103 GLU A O   1 
ATOM   1060 C CB  . GLU A 1 125 ? 9.153   -20.957 -2.289  1.00 27.34 ? 1103 GLU A CB  1 
ATOM   1061 C CG  . GLU A 1 125 ? 10.283  -20.606 -3.257  1.00 29.76 ? 1103 GLU A CG  1 
ATOM   1062 C CD  . GLU A 1 125 ? 11.650  -21.204 -2.918  1.00 31.02 ? 1103 GLU A CD  1 
ATOM   1063 O OE1 . GLU A 1 125 ? 11.740  -22.161 -2.122  1.00 28.81 ? 1103 GLU A OE1 1 
ATOM   1064 O OE2 . GLU A 1 125 ? 12.648  -20.700 -3.465  1.00 30.27 ? 1103 GLU A OE2 1 
ATOM   1065 N N   . ILE A 1 126 ? 6.143   -20.667 -0.962  1.00 25.29 ? 1104 ILE A N   1 
ATOM   1066 C CA  . ILE A 1 126 ? 4.906   -21.249 -0.451  1.00 25.63 ? 1104 ILE A CA  1 
ATOM   1067 C C   . ILE A 1 126 ? 3.750   -20.879 -1.368  1.00 33.67 ? 1104 ILE A C   1 
ATOM   1068 O O   . ILE A 1 126 ? 2.922   -21.725 -1.732  1.00 31.61 ? 1104 ILE A O   1 
ATOM   1069 C CB  . ILE A 1 126 ? 4.636   -20.805 0.999   1.00 27.62 ? 1104 ILE A CB  1 
ATOM   1070 C CG1 . ILE A 1 126 ? 5.788   -21.190 1.936   1.00 24.32 ? 1104 ILE A CG1 1 
ATOM   1071 C CG2 . ILE A 1 126 ? 3.348   -21.419 1.506   1.00 29.29 ? 1104 ILE A CG2 1 
ATOM   1072 C CD1 . ILE A 1 126 ? 5.672   -20.528 3.310   1.00 26.90 ? 1104 ILE A CD1 1 
ATOM   1073 N N   . GLN A 1 127 ? 3.689   -19.606 -1.771  1.00 30.90 ? 1105 GLN A N   1 
ATOM   1074 C CA  . GLN A 1 127 ? 2.591   -19.153 -2.621  1.00 34.25 ? 1105 GLN A CA  1 
ATOM   1075 C C   . GLN A 1 127 ? 2.552   -19.918 -3.940  1.00 37.64 ? 1105 GLN A C   1 
ATOM   1076 O O   . GLN A 1 127 ? 1.478   -20.334 -4.392  1.00 40.29 ? 1105 GLN A O   1 
ATOM   1077 C CB  . GLN A 1 127 ? 2.715   -17.648 -2.865  1.00 29.69 ? 1105 GLN A CB  1 
ATOM   1078 C CG  . GLN A 1 127 ? 1.615   -17.061 -3.750  1.00 38.71 ? 1105 GLN A CG  1 
ATOM   1079 C CD  . GLN A 1 127 ? 1.848   -15.595 -4.076  1.00 33.88 ? 1105 GLN A CD  1 
ATOM   1080 O OE1 . GLN A 1 127 ? 2.870   -15.222 -4.662  1.00 37.89 ? 1105 GLN A OE1 1 
ATOM   1081 N NE2 . GLN A 1 127 ? 0.896   -14.750 -3.691  1.00 36.82 ? 1105 GLN A NE2 1 
ATOM   1082 N N   . GLU A 1 128 ? 3.715   -20.121 -4.566  1.00 33.15 ? 1106 GLU A N   1 
ATOM   1083 C CA  . GLU A 1 128 ? 3.804   -20.827 -5.844  1.00 35.98 ? 1106 GLU A CA  1 
ATOM   1084 C C   . GLU A 1 128 ? 3.458   -22.305 -5.726  1.00 44.68 ? 1106 GLU A C   1 
ATOM   1085 O O   . GLU A 1 128 ? 3.196   -22.948 -6.749  1.00 48.70 ? 1106 GLU A O   1 
ATOM   1086 C CB  . GLU A 1 128 ? 5.207   -20.688 -6.429  1.00 39.45 ? 1106 GLU A CB  1 
ATOM   1087 C CG  . GLU A 1 128 ? 5.552   -19.291 -6.912  1.00 47.06 ? 1106 GLU A CG  1 
ATOM   1088 C CD  . GLU A 1 128 ? 7.052   -19.047 -6.995  1.00 58.24 ? 1106 GLU A CD  1 
ATOM   1089 O OE1 . GLU A 1 128 ? 7.831   -19.953 -6.626  1.00 57.61 ? 1106 GLU A OE1 1 
ATOM   1090 O OE2 . GLU A 1 128 ? 7.452   -17.945 -7.428  1.00 62.87 ? 1106 GLU A OE2 1 
ATOM   1091 N N   . SER A 1 129 ? 3.471   -22.862 -4.521  1.00 41.11 ? 1107 SER A N   1 
ATOM   1092 C CA  . SER A 1 129 ? 3.097   -24.253 -4.298  1.00 48.50 ? 1107 SER A CA  1 
ATOM   1093 C C   . SER A 1 129 ? 1.598   -24.439 -4.094  1.00 51.62 ? 1107 SER A C   1 
ATOM   1094 O O   . SER A 1 129 ? 1.142   -25.578 -3.955  1.00 54.33 ? 1107 SER A O   1 
ATOM   1095 C CB  . SER A 1 129 ? 3.848   -24.814 -3.087  1.00 44.06 ? 1107 SER A CB  1 
ATOM   1096 O OG  . SER A 1 129 ? 3.220   -24.434 -1.867  1.00 41.42 ? 1107 SER A OG  1 
ATOM   1097 N N   . ARG A 1 130 ? 0.827   -23.358 -4.062  1.00 47.88 ? 1108 ARG A N   1 
ATOM   1098 C CA  . ARG A 1 130 ? -0.599  -23.450 -3.779  1.00 52.29 ? 1108 ARG A CA  1 
ATOM   1099 C C   . ARG A 1 130 ? -1.433  -23.132 -5.019  1.00 60.78 ? 1108 ARG A C   1 
ATOM   1100 O O   . ARG A 1 130 ? -0.916  -22.647 -6.026  1.00 58.15 ? 1108 ARG A O   1 
ATOM   1101 C CB  . ARG A 1 130 ? -0.969  -22.511 -2.631  1.00 50.70 ? 1108 ARG A CB  1 
ATOM   1102 C CG  . ARG A 1 130 ? -0.302  -22.872 -1.315  1.00 47.63 ? 1108 ARG A CG  1 
ATOM   1103 C CD  . ARG A 1 130 ? -0.901  -22.107 -0.149  1.00 53.00 ? 1108 ARG A CD  1 
ATOM   1104 N NE  . ARG A 1 130 ? -0.451  -22.644 1.134   1.00 50.60 ? 1108 ARG A NE  1 
ATOM   1105 C CZ  . ARG A 1 130 ? -0.762  -22.119 2.314   1.00 48.08 ? 1108 ARG A CZ  1 
ATOM   1106 N NH1 . ARG A 1 130 ? -0.305  -22.671 3.430   1.00 47.58 ? 1108 ARG A NH1 1 
ATOM   1107 N NH2 . ARG A 1 130 ? -1.530  -21.038 2.377   1.00 49.46 ? 1108 ARG A NH2 1 
ATOM   1108 O OXT . ARG A 1 130 ? -2.642  -23.364 -5.045  1.00 70.24 ? 1108 ARG A OXT 1 
HETATM 1109 N N   . BOH B 2 .   ? -6.467  18.040  -7.444  1.00 47.73 ? 1201 BOH A N   1 
HETATM 1110 C CA  . BOH B 2 .   ? -7.116  18.687  -6.291  1.00 45.41 ? 1201 BOH A CA  1 
HETATM 1111 C C   . BOH B 2 .   ? -7.258  17.721  -5.119  1.00 41.80 ? 1201 BOH A C   1 
HETATM 1112 O O   . BOH B 2 .   ? -7.841  18.128  -4.120  1.00 41.33 ? 1201 BOH A O   1 
HETATM 1113 C CB  . BOH B 2 .   ? -6.377  19.924  -5.784  1.00 41.68 ? 1201 BOH A CB  1 
HETATM 1114 C CAA . BOH B 2 .   ? -5.805  11.348  -2.328  1.00 32.01 ? 1201 BOH A CAA 1 
HETATM 1115 C CAG . BOH B 2 .   ? -9.010  12.122  0.201   1.00 38.04 ? 1201 BOH A CAG 1 
HETATM 1116 C CAH . BOH B 2 .   ? -8.827  12.944  1.307   1.00 38.67 ? 1201 BOH A CAH 1 
HETATM 1117 C CAI . BOH B 2 .   ? -8.504  12.500  -1.041  1.00 36.72 ? 1201 BOH A CAI 1 
HETATM 1118 C CAJ . BOH B 2 .   ? -7.621  14.511  -0.083  1.00 36.96 ? 1201 BOH A CAJ 1 
HETATM 1119 C CAN . BOH B 2 .   ? -6.198  12.171  -3.566  1.00 30.69 ? 1201 BOH A CAN 1 
HETATM 1120 C CAP . BOH B 2 .   ? -8.133  14.139  1.162   1.00 39.73 ? 1201 BOH A CAP 1 
HETATM 1121 C CAQ . BOH B 2 .   ? -7.776  13.680  -1.195  1.00 32.60 ? 1201 BOH A CAQ 1 
HETATM 1122 C CAR . BOH B 2 .   ? -6.822  15.546  -4.329  1.00 30.90 ? 1201 BOH A CAR 1 
HETATM 1123 C CAS . BOH B 2 .   ? -6.656  13.443  -3.424  1.00 29.59 ? 1201 BOH A CAS 1 
HETATM 1124 C CAT . BOH B 2 .   ? -7.300  14.073  -2.393  1.00 34.27 ? 1201 BOH A CAT 1 
HETATM 1125 N NAK . BOH B 2 .   ? -6.403  14.278  -4.472  1.00 27.46 ? 1201 BOH A NAK 1 
HETATM 1126 N NAL . BOH B 2 .   ? -6.688  16.495  -5.275  1.00 36.22 ? 1201 BOH A NAL 1 
HETATM 1127 O OAD . BOH B 2 .   ? -5.931  11.715  -4.684  1.00 28.60 ? 1201 BOH A OAD 1 
HETATM 1128 O OAF . BOH B 2 .   ? -7.957  14.943  2.248   1.00 45.27 ? 1201 BOH A OAF 1 
HETATM 1129 S SAM . BOH B 2 .   ? -7.546  15.679  -2.853  1.00 38.07 ? 1201 BOH A SAM 1 
HETATM 1130 N N   . BOH C 2 .   ? 12.138  -0.059  -6.658  1.00 62.87 ? 1202 BOH A N   1 
HETATM 1131 C CA  . BOH C 2 .   ? 12.120  -1.318  -7.420  1.00 62.56 ? 1202 BOH A CA  1 
HETATM 1132 C C   . BOH C 2 .   ? 12.399  -2.490  -6.468  1.00 65.68 ? 1202 BOH A C   1 
HETATM 1133 O O   . BOH C 2 .   ? 13.550  -2.866  -6.260  1.00 72.90 ? 1202 BOH A O   1 
HETATM 1134 C CB  . BOH C 2 .   ? 10.770  -1.517  -8.116  1.00 57.57 ? 1202 BOH A CB  1 
HETATM 1135 C CAA . BOH C 2 .   ? 9.274   -7.252  -2.771  1.00 47.96 ? 1202 BOH A CAA 1 
HETATM 1136 C CAG . BOH C 2 .   ? 13.377  -6.276  -0.041  1.00 48.48 ? 1202 BOH A CAG 1 
HETATM 1137 C CAH . BOH C 2 .   ? 13.594  -7.651  -0.066  1.00 47.96 ? 1202 BOH A CAH 1 
HETATM 1138 C CAI . BOH C 2 .   ? 12.797  -5.640  -1.138  1.00 47.71 ? 1202 BOH A CAI 1 
HETATM 1139 C CAJ . BOH C 2 .   ? 12.641  -7.738  -2.289  1.00 56.52 ? 1202 BOH A CAJ 1 
HETATM 1140 C CAN . BOH C 2 .   ? 10.048  -7.088  -4.055  1.00 59.67 ? 1202 BOH A CAN 1 
HETATM 1141 C CAP . BOH C 2 .   ? 13.224  -8.379  -1.194  1.00 55.48 ? 1202 BOH A CAP 1 
HETATM 1142 C CAQ . BOH C 2 .   ? 12.407  -6.361  -2.269  1.00 61.48 ? 1202 BOH A CAQ 1 
HETATM 1143 C CAR . BOH C 2 .   ? 11.388  -4.059  -5.072  1.00 57.54 ? 1202 BOH A CAR 1 
HETATM 1144 C CAS . BOH C 2 .   ? 10.826  -6.013  -4.121  1.00 59.03 ? 1202 BOH A CAS 1 
HETATM 1145 C CAT . BOH C 2 .   ? 11.863  -5.699  -3.310  1.00 59.75 ? 1202 BOH A CAT 1 
HETATM 1146 N NAK . BOH C 2 .   ? 10.560  -5.102  -5.077  1.00 55.91 ? 1202 BOH A NAK 1 
HETATM 1147 N NAL . BOH C 2 .   ? 11.296  -3.038  -5.928  1.00 60.22 ? 1202 BOH A NAL 1 
HETATM 1148 O OAD . BOH C 2 .   ? 9.873   -7.841  -5.012  1.00 68.31 ? 1202 BOH A OAD 1 
HETATM 1149 O OAF . BOH C 2 .   ? 13.440  -9.724  -1.225  1.00 42.20 ? 1202 BOH A OAF 1 
HETATM 1150 S SAM . BOH C 2 .   ? 12.470  -4.246  -3.828  1.00 65.66 ? 1202 BOH A SAM 1 
HETATM 1151 S S   . SO4 D 3 .   ? 10.181  -17.123 16.378  1.00 29.54 ? 1203 SO4 A S   1 
HETATM 1152 O O1  . SO4 D 3 .   ? 11.505  -17.684 16.156  1.00 29.69 ? 1203 SO4 A O1  1 
HETATM 1153 O O2  . SO4 D 3 .   ? 10.294  -15.880 17.150  1.00 31.65 ? 1203 SO4 A O2  1 
HETATM 1154 O O3  . SO4 D 3 .   ? 9.555   -16.821 15.089  1.00 31.79 ? 1203 SO4 A O3  1 
HETATM 1155 O O4  . SO4 D 3 .   ? 9.387   -18.097 17.104  1.00 28.16 ? 1203 SO4 A O4  1 
HETATM 1156 O O   . HOH E 4 .   ? -0.973  -12.585 -1.744  1.00 36.66 ? 1301 HOH A O   1 
HETATM 1157 O O   . HOH E 4 .   ? -2.434  16.289  4.761   1.00 46.07 ? 1302 HOH A O   1 
HETATM 1158 O O   . HOH E 4 .   ? -13.985 6.226   -15.574 1.00 61.77 ? 1303 HOH A O   1 
HETATM 1159 O O   . HOH E 4 .   ? -15.602 5.547   -13.503 1.00 48.03 ? 1304 HOH A O   1 
HETATM 1160 O O   . HOH E 4 .   ? -9.289  -3.930  -5.571  1.00 49.13 ? 1305 HOH A O   1 
HETATM 1161 O O   . HOH E 4 .   ? 2.895   -17.282 15.236  0.50 34.70 ? 1306 HOH A O   1 
HETATM 1162 O O   . HOH E 4 .   ? 4.417   -25.346 0.228   1.00 45.78 ? 1307 HOH A O   1 
HETATM 1163 O O   . HOH E 4 .   ? -6.674  17.966  -11.620 1.00 41.54 ? 1308 HOH A O   1 
HETATM 1164 O O   . HOH E 4 .   ? 7.989   19.745  -12.393 1.00 46.84 ? 1309 HOH A O   1 
HETATM 1165 O O   . HOH E 4 .   ? 9.331   -16.166 -6.690  1.00 51.04 ? 1310 HOH A O   1 
HETATM 1166 O O   . HOH E 4 .   ? 7.029   -23.794 -4.306  1.00 39.68 ? 1311 HOH A O   1 
HETATM 1167 O O   . HOH E 4 .   ? 3.864   -3.402  -7.595  1.00 36.30 ? 1312 HOH A O   1 
HETATM 1168 O O   . HOH E 4 .   ? -11.002 17.475  -6.449  1.00 54.04 ? 1313 HOH A O   1 
HETATM 1169 O O   . HOH E 4 .   ? 13.958  1.593   7.810   1.00 38.38 ? 1314 HOH A O   1 
HETATM 1170 O O   . HOH E 4 .   ? -9.089  -5.346  10.018  1.00 34.44 ? 1315 HOH A O   1 
HETATM 1171 O O   . HOH E 4 .   ? 9.854   9.145   4.460   1.00 41.93 ? 1316 HOH A O   1 
HETATM 1172 O O   . HOH E 4 .   ? 12.904  -21.235 -5.974  1.00 40.08 ? 1317 HOH A O   1 
HETATM 1173 O O   . HOH E 4 .   ? -4.009  3.589   -10.881 1.00 31.00 ? 1318 HOH A O   1 
HETATM 1174 O O   . HOH E 4 .   ? -5.968  -4.600  -5.088  1.00 40.46 ? 1319 HOH A O   1 
HETATM 1175 O O   . HOH E 4 .   ? -4.051  23.812  -15.029 1.00 43.53 ? 1320 HOH A O   1 
HETATM 1176 O O   . HOH E 4 .   ? 9.145   -17.081 10.363  1.00 41.93 ? 1321 HOH A O   1 
HETATM 1177 O O   . HOH E 4 .   ? 2.033   22.445  -4.626  1.00 31.28 ? 1322 HOH A O   1 
HETATM 1178 O O   . HOH E 4 .   ? -5.239  21.786  -7.811  1.00 42.04 ? 1323 HOH A O   1 
HETATM 1179 O O   . HOH E 4 .   ? 6.085   -26.683 5.884   1.00 53.55 ? 1324 HOH A O   1 
HETATM 1180 O O   . HOH E 4 .   ? -7.608  5.416   -4.219  1.00 30.15 ? 1325 HOH A O   1 
HETATM 1181 O O   . HOH E 4 .   ? 3.738   -12.578 -4.991  1.00 34.60 ? 1326 HOH A O   1 
HETATM 1182 O O   . HOH E 4 .   ? -10.044 3.118   -0.991  1.00 35.78 ? 1327 HOH A O   1 
HETATM 1183 O O   . HOH E 4 .   ? -1.159  -17.769 8.886   1.00 33.08 ? 1328 HOH A O   1 
HETATM 1184 O O   . HOH E 4 .   ? 6.178   6.855   10.667  1.00 35.74 ? 1329 HOH A O   1 
HETATM 1185 O O   . HOH E 4 .   ? 7.805   -4.133  10.222  1.00 31.76 ? 1330 HOH A O   1 
HETATM 1186 O O   . HOH E 4 .   ? -6.017  9.063   -5.278  1.00 25.90 ? 1331 HOH A O   1 
HETATM 1187 O O   . HOH E 4 .   ? -3.413  7.858   10.919  1.00 38.59 ? 1332 HOH A O   1 
HETATM 1188 O O   . HOH E 4 .   ? -6.572  0.589   -11.911 1.00 46.42 ? 1333 HOH A O   1 
HETATM 1189 O O   . HOH E 4 .   ? 6.071   13.692  8.079   1.00 48.85 ? 1334 HOH A O   1 
HETATM 1190 O O   . HOH E 4 .   ? -6.406  20.880  -10.827 1.00 51.30 ? 1335 HOH A O   1 
HETATM 1191 O O   . HOH E 4 .   ? 8.302   -22.493 -5.851  1.00 47.07 ? 1336 HOH A O   1 
HETATM 1192 O O   . HOH E 4 .   ? -13.965 7.828   3.907   1.00 38.84 ? 1337 HOH A O   1 
HETATM 1193 O O   . HOH E 4 .   ? -8.540  16.086  -10.896 1.00 37.75 ? 1338 HOH A O   1 
HETATM 1194 O O   . HOH E 4 .   ? 16.702  -16.099 -1.265  1.00 40.30 ? 1339 HOH A O   1 
HETATM 1195 O O   . HOH E 4 .   ? -7.104  9.737   8.871   1.00 47.80 ? 1340 HOH A O   1 
HETATM 1196 O O   . HOH E 4 .   ? -10.526 -1.330  -5.171  1.00 39.23 ? 1341 HOH A O   1 
HETATM 1197 O O   . HOH E 4 .   ? 13.619  -12.273 -2.116  1.00 43.57 ? 1342 HOH A O   1 
HETATM 1198 O O   . HOH E 4 .   ? -0.434  -1.691  -8.557  1.00 25.81 ? 1343 HOH A O   1 
HETATM 1199 O O   . HOH E 4 .   ? -2.399  -7.098  -4.020  1.00 38.70 ? 1344 HOH A O   1 
HETATM 1200 O O   . HOH E 4 .   ? 12.484  3.934   -2.170  1.00 30.55 ? 1345 HOH A O   1 
HETATM 1201 O O   . HOH E 4 .   ? 12.266  -13.909 10.039  1.00 29.00 ? 1346 HOH A O   1 
HETATM 1202 O O   . HOH E 4 .   ? -5.654  6.637   -1.312  1.00 24.93 ? 1347 HOH A O   1 
HETATM 1203 O O   . HOH E 4 .   ? 4.657   -5.706  -6.402  1.00 34.05 ? 1348 HOH A O   1 
HETATM 1204 O O   . HOH E 4 .   ? 19.257  -3.627  6.467   1.00 42.94 ? 1349 HOH A O   1 
HETATM 1205 O O   . HOH E 4 .   ? 12.809  -17.699 18.566  1.00 36.15 ? 1350 HOH A O   1 
HETATM 1206 O O   . HOH E 4 .   ? -1.346  10.450  8.459   1.00 27.94 ? 1351 HOH A O   1 
HETATM 1207 O O   . HOH E 4 .   ? -11.702 -1.656  4.780   1.00 44.58 ? 1352 HOH A O   1 
HETATM 1208 O O   . HOH E 4 .   ? 9.911   10.656  -2.456  1.00 46.49 ? 1353 HOH A O   1 
HETATM 1209 O O   . HOH E 4 .   ? -0.341  11.479  12.570  1.00 48.97 ? 1354 HOH A O   1 
HETATM 1210 O O   . HOH E 4 .   ? -0.448  0.748   -9.789  1.00 30.50 ? 1355 HOH A O   1 
HETATM 1211 O O   . HOH E 4 .   ? -7.674  12.972  -13.657 1.00 39.25 ? 1356 HOH A O   1 
HETATM 1212 O O   . HOH E 4 .   ? 2.537   -5.492  13.690  1.00 19.48 ? 1357 HOH A O   1 
HETATM 1213 O O   . HOH E 4 .   ? -7.335  8.208   0.147   1.00 30.93 ? 1358 HOH A O   1 
HETATM 1214 O O   . HOH E 4 .   ? -5.166  -4.798  12.386  1.00 34.96 ? 1359 HOH A O   1 
HETATM 1215 O O   . HOH E 4 .   ? -4.870  11.362  -15.500 1.00 38.01 ? 1360 HOH A O   1 
HETATM 1216 O O   . HOH E 4 .   ? 10.562  11.564  1.784   1.00 47.69 ? 1361 HOH A O   1 
HETATM 1217 O O   . HOH E 4 .   ? -15.838 5.915   0.169   1.00 49.22 ? 1362 HOH A O   1 
HETATM 1218 O O   . HOH E 4 .   ? -7.624  2.707   -10.426 1.00 29.89 ? 1363 HOH A O   1 
HETATM 1219 O O   . HOH E 4 .   ? -1.546  16.170  7.291   1.00 47.66 ? 1364 HOH A O   1 
HETATM 1220 O O   . HOH E 4 .   ? 11.190  4.180   9.132   1.00 47.75 ? 1365 HOH A O   1 
HETATM 1221 O O   . HOH E 4 .   ? -10.743 10.254  2.712   1.00 35.90 ? 1366 HOH A O   1 
HETATM 1222 O O   . HOH E 4 .   ? 0.003   12.588  -13.199 1.00 36.03 ? 1367 HOH A O   1 
HETATM 1223 O O   . HOH E 4 .   ? -5.287  -15.418 0.473   1.00 49.67 ? 1368 HOH A O   1 
HETATM 1224 O O   . HOH E 4 .   ? 18.964  -14.292 5.478   1.00 39.27 ? 1369 HOH A O   1 
HETATM 1225 O O   . HOH E 4 .   ? -9.070  7.334   -15.569 1.00 43.67 ? 1370 HOH A O   1 
HETATM 1226 O O   . HOH E 4 .   ? 9.868   -10.583 8.953   1.00 37.25 ? 1371 HOH A O   1 
HETATM 1227 O O   . HOH E 4 .   ? -8.781  -5.406  -3.140  1.00 35.81 ? 1372 HOH A O   1 
HETATM 1228 O O   . HOH E 4 .   ? -4.725  7.301   -3.732  1.00 28.33 ? 1373 HOH A O   1 
HETATM 1229 O O   . HOH E 4 .   ? 10.457  -24.437 -1.079  1.00 29.36 ? 1374 HOH A O   1 
HETATM 1230 O O   . HOH E 4 .   ? 2.841   19.346  -13.646 1.00 42.21 ? 1375 HOH A O   1 
HETATM 1231 O O   . HOH E 4 .   ? -3.271  -9.753  -2.702  1.00 43.12 ? 1376 HOH A O   1 
HETATM 1232 O O   . HOH E 4 .   ? 16.228  1.282   2.023   1.00 32.74 ? 1377 HOH A O   1 
HETATM 1233 O O   . HOH E 4 .   ? 16.846  -11.467 9.066   1.00 41.17 ? 1378 HOH A O   1 
HETATM 1234 O O   . HOH E 4 .   ? 11.925  -6.650  10.091  1.00 33.05 ? 1379 HOH A O   1 
HETATM 1235 O O   . HOH E 4 .   ? 8.166   12.896  -3.300  1.00 31.54 ? 1380 HOH A O   1 
HETATM 1236 O O   . HOH E 4 .   ? -14.203 7.778   -17.003 1.00 42.01 ? 1381 HOH A O   1 
HETATM 1237 O O   . HOH E 4 .   ? -5.157  25.768  -8.675  1.00 48.86 ? 1382 HOH A O   1 
HETATM 1238 O O   . HOH E 4 .   ? -9.015  -13.596 8.303   1.00 50.52 ? 1383 HOH A O   1 
HETATM 1239 O O   . HOH E 4 .   ? -10.330 -7.109  7.815   1.00 32.95 ? 1384 HOH A O   1 
HETATM 1240 O O   . HOH E 4 .   ? 1.110   18.573  -14.948 1.00 45.85 ? 1385 HOH A O   1 
HETATM 1241 O O   . HOH E 4 .   ? -10.245 -0.486  -1.664  1.00 42.72 ? 1386 HOH A O   1 
HETATM 1242 O O   . HOH E 4 .   ? 4.502   0.661   13.360  1.00 33.59 ? 1387 HOH A O   1 
HETATM 1243 O O   . HOH E 4 .   ? -7.816  -11.334 11.338  1.00 31.11 ? 1388 HOH A O   1 
HETATM 1244 O O   . HOH E 4 .   ? -8.822  -0.728  8.574   1.00 36.09 ? 1389 HOH A O   1 
HETATM 1245 O O   . HOH E 4 .   ? -2.231  19.881  3.351   1.00 45.06 ? 1390 HOH A O   1 
HETATM 1246 O O   . HOH E 4 .   ? -14.990 -0.278  -9.922  1.00 48.07 ? 1391 HOH A O   1 
HETATM 1247 O O   . HOH E 4 .   ? -1.882  26.823  -11.667 1.00 28.86 ? 1392 HOH A O   1 
HETATM 1248 O O   . HOH E 4 .   ? 1.350   -24.941 0.821   1.00 52.39 ? 1393 HOH A O   1 
HETATM 1249 O O   . HOH E 4 .   ? -0.787  6.953   -12.522 1.00 32.23 ? 1394 HOH A O   1 
HETATM 1250 O O   . HOH E 4 .   ? -1.732  14.107  3.386   1.00 27.97 ? 1395 HOH A O   1 
HETATM 1251 O O   . HOH E 4 .   ? -4.404  24.041  -6.951  1.00 32.24 ? 1396 HOH A O   1 
HETATM 1252 O O   . HOH E 4 .   ? 4.415   12.927  10.819  1.00 38.72 ? 1397 HOH A O   1 
HETATM 1253 O O   . HOH E 4 .   ? 2.893   3.377   -8.271  1.00 32.27 ? 1398 HOH A O   1 
HETATM 1254 O O   . HOH E 4 .   ? -3.724  18.403  2.443   1.00 51.60 ? 1399 HOH A O   1 
HETATM 1255 O O   . HOH E 4 .   ? -12.588 12.071  1.205   1.00 41.99 ? 1400 HOH A O   1 
HETATM 1256 O O   . HOH E 4 .   ? -5.151  4.486   7.767   1.00 33.07 ? 1401 HOH A O   1 
HETATM 1257 O O   . HOH E 4 .   ? 18.242  -9.909  3.158   1.00 39.71 ? 1402 HOH A O   1 
HETATM 1258 O O   . HOH E 4 .   ? -13.459 4.982   -6.931  1.00 41.54 ? 1403 HOH A O   1 
HETATM 1259 O O   . HOH E 4 .   ? -10.723 17.296  -10.086 1.00 47.26 ? 1404 HOH A O   1 
HETATM 1260 O O   . HOH E 4 .   ? 4.299   -27.942 2.759   1.00 54.83 ? 1405 HOH A O   1 
HETATM 1261 O O   . HOH E 4 .   ? -2.086  21.537  -16.267 1.00 33.79 ? 1406 HOH A O   1 
HETATM 1262 O O   . HOH E 4 .   ? 5.014   16.820  -10.137 1.00 45.94 ? 1407 HOH A O   1 
HETATM 1263 O O   . HOH E 4 .   ? 15.689  -5.595  -3.350  1.00 51.73 ? 1408 HOH A O   1 
HETATM 1264 O O   . HOH E 4 .   ? 5.189   17.265  -7.327  1.00 31.18 ? 1409 HOH A O   1 
HETATM 1265 O O   . HOH E 4 .   ? 14.109  -6.143  10.375  1.00 37.66 ? 1410 HOH A O   1 
HETATM 1266 O O   . HOH E 4 .   ? 11.425  -11.829 13.216  1.00 21.82 ? 1411 HOH A O   1 
HETATM 1267 O O   . HOH E 4 .   ? 8.785   4.756   10.575  1.00 39.60 ? 1412 HOH A O   1 
HETATM 1268 O O   . HOH E 4 .   ? 2.176   24.371  -9.021  1.00 25.89 ? 1413 HOH A O   1 
HETATM 1269 O O   . HOH E 4 .   ? -1.700  -13.834 5.248   1.00 25.56 ? 1414 HOH A O   1 
HETATM 1270 O O   . HOH E 4 .   ? -7.998  9.978   3.513   1.00 29.63 ? 1415 HOH A O   1 
HETATM 1271 O O   . HOH E 4 .   ? -6.340  -8.945  -3.401  1.00 51.71 ? 1416 HOH A O   1 
HETATM 1272 O O   . HOH E 4 .   ? -2.439  -10.753 4.641   1.00 22.79 ? 1417 HOH A O   1 
HETATM 1273 O O   . HOH E 4 .   ? 12.022  -2.597  -1.802  1.00 39.05 ? 1418 HOH A O   1 
HETATM 1274 O O   . HOH E 4 .   ? 12.367  -9.890  7.785   1.00 33.42 ? 1419 HOH A O   1 
HETATM 1275 O O   . HOH E 4 .   ? 7.586   -22.329 6.346   1.00 25.18 ? 1420 HOH A O   1 
HETATM 1276 O O   . HOH E 4 .   ? -10.116 5.551   -1.969  1.00 39.00 ? 1421 HOH A O   1 
HETATM 1277 O O   . HOH E 4 .   ? 6.361   6.997   7.138   1.00 29.29 ? 1422 HOH A O   1 
HETATM 1278 O O   . HOH E 4 .   ? -11.444 0.875   4.382   1.00 46.17 ? 1423 HOH A O   1 
HETATM 1279 O O   . HOH E 4 .   ? -2.856  -11.532 -4.945  1.00 50.18 ? 1424 HOH A O   1 
HETATM 1280 O O   . HOH E 4 .   ? 11.664  4.755   4.374   1.00 34.73 ? 1425 HOH A O   1 
HETATM 1281 O O   . HOH E 4 .   ? -12.827 5.635   -2.429  1.00 40.14 ? 1426 HOH A O   1 
HETATM 1282 O O   . HOH E 4 .   ? 15.708  -8.102  8.619   1.00 48.35 ? 1427 HOH A O   1 
HETATM 1283 O O   . HOH E 4 .   ? -6.024  26.793  -13.046 1.00 50.65 ? 1428 HOH A O   1 
HETATM 1284 O O   . HOH E 4 .   ? 9.983   2.158   -6.554  1.00 55.61 ? 1429 HOH A O   1 
HETATM 1285 O O   . HOH E 4 .   ? 18.462  -9.276  6.359   1.00 52.63 ? 1430 HOH A O   1 
HETATM 1286 O O   . HOH E 4 .   ? -4.007  2.202   8.049   1.00 36.70 ? 1431 HOH A O   1 
HETATM 1287 O O   . HOH E 4 .   ? -8.285  4.230   -12.719 1.00 37.82 ? 1432 HOH A O   1 
HETATM 1288 O O   . HOH E 4 .   ? 11.083  -17.732 -7.165  1.00 54.29 ? 1433 HOH A O   1 
HETATM 1289 O O   . HOH E 4 .   ? 1.264   -21.349 16.005  0.50 51.22 ? 1434 HOH A O   1 
HETATM 1290 O O   . HOH E 4 .   ? -10.146 -3.644  1.775   1.00 35.63 ? 1435 HOH A O   1 
HETATM 1291 O O   . HOH E 4 .   ? 19.739  -18.222 0.472   1.00 57.33 ? 1436 HOH A O   1 
HETATM 1292 O O   . HOH E 4 .   ? -6.016  17.520  2.174   1.00 59.06 ? 1437 HOH A O   1 
HETATM 1293 O O   . HOH E 4 .   ? 7.971   14.783  1.548   1.00 32.39 ? 1438 HOH A O   1 
HETATM 1294 O O   . HOH E 4 .   ? -1.378  -0.748  11.416  1.00 51.39 ? 1439 HOH A O   1 
HETATM 1295 O O   . HOH E 4 .   ? 6.435   8.837   -10.398 1.00 57.26 ? 1440 HOH A O   1 
HETATM 1296 O O   . HOH E 4 .   ? 7.091   -4.798  -6.122  1.00 46.98 ? 1441 HOH A O   1 
HETATM 1297 O O   . HOH E 4 .   ? -8.000  11.900  5.451   1.00 40.73 ? 1442 HOH A O   1 
HETATM 1298 O O   . HOH E 4 .   ? 10.984  3.522   -4.943  1.00 50.28 ? 1443 HOH A O   1 
HETATM 1299 O O   . HOH E 4 .   ? 16.960  -7.018  6.579   1.00 42.74 ? 1444 HOH A O   1 
HETATM 1300 O O   . HOH E 4 .   ? -4.485  19.391  -2.527  1.00 48.02 ? 1445 HOH A O   1 
HETATM 1301 O O   . HOH E 4 .   ? -11.635 1.316   -0.932  1.00 46.05 ? 1446 HOH A O   1 
HETATM 1302 O O   . HOH E 4 .   ? 13.749  3.256   5.320   1.00 40.69 ? 1447 HOH A O   1 
HETATM 1303 O O   . HOH E 4 .   ? -1.715  11.243  -15.096 1.00 52.56 ? 1448 HOH A O   1 
HETATM 1304 O O   . HOH E 4 .   ? 13.777  -0.956  -3.343  1.00 49.03 ? 1449 HOH A O   1 
HETATM 1305 O O   . HOH E 4 .   ? 12.175  7.377   0.764   1.00 42.01 ? 1450 HOH A O   1 
HETATM 1306 O O   . HOH E 4 .   ? 18.243  4.523   6.445   1.00 65.57 ? 1451 HOH A O   1 
HETATM 1307 O O   . HOH E 4 .   ? 1.581   -2.883  13.953  1.00 30.66 ? 1452 HOH A O   1 
HETATM 1308 O O   . HOH E 4 .   ? -2.512  -16.613 5.031   1.00 35.75 ? 1453 HOH A O   1 
HETATM 1309 O O   . HOH E 4 .   ? 10.086  -26.820 6.762   1.00 41.47 ? 1454 HOH A O   1 
HETATM 1310 O O   . HOH E 4 .   ? 14.084  1.763   -1.971  1.00 36.36 ? 1455 HOH A O   1 
HETATM 1311 O O   . HOH E 4 .   ? -4.333  0.927   -11.972 1.00 46.29 ? 1456 HOH A O   1 
HETATM 1312 O O   . HOH E 4 .   ? -1.276  -0.155  15.400  1.00 55.94 ? 1457 HOH A O   1 
HETATM 1313 O O   . HOH E 4 .   ? -18.034 15.119  -11.291 0.50 51.88 ? 1458 HOH A O   1 
HETATM 1314 O O   . HOH E 4 .   ? -0.963  -1.743  13.532  1.00 50.02 ? 1459 HOH A O   1 
HETATM 1315 O O   . HOH E 4 .   ? 8.208   -27.667 5.320   1.00 45.43 ? 1460 HOH A O   1 
HETATM 1316 O O   . HOH E 4 .   ? 13.858  -6.966  -5.773  1.00 58.59 ? 1461 HOH A O   1 
HETATM 1317 O O   . HOH E 4 .   ? -9.064  -15.712 6.929   1.00 53.68 ? 1462 HOH A O   1 
HETATM 1318 O O   . HOH E 4 .   ? -2.153  1.427   11.316  1.00 47.11 ? 1463 HOH A O   1 
HETATM 1319 O O   . HOH E 4 .   ? -0.630  9.032   -14.254 1.00 49.97 ? 1464 HOH A O   1 
HETATM 1320 O O   . HOH E 4 .   ? -11.030 16.914  0.791   1.00 55.61 ? 1465 HOH A O   1 
HETATM 1321 O O   . HOH E 4 .   ? 18.320  -0.508  1.918   1.00 42.80 ? 1466 HOH A O   1 
HETATM 1322 O O   . HOH E 4 .   ? 3.313   23.378  -7.064  1.00 32.40 ? 1467 HOH A O   1 
HETATM 1323 O O   . HOH E 4 .   ? 13.923  6.409   -1.161  1.00 42.67 ? 1468 HOH A O   1 
HETATM 1324 O O   . HOH E 4 .   ? 7.888   -6.377  11.842  1.00 25.32 ? 1469 HOH A O   1 
HETATM 1325 O O   . HOH E 4 .   ? 9.941   13.559  -0.160  1.00 39.83 ? 1470 HOH A O   1 
HETATM 1326 O O   . HOH E 4 .   ? 14.930  -19.837 -6.860  1.00 46.45 ? 1471 HOH A O   1 
HETATM 1327 O O   . HOH E 4 .   ? 2.303   1.617   -10.491 1.00 41.64 ? 1472 HOH A O   1 
HETATM 1328 O O   . HOH E 4 .   ? 1.971   -2.846  -9.488  1.00 34.90 ? 1473 HOH A O   1 
HETATM 1329 O O   . HOH E 4 .   ? -2.320  14.941  10.212  1.00 52.48 ? 1474 HOH A O   1 
HETATM 1330 O O   . HOH E 4 .   ? -13.717 5.725   -4.489  1.00 48.54 ? 1475 HOH A O   1 
HETATM 1331 O O   . HOH E 4 .   ? 4.252   -7.204  -8.622  1.00 48.54 ? 1476 HOH A O   1 
HETATM 1332 O O   . HOH E 4 .   ? 4.459   -5.200  15.490  1.00 29.20 ? 1477 HOH A O   1 
HETATM 1333 O O   . HOH E 4 .   ? -1.948  12.221  10.294  1.00 45.47 ? 1478 HOH A O   1 
HETATM 1334 O O   . HOH E 4 .   ? -10.231 -3.093  -0.698  1.00 44.98 ? 1479 HOH A O   1 
HETATM 1335 O O   . HOH E 4 .   ? 12.898  6.664   3.080   1.00 41.05 ? 1480 HOH A O   1 
HETATM 1336 O O   . HOH E 4 .   ? -9.997  9.361   -16.626 1.00 46.22 ? 1481 HOH A O   1 
HETATM 1337 O O   . HOH E 4 .   ? -3.023  -2.822  11.902  1.00 42.68 ? 1482 HOH A O   1 
HETATM 1338 O O   . HOH E 4 .   ? -13.955 3.386   -1.713  1.00 46.24 ? 1483 HOH A O   1 
HETATM 1339 O O   . HOH E 4 .   ? 8.886   6.331   7.931   1.00 40.98 ? 1484 HOH A O   1 
HETATM 1340 O O   . HOH E 4 .   ? 16.216  2.373   -0.424  1.00 39.57 ? 1485 HOH A O   1 
HETATM 1341 O O   . HOH E 4 .   ? 1.819   5.782   -12.044 1.00 38.77 ? 1486 HOH A O   1 
HETATM 1342 O O   . HOH E 4 .   ? -5.709  29.200  -11.977 1.00 51.78 ? 1487 HOH A O   1 
HETATM 1343 O O   . HOH E 4 .   ? 11.076  5.665   6.683   1.00 41.68 ? 1488 HOH A O   1 
HETATM 1344 O O   . HOH E 4 .   ? -15.701 3.290   0.641   1.00 53.21 ? 1489 HOH A O   1 
HETATM 1345 O O   . HOH E 4 .   ? 16.013  5.503   0.210   1.00 47.69 ? 1490 HOH A O   1 
HETATM 1346 O O   . HOH E 4 .   ? 15.692  5.875   2.687   1.00 51.31 ? 1491 HOH A O   1 
# 
